data_4RGQ
#
_entry.id   4RGQ
#
_cell.length_a   59.382
_cell.length_b   71.898
_cell.length_c   101.697
_cell.angle_alpha   77.52
_cell.angle_beta   79.54
_cell.angle_gamma   75.60
#
_symmetry.space_group_name_H-M   'P 1'
#
loop_
_entity.id
_entity.type
_entity.pdbx_description
1 polymer 'Glycerol-1-phosphate dehydrogenase'
2 non-polymer 'NADPH DIHYDRO-NICOTINAMIDE-ADENINE-DINUCLEOTIDE PHOSPHATE'
3 non-polymer 'POTASSIUM ION'
4 non-polymer 'ZINC ION'
5 non-polymer 1,3-DIHYDROXYACETONEPHOSPHATE
6 non-polymer 1,2-ETHANEDIOL
7 non-polymer SN-GLYCEROL-1-PHOSPHATE
8 water water
#
_entity_poly.entity_id   1
_entity_poly.type   'polypeptide(L)'
_entity_poly.pdbx_seq_one_letter_code
;MHHHHHHGKPIPNPLLGLDSTENLYFQGIDPFTMIIVTPRYTIIEDGAINKIEEILKKLNLKNPLVITGKNTKKYCRFFY
DIVYYDEILNNLEIELKKYTAYDCVIGIGGGRSIDTGKYLAYKLGIPFISVPTTASNDGIASPIVSIRQPSFMVDAPIAI
IADTEIIKKSPRRLLSAGMGDIVSNITAVLDWKLAYKEKGEKYSESSAIFSKTIAKELISYVLNSDLSEYHNKLVKALVG
SGIAIAIANSSRPASGSEHLFSHALDKLKEEYNLNINSLHGEQCGIGTIMMSYLHEKENKKLSGLHEKIKMSLKKVDAPT
TAKELGFDEDIIIEALTMAHKIRNRWTILRDGLSREEARKLAEETGVI
;
_entity_poly.pdbx_strand_id   A,B,C,D
#
loop_
_chem_comp.id
_chem_comp.type
_chem_comp.name
_chem_comp.formula
13P non-polymer 1,3-DIHYDROXYACETONEPHOSPHATE 'C3 H7 O6 P'
1GP non-polymer SN-GLYCEROL-1-PHOSPHATE 'C3 H9 O6 P'
EDO non-polymer 1,2-ETHANEDIOL 'C2 H6 O2'
K non-polymer 'POTASSIUM ION' 'K 1'
NDP non-polymer 'NADPH DIHYDRO-NICOTINAMIDE-ADENINE-DINUCLEOTIDE PHOSPHATE' 'C21 H30 N7 O17 P3'
ZN non-polymer 'ZINC ION' 'Zn 2'
#
# COMPACT_ATOMS: atom_id res chain seq x y z
N ILE A 35 -32.88 -6.85 27.13
CA ILE A 35 -31.75 -7.55 26.52
C ILE A 35 -31.47 -7.22 25.03
N ILE A 36 -30.24 -6.82 24.75
CA ILE A 36 -29.77 -6.68 23.37
C ILE A 36 -28.64 -7.67 23.14
N VAL A 37 -28.79 -8.48 22.10
CA VAL A 37 -27.83 -9.50 21.74
C VAL A 37 -27.18 -9.17 20.42
N THR A 38 -25.89 -8.98 20.43
CA THR A 38 -25.13 -8.64 19.25
C THR A 38 -24.09 -9.72 19.00
N PRO A 39 -23.52 -9.78 17.81
CA PRO A 39 -22.35 -10.65 17.67
C PRO A 39 -21.20 -10.27 18.60
N ARG A 40 -20.39 -11.25 18.96
CA ARG A 40 -19.20 -11.02 19.74
C ARG A 40 -18.02 -10.75 18.81
N TYR A 41 -17.92 -11.54 17.75
CA TYR A 41 -16.80 -11.39 16.80
C TYR A 41 -17.27 -11.26 15.36
N THR A 42 -16.62 -10.35 14.63
CA THR A 42 -16.92 -10.16 13.26
C THR A 42 -15.63 -10.01 12.52
N ILE A 43 -15.46 -10.86 11.49
CA ILE A 43 -14.27 -10.90 10.66
C ILE A 43 -14.70 -10.81 9.24
N ILE A 44 -14.16 -9.84 8.54
CA ILE A 44 -14.42 -9.65 7.16
C ILE A 44 -13.07 -9.43 6.50
N GLU A 45 -12.57 -10.46 5.82
CA GLU A 45 -11.27 -10.37 5.15
C GLU A 45 -11.04 -11.60 4.27
N ASP A 46 -10.06 -11.48 3.39
CA ASP A 46 -9.68 -12.60 2.50
C ASP A 46 -9.12 -13.75 3.32
N GLY A 47 -9.58 -14.95 3.05
CA GLY A 47 -9.16 -16.12 3.81
C GLY A 47 -9.81 -16.31 5.19
N ALA A 48 -10.82 -15.50 5.51
CA ALA A 48 -11.41 -15.57 6.86
C ALA A 48 -11.89 -16.96 7.21
N ILE A 49 -12.23 -17.79 6.22
CA ILE A 49 -12.80 -19.11 6.52
C ILE A 49 -11.83 -19.98 7.32
N ASN A 50 -10.54 -19.67 7.22
CA ASN A 50 -9.52 -20.34 7.97
C ASN A 50 -9.42 -19.95 9.43
N LYS A 51 -10.21 -18.96 9.83
CA LYS A 51 -10.27 -18.50 11.20
C LYS A 51 -11.39 -19.10 12.04
N ILE A 52 -12.15 -20.02 11.47
CA ILE A 52 -13.19 -20.72 12.25
C ILE A 52 -12.68 -21.25 13.59
N GLU A 53 -11.56 -21.95 13.55
CA GLU A 53 -11.06 -22.59 14.71
C GLU A 53 -10.59 -21.58 15.75
N GLU A 54 -9.88 -20.57 15.29
CA GLU A 54 -9.46 -19.51 16.19
C GLU A 54 -10.66 -18.92 16.95
N ILE A 55 -11.74 -18.71 16.23
CA ILE A 55 -12.90 -18.13 16.82
C ILE A 55 -13.60 -19.09 17.79
N LEU A 56 -13.75 -20.34 17.37
CA LEU A 56 -14.30 -21.35 18.24
C LEU A 56 -13.50 -21.44 19.52
N LYS A 57 -12.19 -21.35 19.42
CA LYS A 57 -11.37 -21.40 20.59
C LYS A 57 -11.57 -20.21 21.50
N LYS A 58 -11.69 -19.05 20.92
CA LYS A 58 -11.96 -17.87 21.73
C LYS A 58 -13.30 -17.95 22.43
N LEU A 59 -14.27 -18.61 21.82
CA LEU A 59 -15.56 -18.76 22.44
C LEU A 59 -15.69 -20.04 23.28
N ASN A 60 -14.59 -20.75 23.46
CA ASN A 60 -14.62 -21.99 24.23
C ASN A 60 -15.63 -23.01 23.69
N LEU A 61 -15.60 -23.21 22.39
CA LEU A 61 -16.50 -24.10 21.71
C LEU A 61 -15.71 -25.17 20.97
N LYS A 62 -16.22 -26.38 20.97
CA LYS A 62 -15.43 -27.55 20.51
C LYS A 62 -16.05 -28.53 19.54
N ASN A 63 -17.38 -28.55 19.45
CA ASN A 63 -18.07 -29.53 18.66
C ASN A 63 -19.27 -28.99 17.86
N PRO A 64 -18.98 -28.26 16.79
CA PRO A 64 -20.09 -27.70 16.04
C PRO A 64 -20.72 -28.66 15.09
N LEU A 65 -22.01 -28.46 14.87
CA LEU A 65 -22.72 -29.02 13.73
C LEU A 65 -22.74 -27.98 12.60
N VAL A 66 -22.27 -28.38 11.44
CA VAL A 66 -22.23 -27.52 10.27
C VAL A 66 -23.45 -27.76 9.41
N ILE A 67 -24.13 -26.67 9.05
CA ILE A 67 -25.26 -26.69 8.15
C ILE A 67 -24.87 -25.97 6.85
N THR A 68 -25.01 -26.67 5.72
CA THR A 68 -24.57 -26.13 4.45
C THR A 68 -25.49 -26.57 3.34
N GLY A 69 -25.15 -26.12 2.13
CA GLY A 69 -25.90 -26.49 0.92
C GLY A 69 -25.06 -27.34 0.00
N LYS A 70 -25.71 -27.98 -0.95
CA LYS A 70 -24.98 -28.86 -1.89
C LYS A 70 -23.98 -28.08 -2.74
N ASN A 71 -24.34 -26.86 -3.13
CA ASN A 71 -23.42 -26.00 -3.92
C ASN A 71 -22.33 -25.33 -3.12
N THR A 72 -22.47 -25.30 -1.80
CA THR A 72 -21.49 -24.64 -0.96
C THR A 72 -20.64 -25.59 -0.13
N LYS A 73 -20.98 -26.86 -0.16
CA LYS A 73 -20.26 -27.92 0.53
C LYS A 73 -18.75 -27.92 0.25
N LYS A 74 -18.36 -27.52 -0.94
CA LYS A 74 -16.94 -27.41 -1.31
C LYS A 74 -16.12 -26.46 -0.44
N TYR A 75 -16.76 -25.55 0.27
CA TYR A 75 -16.02 -24.63 1.13
C TYR A 75 -15.89 -25.14 2.56
N CYS A 76 -16.46 -26.29 2.83
CA CYS A 76 -16.37 -26.94 4.10
C CYS A 76 -15.13 -27.84 4.23
N ARG A 77 -13.96 -27.24 4.45
CA ARG A 77 -12.70 -27.98 4.57
C ARG A 77 -12.29 -28.11 6.06
N PHE A 78 -12.85 -29.10 6.74
CA PHE A 78 -12.55 -29.35 8.15
C PHE A 78 -13.22 -30.63 8.56
N PHE A 79 -13.08 -31.01 9.83
CA PHE A 79 -13.53 -32.32 10.35
C PHE A 79 -14.97 -32.38 10.85
N TYR A 80 -15.63 -31.25 10.95
CA TYR A 80 -16.88 -31.17 11.69
C TYR A 80 -17.98 -31.93 11.00
N ASP A 81 -18.96 -32.41 11.76
CA ASP A 81 -20.16 -33.01 11.11
C ASP A 81 -20.87 -32.01 10.24
N ILE A 82 -21.32 -32.47 9.06
CA ILE A 82 -22.02 -31.62 8.12
C ILE A 82 -23.36 -32.19 7.79
N VAL A 83 -24.32 -31.30 7.65
CA VAL A 83 -25.68 -31.62 7.29
C VAL A 83 -26.20 -30.58 6.30
N TYR A 84 -26.99 -31.03 5.33
CA TYR A 84 -27.60 -30.14 4.37
C TYR A 84 -28.89 -29.58 4.90
N TYR A 85 -29.20 -28.32 4.57
CA TYR A 85 -30.42 -27.70 5.14
C TYR A 85 -31.73 -28.37 4.72
N ASP A 86 -31.81 -28.96 3.55
CA ASP A 86 -32.98 -29.81 3.21
C ASP A 86 -33.29 -30.81 4.32
N GLU A 87 -32.36 -31.73 4.52
CA GLU A 87 -32.55 -32.82 5.45
C GLU A 87 -33.19 -32.39 6.79
N ILE A 88 -32.86 -31.20 7.22
CA ILE A 88 -33.43 -30.66 8.45
C ILE A 88 -34.83 -30.13 8.22
N LEU A 89 -34.97 -29.39 7.12
CA LEU A 89 -36.19 -28.64 6.82
C LEU A 89 -37.40 -29.56 6.54
N ASN A 90 -37.14 -30.82 6.20
CA ASN A 90 -38.20 -31.81 5.99
C ASN A 90 -38.78 -32.21 7.33
N ASN A 91 -37.90 -32.51 8.28
CA ASN A 91 -38.29 -33.22 9.49
C ASN A 91 -38.61 -32.30 10.65
N LEU A 92 -37.62 -31.47 11.01
CA LEU A 92 -37.77 -30.46 12.07
C LEU A 92 -37.69 -31.25 13.39
N GLU A 93 -38.69 -31.10 14.23
CA GLU A 93 -38.59 -31.55 15.58
C GLU A 93 -37.78 -32.84 15.79
N ILE A 94 -37.92 -33.80 14.88
CA ILE A 94 -37.06 -34.98 14.91
C ILE A 94 -36.03 -34.93 13.79
N LYS A 97 -33.70 -34.18 18.05
CA LYS A 97 -32.67 -34.16 19.08
C LYS A 97 -31.67 -35.31 19.00
N LYS A 98 -31.20 -35.50 17.77
CA LYS A 98 -30.03 -36.27 17.49
C LYS A 98 -28.82 -35.37 17.64
N TYR A 99 -29.03 -34.22 18.28
CA TYR A 99 -28.10 -33.10 18.19
C TYR A 99 -27.51 -32.72 19.50
N THR A 100 -27.79 -33.52 20.50
CA THR A 100 -27.40 -33.28 21.89
C THR A 100 -25.90 -33.03 22.05
N ALA A 101 -25.12 -33.64 21.17
CA ALA A 101 -23.66 -33.64 21.25
C ALA A 101 -22.96 -32.35 20.83
N TYR A 102 -23.67 -31.52 20.07
CA TYR A 102 -23.09 -30.29 19.55
C TYR A 102 -23.19 -29.14 20.51
N ASP A 103 -22.12 -28.39 20.57
CA ASP A 103 -22.11 -27.20 21.43
C ASP A 103 -22.29 -25.89 20.66
N CYS A 104 -22.37 -25.99 19.34
CA CYS A 104 -22.78 -24.84 18.50
C CYS A 104 -23.17 -25.26 17.12
N VAL A 105 -23.73 -24.32 16.36
CA VAL A 105 -24.03 -24.54 14.97
C VAL A 105 -23.25 -23.55 14.13
N ILE A 106 -22.71 -24.02 13.02
CA ILE A 106 -22.03 -23.15 12.06
C ILE A 106 -22.82 -23.23 10.77
N GLY A 107 -23.35 -22.12 10.33
CA GLY A 107 -24.02 -22.03 9.03
C GLY A 107 -23.04 -21.55 7.98
N ILE A 108 -22.83 -22.36 6.95
CA ILE A 108 -21.89 -22.02 5.88
C ILE A 108 -22.61 -22.02 4.55
N GLY A 109 -22.66 -20.87 3.90
CA GLY A 109 -23.24 -20.80 2.61
C GLY A 109 -24.09 -19.60 2.38
N GLY A 110 -25.14 -19.81 1.62
CA GLY A 110 -26.09 -18.77 1.27
C GLY A 110 -27.10 -18.51 2.37
N GLY A 111 -28.04 -17.62 2.07
CA GLY A 111 -28.98 -17.18 3.02
C GLY A 111 -29.78 -18.28 3.66
N ARG A 112 -30.09 -19.29 2.89
CA ARG A 112 -30.86 -20.42 3.40
C ARG A 112 -30.10 -21.31 4.38
N SER A 113 -28.84 -21.59 4.09
CA SER A 113 -27.99 -22.33 4.98
C SER A 113 -27.93 -21.63 6.34
N ILE A 114 -27.75 -20.32 6.25
CA ILE A 114 -27.53 -19.52 7.41
C ILE A 114 -28.79 -19.44 8.23
N ASP A 115 -29.89 -19.23 7.54
CA ASP A 115 -31.16 -19.11 8.19
C ASP A 115 -31.53 -20.40 8.89
N THR A 116 -31.24 -21.52 8.24
CA THR A 116 -31.59 -22.81 8.82
C THR A 116 -30.70 -23.09 10.04
N GLY A 117 -29.39 -22.87 9.88
CA GLY A 117 -28.46 -23.02 11.02
C GLY A 117 -28.85 -22.14 12.22
N LYS A 118 -29.24 -20.93 11.91
CA LYS A 118 -29.66 -19.98 12.93
C LYS A 118 -30.85 -20.52 13.68
N TYR A 119 -31.82 -21.02 12.94
CA TYR A 119 -33.04 -21.58 13.54
C TYR A 119 -32.72 -22.80 14.40
N LEU A 120 -31.90 -23.66 13.84
CA LEU A 120 -31.58 -24.90 14.51
C LEU A 120 -30.87 -24.61 15.84
N ALA A 121 -29.95 -23.67 15.81
CA ALA A 121 -29.22 -23.26 17.02
C ALA A 121 -30.14 -22.73 18.11
N TYR A 122 -31.09 -21.94 17.70
CA TYR A 122 -32.09 -21.41 18.60
C TYR A 122 -32.87 -22.56 19.25
N LYS A 123 -33.27 -23.52 18.47
CA LYS A 123 -34.02 -24.65 19.00
C LYS A 123 -33.21 -25.49 19.94
N LEU A 124 -31.91 -25.61 19.65
CA LEU A 124 -31.00 -26.38 20.54
C LEU A 124 -30.47 -25.61 21.73
N GLY A 125 -30.77 -24.33 21.78
CA GLY A 125 -30.25 -23.47 22.86
C GLY A 125 -28.73 -23.28 22.83
N ILE A 126 -28.11 -23.30 21.64
CA ILE A 126 -26.67 -23.16 21.55
C ILE A 126 -26.28 -22.02 20.60
N PRO A 127 -25.04 -21.53 20.68
CA PRO A 127 -24.62 -20.40 19.84
C PRO A 127 -24.52 -20.69 18.36
N PHE A 128 -24.78 -19.69 17.55
CA PHE A 128 -24.69 -19.81 16.09
C PHE A 128 -23.59 -18.95 15.49
N ILE A 129 -22.83 -19.53 14.60
CA ILE A 129 -21.82 -18.86 13.86
C ILE A 129 -22.16 -18.81 12.39
N SER A 130 -22.10 -17.61 11.86
CA SER A 130 -22.51 -17.34 10.51
C SER A 130 -21.29 -17.20 9.59
N VAL A 131 -21.25 -18.04 8.54
CA VAL A 131 -20.12 -18.11 7.63
C VAL A 131 -20.63 -17.99 6.19
N PRO A 132 -20.93 -16.75 5.78
CA PRO A 132 -21.51 -16.57 4.47
C PRO A 132 -20.53 -16.75 3.32
N THR A 133 -21.00 -17.42 2.27
CA THR A 133 -20.17 -17.67 1.09
C THR A 133 -20.56 -16.78 -0.05
N THR A 134 -21.53 -15.92 0.21
CA THR A 134 -21.91 -14.91 -0.72
C THR A 134 -22.41 -13.68 0.06
N ALA A 135 -22.86 -12.67 -0.66
CA ALA A 135 -23.35 -11.43 -0.03
C ALA A 135 -24.71 -11.04 -0.61
N SER A 136 -25.69 -11.88 -0.35
CA SER A 136 -26.97 -11.81 -0.99
C SER A 136 -28.08 -11.27 -0.13
N ASN A 137 -27.86 -11.21 1.18
CA ASN A 137 -28.76 -10.52 2.06
C ASN A 137 -28.28 -10.29 3.44
N ASP A 138 -29.06 -9.56 4.22
CA ASP A 138 -28.65 -9.16 5.55
C ASP A 138 -29.01 -10.10 6.69
N GLY A 139 -29.36 -11.33 6.35
CA GLY A 139 -29.52 -12.39 7.31
C GLY A 139 -28.17 -12.82 7.90
N ILE A 140 -27.11 -12.43 7.23
CA ILE A 140 -25.77 -12.82 7.60
C ILE A 140 -25.49 -12.59 9.06
N ALA A 141 -25.85 -11.40 9.55
CA ALA A 141 -25.56 -11.04 10.91
C ALA A 141 -26.78 -10.65 11.68
N SER A 142 -27.95 -10.85 11.12
CA SER A 142 -29.16 -10.39 11.81
C SER A 142 -29.70 -11.38 12.81
N PRO A 143 -30.50 -10.91 13.74
CA PRO A 143 -31.22 -11.78 14.65
C PRO A 143 -32.50 -12.37 14.07
N ILE A 144 -32.69 -12.28 12.79
CA ILE A 144 -33.95 -12.66 12.19
C ILE A 144 -33.91 -14.06 11.62
N VAL A 145 -34.94 -14.83 11.90
CA VAL A 145 -35.12 -16.10 11.26
C VAL A 145 -36.29 -15.99 10.31
N SER A 146 -36.05 -16.39 9.06
CA SER A 146 -37.00 -16.24 7.98
C SER A 146 -37.33 -17.51 7.23
N ILE A 147 -37.28 -18.66 7.89
CA ILE A 147 -37.58 -19.91 7.19
C ILE A 147 -39.03 -19.99 6.77
N ARG A 148 -39.94 -19.69 7.69
CA ARG A 148 -41.35 -19.55 7.40
C ARG A 148 -41.68 -18.11 7.60
N GLN A 149 -42.49 -17.54 6.71
CA GLN A 149 -43.13 -16.27 7.04
C GLN A 149 -44.33 -16.59 7.98
N PRO A 150 -44.59 -15.76 9.01
CA PRO A 150 -43.77 -14.55 9.23
C PRO A 150 -42.50 -14.76 10.06
N SER A 151 -41.54 -13.90 9.83
CA SER A 151 -40.23 -14.08 10.39
C SER A 151 -40.27 -13.69 11.89
N PHE A 152 -39.27 -14.13 12.63
CA PHE A 152 -39.18 -13.82 14.06
C PHE A 152 -37.75 -13.64 14.55
N MET A 153 -37.63 -13.10 15.76
CA MET A 153 -36.35 -12.74 16.31
C MET A 153 -35.78 -13.82 17.17
N VAL A 154 -34.46 -13.99 17.06
CA VAL A 154 -33.68 -14.85 17.93
C VAL A 154 -32.44 -14.09 18.31
N ASP A 155 -31.41 -14.78 18.78
CA ASP A 155 -30.15 -14.12 19.02
C ASP A 155 -29.45 -13.80 17.71
N ALA A 156 -28.80 -12.66 17.63
CA ALA A 156 -27.82 -12.45 16.59
C ALA A 156 -26.76 -13.56 16.66
N PRO A 157 -26.20 -13.95 15.52
CA PRO A 157 -25.07 -14.86 15.58
C PRO A 157 -23.96 -14.40 16.52
N ILE A 158 -23.37 -15.34 17.24
CA ILE A 158 -22.27 -15.00 18.12
C ILE A 158 -21.03 -14.57 17.37
N ALA A 159 -20.88 -15.05 16.14
CA ALA A 159 -19.76 -14.66 15.31
C ALA A 159 -20.13 -14.67 13.83
N ILE A 160 -19.48 -13.78 13.10
CA ILE A 160 -19.65 -13.64 11.68
C ILE A 160 -18.29 -13.73 11.07
N ILE A 161 -18.14 -14.68 10.17
CA ILE A 161 -16.86 -14.94 9.58
C ILE A 161 -17.01 -14.88 8.08
N ALA A 162 -16.63 -13.76 7.53
CA ALA A 162 -16.96 -13.46 6.16
C ALA A 162 -15.72 -13.39 5.26
N ASP A 163 -15.53 -14.47 4.51
CA ASP A 163 -14.33 -14.61 3.71
C ASP A 163 -14.56 -13.89 2.39
N THR A 164 -13.97 -12.72 2.26
CA THR A 164 -14.20 -11.93 1.05
C THR A 164 -13.56 -12.49 -0.23
N GLU A 165 -12.62 -13.43 -0.11
CA GLU A 165 -12.06 -14.18 -1.24
C GLU A 165 -13.06 -15.21 -1.80
N ILE A 166 -13.75 -15.92 -0.90
CA ILE A 166 -14.85 -16.78 -1.33
C ILE A 166 -15.97 -15.98 -1.90
N ILE A 167 -16.35 -14.91 -1.20
CA ILE A 167 -17.56 -14.12 -1.57
C ILE A 167 -17.36 -13.44 -2.92
N LYS A 168 -16.14 -13.00 -3.16
CA LYS A 168 -15.78 -12.36 -4.38
C LYS A 168 -16.08 -13.24 -5.59
N LYS A 169 -15.96 -14.54 -5.41
CA LYS A 169 -16.09 -15.50 -6.48
C LYS A 169 -17.46 -16.04 -6.58
N SER A 170 -18.38 -15.65 -5.70
CA SER A 170 -19.72 -16.26 -5.73
C SER A 170 -20.44 -15.82 -6.98
N PRO A 171 -21.50 -16.53 -7.33
CA PRO A 171 -22.20 -16.10 -8.53
C PRO A 171 -22.55 -14.62 -8.46
N ARG A 172 -22.29 -13.92 -9.55
CA ARG A 172 -22.52 -12.49 -9.68
C ARG A 172 -23.97 -12.05 -9.41
N ARG A 173 -24.92 -12.86 -9.82
CA ARG A 173 -26.33 -12.59 -9.55
C ARG A 173 -26.66 -12.37 -8.06
N LEU A 174 -26.03 -13.19 -7.21
CA LEU A 174 -26.19 -13.11 -5.76
C LEU A 174 -25.61 -11.82 -5.19
N LEU A 175 -24.43 -11.45 -5.67
CA LEU A 175 -23.82 -10.19 -5.29
C LEU A 175 -24.68 -8.99 -5.71
N SER A 176 -25.34 -9.11 -6.84
CA SER A 176 -26.21 -8.04 -7.34
C SER A 176 -27.44 -7.96 -6.50
N ALA A 177 -27.97 -9.10 -6.14
CA ALA A 177 -29.12 -9.19 -5.20
C ALA A 177 -28.91 -8.53 -3.83
N GLY A 178 -27.70 -8.64 -3.30
CA GLY A 178 -27.34 -7.97 -2.06
C GLY A 178 -27.62 -6.47 -2.10
N MET A 179 -27.42 -5.88 -3.27
CA MET A 179 -27.62 -4.40 -3.40
C MET A 179 -29.09 -4.09 -3.15
N GLY A 180 -29.94 -5.00 -3.59
CA GLY A 180 -31.38 -4.85 -3.43
C GLY A 180 -31.79 -4.87 -1.97
N ASP A 181 -31.16 -5.74 -1.21
CA ASP A 181 -31.42 -5.83 0.22
C ASP A 181 -30.89 -4.61 0.99
N ILE A 182 -29.75 -4.06 0.57
CA ILE A 182 -29.22 -2.85 1.19
C ILE A 182 -30.02 -1.57 0.92
N VAL A 183 -30.33 -1.29 -0.35
CA VAL A 183 -31.09 -0.07 -0.66
C VAL A 183 -32.43 -0.05 0.06
N SER A 184 -32.96 -1.23 0.36
CA SER A 184 -34.19 -1.38 1.15
C SER A 184 -34.19 -0.61 2.47
N ASN A 185 -33.02 -0.49 3.08
CA ASN A 185 -32.87 0.26 4.34
C ASN A 185 -33.40 1.69 4.21
N ILE A 186 -33.27 2.26 3.03
CA ILE A 186 -33.69 3.64 2.79
C ILE A 186 -35.19 3.79 2.94
N THR A 187 -35.95 2.97 2.26
CA THR A 187 -37.38 2.96 2.41
C THR A 187 -37.83 2.41 3.76
N ALA A 188 -37.08 1.48 4.33
CA ALA A 188 -37.42 0.93 5.62
C ALA A 188 -37.36 2.03 6.67
N VAL A 189 -36.31 2.85 6.61
CA VAL A 189 -36.14 3.94 7.55
C VAL A 189 -37.14 5.05 7.31
N LEU A 190 -37.39 5.40 6.05
CA LEU A 190 -38.49 6.34 5.73
C LEU A 190 -39.84 5.85 6.28
N ASP A 191 -40.14 4.56 6.10
CA ASP A 191 -41.38 3.98 6.62
C ASP A 191 -41.42 4.02 8.17
N TRP A 192 -40.28 3.76 8.78
CA TRP A 192 -40.15 3.79 10.23
C TRP A 192 -40.46 5.19 10.79
N LYS A 193 -39.87 6.21 10.18
CA LYS A 193 -40.11 7.60 10.55
C LYS A 193 -41.59 7.93 10.37
N LEU A 194 -42.14 7.46 9.28
CA LEU A 194 -43.54 7.70 8.97
C LEU A 194 -44.43 7.10 10.06
N ALA A 195 -44.14 5.87 10.45
CA ALA A 195 -44.94 5.20 11.48
C ALA A 195 -44.79 5.91 12.82
N TYR A 196 -43.61 6.46 13.07
CA TYR A 196 -43.41 7.26 14.26
C TYR A 196 -44.36 8.46 14.25
N LYS A 197 -44.26 9.26 13.19
CA LYS A 197 -45.06 10.47 13.04
C LYS A 197 -46.58 10.20 13.06
N GLU A 198 -47.05 9.23 12.30
CA GLU A 198 -48.49 8.98 12.11
C GLU A 198 -49.12 7.97 13.08
N LYS A 199 -48.32 7.15 13.72
CA LYS A 199 -48.85 6.19 14.67
C LYS A 199 -48.15 6.13 16.04
N GLY A 200 -47.22 7.05 16.29
CA GLY A 200 -46.39 7.00 17.53
C GLY A 200 -45.70 5.67 17.80
N GLU A 201 -45.27 4.99 16.75
CA GLU A 201 -44.46 3.78 16.91
C GLU A 201 -43.09 4.15 17.51
N LYS A 202 -42.58 3.27 18.33
CA LYS A 202 -41.29 3.46 18.93
C LYS A 202 -40.24 3.62 17.85
N TYR A 203 -39.38 4.60 18.03
CA TYR A 203 -38.43 4.98 17.03
C TYR A 203 -37.11 5.36 17.64
N SER A 204 -36.02 4.99 16.96
CA SER A 204 -34.68 5.37 17.39
C SER A 204 -33.94 6.06 16.27
N GLU A 205 -33.66 7.33 16.43
CA GLU A 205 -33.04 8.13 15.42
C GLU A 205 -31.64 7.60 15.13
N SER A 206 -30.90 7.20 16.16
CA SER A 206 -29.50 6.91 15.92
C SER A 206 -29.36 5.54 15.23
N SER A 207 -30.27 4.60 15.53
CA SER A 207 -30.29 3.34 14.79
C SER A 207 -30.69 3.54 13.35
N ALA A 208 -31.72 4.35 13.15
CA ALA A 208 -32.28 4.61 11.81
C ALA A 208 -31.23 5.25 10.93
N ILE A 209 -30.57 6.26 11.44
CA ILE A 209 -29.64 6.97 10.62
C ILE A 209 -28.38 6.13 10.32
N PHE A 210 -28.02 5.26 11.25
CA PHE A 210 -26.94 4.30 11.02
C PHE A 210 -27.31 3.42 9.84
N SER A 211 -28.50 2.83 9.90
CA SER A 211 -29.00 1.95 8.81
C SER A 211 -29.07 2.65 7.47
N LYS A 212 -29.68 3.82 7.48
CA LYS A 212 -29.79 4.64 6.30
C LYS A 212 -28.45 5.02 5.67
N THR A 213 -27.51 5.37 6.52
CA THR A 213 -26.23 5.83 6.08
C THR A 213 -25.42 4.68 5.52
N ILE A 214 -25.58 3.51 6.10
CA ILE A 214 -24.94 2.34 5.50
C ILE A 214 -25.33 2.23 4.03
N ALA A 215 -26.63 2.33 3.77
CA ALA A 215 -27.14 2.24 2.42
C ALA A 215 -26.67 3.38 1.53
N LYS A 216 -26.71 4.60 2.04
CA LYS A 216 -26.30 5.77 1.28
C LYS A 216 -24.86 5.69 0.86
N GLU A 217 -23.99 5.21 1.73
CA GLU A 217 -22.58 5.09 1.41
C GLU A 217 -22.34 4.07 0.32
N LEU A 218 -23.10 3.01 0.33
CA LEU A 218 -22.88 1.97 -0.65
C LEU A 218 -23.40 2.45 -1.99
N ILE A 219 -24.53 3.11 -1.97
CA ILE A 219 -25.07 3.68 -3.19
C ILE A 219 -24.06 4.66 -3.80
N SER A 220 -23.57 5.55 -2.97
CA SER A 220 -22.62 6.53 -3.41
C SER A 220 -21.31 5.88 -3.92
N TYR A 221 -20.86 4.82 -3.29
CA TYR A 221 -19.74 4.02 -3.82
C TYR A 221 -20.03 3.35 -5.19
N VAL A 222 -21.20 2.75 -5.29
CA VAL A 222 -21.59 2.09 -6.52
C VAL A 222 -21.66 3.12 -7.67
N LEU A 223 -22.20 4.30 -7.43
CA LEU A 223 -22.34 5.32 -8.48
C LEU A 223 -21.06 6.05 -8.84
N ASN A 224 -20.04 5.92 -8.02
CA ASN A 224 -18.82 6.71 -8.16
C ASN A 224 -17.49 5.98 -8.22
N SER A 225 -17.51 4.69 -8.47
CA SER A 225 -16.27 3.92 -8.48
C SER A 225 -16.24 2.97 -9.65
N ASP A 226 -15.11 2.32 -9.84
CA ASP A 226 -14.97 1.21 -10.79
C ASP A 226 -15.45 -0.13 -10.26
N LEU A 227 -15.98 -0.13 -9.03
CA LEU A 227 -16.62 -1.29 -8.38
C LEU A 227 -15.66 -2.40 -8.01
N SER A 228 -14.38 -2.11 -7.96
CA SER A 228 -13.39 -3.16 -7.70
C SER A 228 -13.46 -3.66 -6.25
N GLU A 229 -14.04 -2.87 -5.35
CA GLU A 229 -14.24 -3.30 -3.96
C GLU A 229 -15.74 -3.49 -3.60
N TYR A 230 -16.58 -3.66 -4.60
CA TYR A 230 -18.01 -3.77 -4.37
C TYR A 230 -18.36 -4.88 -3.38
N HIS A 231 -17.75 -6.06 -3.60
CA HIS A 231 -18.09 -7.21 -2.79
C HIS A 231 -17.76 -6.94 -1.31
N ASN A 232 -16.66 -6.28 -1.07
CA ASN A 232 -16.26 -5.91 0.28
C ASN A 232 -17.17 -4.93 0.94
N LYS A 233 -17.42 -3.85 0.23
CA LYS A 233 -18.27 -2.81 0.75
C LYS A 233 -19.68 -3.33 0.93
N LEU A 234 -20.12 -4.20 0.05
CA LEU A 234 -21.40 -4.88 0.21
C LEU A 234 -21.52 -5.75 1.49
N VAL A 235 -20.53 -6.54 1.77
CA VAL A 235 -20.58 -7.41 2.91
C VAL A 235 -20.53 -6.58 4.19
N LYS A 236 -19.73 -5.54 4.23
CA LYS A 236 -19.72 -4.64 5.37
C LYS A 236 -21.09 -4.03 5.57
N ALA A 237 -21.73 -3.63 4.49
CA ALA A 237 -23.01 -3.03 4.58
C ALA A 237 -24.04 -4.02 5.11
N LEU A 238 -24.01 -5.23 4.61
CA LEU A 238 -24.97 -6.24 5.02
C LEU A 238 -24.81 -6.60 6.51
N VAL A 239 -23.57 -6.71 6.93
CA VAL A 239 -23.28 -6.95 8.35
C VAL A 239 -23.73 -5.77 9.24
N GLY A 240 -23.37 -4.55 8.84
CA GLY A 240 -23.84 -3.35 9.55
C GLY A 240 -25.35 -3.36 9.71
N SER A 241 -26.03 -3.78 8.67
CA SER A 241 -27.48 -3.78 8.65
C SER A 241 -28.00 -4.77 9.70
N GLY A 242 -27.34 -5.92 9.81
CA GLY A 242 -27.66 -6.90 10.85
C GLY A 242 -27.52 -6.35 12.24
N ILE A 243 -26.44 -5.63 12.44
CA ILE A 243 -26.17 -5.03 13.73
C ILE A 243 -27.23 -4.00 14.07
N ALA A 244 -27.65 -3.21 13.08
CA ALA A 244 -28.70 -2.20 13.30
C ALA A 244 -29.99 -2.84 13.75
N ILE A 245 -30.30 -4.00 13.18
CA ILE A 245 -31.51 -4.70 13.57
C ILE A 245 -31.39 -5.10 15.06
N ALA A 246 -30.25 -5.66 15.43
CA ALA A 246 -30.03 -6.15 16.79
C ALA A 246 -30.16 -5.02 17.81
N ILE A 247 -29.51 -3.92 17.49
CA ILE A 247 -29.51 -2.72 18.32
C ILE A 247 -30.91 -2.09 18.48
N ALA A 248 -31.70 -2.09 17.42
CA ALA A 248 -33.08 -1.57 17.47
C ALA A 248 -34.05 -2.58 18.03
N ASN A 249 -33.59 -3.81 18.14
CA ASN A 249 -34.45 -4.91 18.56
C ASN A 249 -35.68 -5.07 17.67
N SER A 250 -35.47 -4.85 16.39
CA SER A 250 -36.55 -4.81 15.41
C SER A 250 -35.95 -4.78 14.02
N SER A 251 -36.65 -5.38 13.07
CA SER A 251 -36.26 -5.34 11.68
C SER A 251 -36.62 -4.01 11.00
N ARG A 252 -37.24 -3.11 11.75
CA ARG A 252 -37.63 -1.76 11.23
C ARG A 252 -36.58 -1.02 10.43
N PRO A 253 -35.32 -0.97 10.93
CA PRO A 253 -34.34 -0.21 10.13
C PRO A 253 -33.92 -0.85 8.82
N ALA A 254 -34.30 -2.10 8.61
CA ALA A 254 -33.89 -2.84 7.40
C ALA A 254 -35.06 -3.37 6.61
N SER A 255 -36.25 -3.28 7.14
CA SER A 255 -37.41 -3.88 6.50
C SER A 255 -38.61 -2.96 6.65
N GLY A 256 -39.14 -2.56 5.51
CA GLY A 256 -40.38 -1.81 5.46
C GLY A 256 -41.23 -2.31 4.28
N SER A 257 -41.90 -1.38 3.62
CA SER A 257 -42.87 -1.70 2.60
C SER A 257 -42.24 -2.49 1.44
N GLU A 258 -41.00 -2.17 1.14
CA GLU A 258 -40.32 -2.85 0.07
C GLU A 258 -40.20 -4.34 0.39
N HIS A 259 -39.98 -4.65 1.64
CA HIS A 259 -39.93 -6.03 2.07
C HIS A 259 -41.32 -6.66 2.07
N LEU A 260 -42.33 -5.90 2.45
CA LEU A 260 -43.70 -6.39 2.42
C LEU A 260 -44.08 -6.82 1.00
N PHE A 261 -43.67 -5.98 0.05
CA PHE A 261 -43.84 -6.28 -1.35
C PHE A 261 -43.13 -7.59 -1.73
N SER A 262 -41.88 -7.72 -1.33
CA SER A 262 -41.14 -8.96 -1.65
C SER A 262 -41.81 -10.18 -1.02
N HIS A 263 -42.26 -10.05 0.22
CA HIS A 263 -42.96 -11.17 0.88
C HIS A 263 -44.26 -11.52 0.16
N ALA A 264 -44.97 -10.50 -0.31
CA ALA A 264 -46.17 -10.75 -1.09
C ALA A 264 -45.83 -11.53 -2.37
N LEU A 265 -44.78 -11.13 -3.05
CA LEU A 265 -44.35 -11.88 -4.22
C LEU A 265 -44.10 -13.33 -3.87
N ASP A 266 -43.44 -13.55 -2.75
CA ASP A 266 -43.21 -14.92 -2.31
C ASP A 266 -44.52 -15.70 -2.08
N LYS A 267 -45.50 -15.08 -1.42
CA LYS A 267 -46.81 -15.69 -1.21
C LYS A 267 -47.43 -16.12 -2.54
N LEU A 268 -47.34 -15.26 -3.53
CA LEU A 268 -47.95 -15.52 -4.82
C LEU A 268 -47.22 -16.58 -5.62
N LYS A 269 -45.92 -16.67 -5.47
CA LYS A 269 -45.16 -17.72 -6.12
C LYS A 269 -45.64 -19.07 -5.62
N GLU A 270 -45.79 -19.17 -4.31
CA GLU A 270 -46.25 -20.40 -3.67
C GLU A 270 -47.70 -20.68 -4.12
N GLU A 271 -48.55 -19.66 -4.02
CA GLU A 271 -49.97 -19.82 -4.34
C GLU A 271 -50.21 -20.29 -5.75
N TYR A 272 -49.66 -19.56 -6.71
CA TYR A 272 -49.87 -19.87 -8.11
C TYR A 272 -48.87 -20.90 -8.63
N ASN A 273 -48.06 -21.43 -7.74
CA ASN A 273 -47.09 -22.46 -8.11
C ASN A 273 -46.21 -22.00 -9.27
N LEU A 274 -45.77 -20.75 -9.23
CA LEU A 274 -44.94 -20.21 -10.30
C LEU A 274 -43.56 -20.78 -10.17
N ASN A 275 -42.92 -21.09 -11.28
CA ASN A 275 -41.53 -21.60 -11.24
C ASN A 275 -40.60 -20.45 -11.64
N ILE A 276 -40.27 -19.64 -10.65
CA ILE A 276 -39.52 -18.44 -10.89
C ILE A 276 -38.50 -18.30 -9.80
N ASN A 277 -37.25 -18.34 -10.17
CA ASN A 277 -36.20 -18.25 -9.18
C ASN A 277 -35.64 -16.84 -8.97
N SER A 278 -36.52 -15.91 -8.70
CA SER A 278 -36.11 -14.60 -8.28
C SER A 278 -35.61 -14.68 -6.82
N LEU A 279 -34.56 -13.92 -6.53
CA LEU A 279 -33.99 -13.85 -5.19
C LEU A 279 -34.67 -12.77 -4.34
N HIS A 280 -34.67 -12.99 -3.03
CA HIS A 280 -35.16 -12.06 -2.04
C HIS A 280 -34.66 -10.62 -2.25
N GLY A 281 -33.36 -10.46 -2.39
CA GLY A 281 -32.75 -9.14 -2.62
C GLY A 281 -33.24 -8.45 -3.87
N GLU A 282 -33.39 -9.23 -4.94
CA GLU A 282 -33.83 -8.70 -6.24
C GLU A 282 -35.21 -8.14 -6.10
N GLN A 283 -36.07 -8.90 -5.43
CA GLN A 283 -37.44 -8.48 -5.19
C GLN A 283 -37.49 -7.23 -4.34
N CYS A 284 -36.67 -7.20 -3.29
CA CYS A 284 -36.62 -6.03 -2.41
C CYS A 284 -36.10 -4.76 -3.12
N GLY A 285 -35.15 -4.94 -4.03
CA GLY A 285 -34.60 -3.80 -4.80
C GLY A 285 -35.68 -3.13 -5.60
N ILE A 286 -36.44 -3.95 -6.28
CA ILE A 286 -37.54 -3.48 -7.14
C ILE A 286 -38.65 -2.87 -6.29
N GLY A 287 -38.90 -3.49 -5.17
CA GLY A 287 -39.79 -2.92 -4.16
C GLY A 287 -39.33 -1.54 -3.70
N THR A 288 -38.03 -1.38 -3.55
CA THR A 288 -37.48 -0.12 -3.05
C THR A 288 -37.66 1.02 -4.05
N ILE A 289 -37.38 0.69 -5.31
CA ILE A 289 -37.61 1.59 -6.43
C ILE A 289 -39.03 2.14 -6.35
N MET A 290 -40.00 1.27 -6.21
CA MET A 290 -41.40 1.72 -6.19
C MET A 290 -41.74 2.48 -4.91
N MET A 291 -41.35 1.95 -3.77
CA MET A 291 -41.72 2.54 -2.47
C MET A 291 -41.03 3.86 -2.24
N SER A 292 -39.79 3.99 -2.72
CA SER A 292 -39.11 5.28 -2.64
C SER A 292 -39.82 6.34 -3.49
N TYR A 293 -40.31 5.93 -4.64
CA TYR A 293 -41.17 6.79 -5.47
C TYR A 293 -42.40 7.28 -4.72
N LEU A 294 -43.09 6.39 -3.99
CA LEU A 294 -44.24 6.79 -3.14
C LEU A 294 -43.86 7.83 -2.11
N HIS A 295 -42.70 7.65 -1.49
CA HIS A 295 -42.22 8.64 -0.52
C HIS A 295 -41.90 9.97 -1.20
N GLU A 296 -41.32 9.92 -2.38
CA GLU A 296 -40.97 11.14 -3.13
C GLU A 296 -42.18 12.04 -3.43
N LYS A 297 -43.27 11.45 -3.88
CA LYS A 297 -44.52 12.16 -4.06
C LYS A 297 -44.96 13.00 -2.90
N GLU A 298 -44.79 12.50 -1.68
CA GLU A 298 -45.18 13.25 -0.46
C GLU A 298 -44.13 14.20 0.08
N ASN A 299 -42.89 14.10 -0.38
CA ASN A 299 -41.82 14.90 0.18
C ASN A 299 -40.79 15.31 -0.86
N LYS A 300 -40.88 16.57 -1.28
CA LYS A 300 -40.05 17.16 -2.37
C LYS A 300 -38.60 17.18 -2.05
N LYS A 301 -38.34 17.17 -0.76
CA LYS A 301 -37.01 17.08 -0.21
C LYS A 301 -36.27 15.86 -0.74
N LEU A 302 -37.00 14.85 -1.20
CA LEU A 302 -36.39 13.60 -1.65
C LEU A 302 -36.31 13.47 -3.17
N SER A 303 -36.52 14.57 -3.87
CA SER A 303 -36.61 14.50 -5.34
C SER A 303 -35.39 13.86 -5.95
N GLY A 304 -35.64 12.87 -6.80
CA GLY A 304 -34.60 12.08 -7.44
C GLY A 304 -34.10 10.88 -6.64
N LEU A 305 -34.76 10.60 -5.53
CA LEU A 305 -34.32 9.47 -4.73
C LEU A 305 -34.52 8.16 -5.49
N HIS A 306 -35.71 8.01 -6.02
CA HIS A 306 -36.07 6.79 -6.67
C HIS A 306 -35.17 6.52 -7.84
N GLU A 307 -34.79 7.58 -8.53
CA GLU A 307 -33.99 7.45 -9.72
C GLU A 307 -32.57 6.98 -9.38
N LYS A 308 -32.03 7.56 -8.33
CA LYS A 308 -30.73 7.23 -7.86
C LYS A 308 -30.63 5.79 -7.36
N ILE A 309 -31.66 5.33 -6.69
CA ILE A 309 -31.72 3.92 -6.28
C ILE A 309 -31.72 2.99 -7.47
N LYS A 310 -32.58 3.32 -8.41
CA LYS A 310 -32.67 2.58 -9.64
C LYS A 310 -31.31 2.54 -10.36
N MET A 311 -30.66 3.69 -10.49
CA MET A 311 -29.37 3.81 -11.15
C MET A 311 -28.38 2.88 -10.48
N SER A 312 -28.43 2.85 -9.16
CA SER A 312 -27.47 2.09 -8.38
C SER A 312 -27.68 0.61 -8.60
N LEU A 313 -28.92 0.18 -8.67
CA LEU A 313 -29.21 -1.19 -8.95
C LEU A 313 -28.75 -1.60 -10.36
N LYS A 314 -29.02 -0.74 -11.34
CA LYS A 314 -28.60 -0.99 -12.71
C LYS A 314 -27.10 -1.08 -12.79
N LYS A 315 -26.42 -0.20 -12.08
CA LYS A 315 -24.97 -0.17 -12.12
C LYS A 315 -24.31 -1.51 -11.66
N VAL A 316 -24.98 -2.26 -10.81
CA VAL A 316 -24.41 -3.56 -10.38
C VAL A 316 -25.12 -4.69 -11.03
N ASP A 317 -25.95 -4.37 -12.00
CA ASP A 317 -26.67 -5.37 -12.78
C ASP A 317 -27.79 -6.09 -12.03
N ALA A 318 -28.34 -5.43 -11.02
CA ALA A 318 -29.51 -5.97 -10.33
C ALA A 318 -30.72 -5.71 -11.20
N PRO A 319 -31.73 -6.61 -11.17
CA PRO A 319 -32.88 -6.30 -11.98
C PRO A 319 -33.67 -5.09 -11.46
N THR A 320 -34.26 -4.36 -12.38
CA THR A 320 -35.10 -3.19 -12.04
C THR A 320 -36.49 -3.24 -12.66
N THR A 321 -36.77 -4.28 -13.42
CA THR A 321 -38.09 -4.44 -14.02
C THR A 321 -38.65 -5.83 -13.76
N ALA A 322 -39.97 -5.91 -13.81
CA ALA A 322 -40.71 -7.16 -13.68
C ALA A 322 -40.19 -8.19 -14.70
N LYS A 323 -40.06 -7.76 -15.94
CA LYS A 323 -39.58 -8.62 -17.03
C LYS A 323 -38.24 -9.22 -16.63
N GLU A 324 -37.30 -8.39 -16.21
CA GLU A 324 -35.96 -8.88 -15.80
C GLU A 324 -36.05 -9.86 -14.64
N LEU A 325 -36.92 -9.56 -13.70
CA LEU A 325 -37.11 -10.36 -12.48
C LEU A 325 -37.80 -11.68 -12.78
N GLY A 326 -38.55 -11.73 -13.88
CA GLY A 326 -39.25 -12.94 -14.35
C GLY A 326 -40.76 -13.01 -14.10
N PHE A 327 -41.38 -11.87 -13.79
CA PHE A 327 -42.80 -11.81 -13.40
C PHE A 327 -43.65 -11.09 -14.41
N ASP A 328 -44.86 -11.62 -14.58
CA ASP A 328 -45.90 -10.96 -15.34
C ASP A 328 -46.36 -9.73 -14.59
N GLU A 329 -46.83 -8.74 -15.33
CA GLU A 329 -47.25 -7.50 -14.68
C GLU A 329 -48.39 -7.67 -13.67
N ASP A 330 -49.26 -8.65 -13.87
CA ASP A 330 -50.41 -8.80 -12.96
C ASP A 330 -49.96 -9.26 -11.55
N ILE A 331 -48.87 -10.04 -11.51
CA ILE A 331 -48.33 -10.51 -10.25
C ILE A 331 -47.76 -9.33 -9.45
N ILE A 332 -47.06 -8.45 -10.14
CA ILE A 332 -46.49 -7.28 -9.52
C ILE A 332 -47.59 -6.48 -8.88
N ILE A 333 -48.63 -6.27 -9.68
CA ILE A 333 -49.75 -5.44 -9.25
C ILE A 333 -50.46 -6.06 -8.04
N GLU A 334 -50.73 -7.35 -8.14
CA GLU A 334 -51.39 -8.02 -7.05
C GLU A 334 -50.55 -7.95 -5.77
N ALA A 335 -49.25 -8.21 -5.92
CA ALA A 335 -48.30 -8.12 -4.78
C ALA A 335 -48.31 -6.71 -4.16
N LEU A 336 -48.35 -5.69 -4.99
CA LEU A 336 -48.46 -4.32 -4.48
C LEU A 336 -49.73 -4.10 -3.65
N THR A 337 -50.85 -4.64 -4.12
CA THR A 337 -52.14 -4.36 -3.42
C THR A 337 -52.29 -5.17 -2.14
N MET A 338 -51.58 -6.28 -2.04
CA MET A 338 -51.66 -7.11 -0.83
C MET A 338 -50.56 -6.82 0.20
N ALA A 339 -49.58 -5.98 -0.15
CA ALA A 339 -48.32 -5.89 0.63
C ALA A 339 -48.53 -5.34 2.03
N HIS A 340 -49.38 -4.33 2.14
CA HIS A 340 -49.68 -3.73 3.43
C HIS A 340 -50.34 -4.71 4.42
N LYS A 341 -50.94 -5.77 3.91
CA LYS A 341 -51.60 -6.78 4.74
C LYS A 341 -50.63 -7.88 5.20
N ILE A 342 -49.45 -7.95 4.62
CA ILE A 342 -48.48 -9.02 4.89
C ILE A 342 -48.11 -9.04 6.37
N ARG A 343 -48.02 -7.86 6.96
CA ARG A 343 -47.73 -7.75 8.36
C ARG A 343 -48.34 -6.49 8.91
N ASN A 344 -48.61 -6.53 10.20
CA ASN A 344 -49.16 -5.40 10.91
C ASN A 344 -48.12 -4.33 11.19
N ARG A 345 -47.72 -3.63 10.15
CA ARG A 345 -46.57 -2.70 10.20
C ARG A 345 -46.79 -1.50 9.27
N TRP A 346 -46.93 -0.32 9.85
CA TRP A 346 -47.39 0.83 9.09
C TRP A 346 -46.29 1.34 8.20
N THR A 347 -46.63 1.58 6.95
CA THR A 347 -45.70 2.08 5.94
C THR A 347 -46.36 3.11 5.04
N ILE A 348 -45.60 3.63 4.08
CA ILE A 348 -46.11 4.56 3.06
C ILE A 348 -47.31 3.94 2.32
N LEU A 349 -47.39 2.61 2.28
CA LEU A 349 -48.57 1.96 1.72
C LEU A 349 -49.87 2.28 2.48
N ARG A 350 -49.72 2.70 3.73
CA ARG A 350 -50.83 2.95 4.62
C ARG A 350 -51.87 1.84 4.54
N ASP A 351 -53.12 2.16 4.26
CA ASP A 351 -54.15 1.12 4.30
C ASP A 351 -54.29 0.40 3.00
N GLY A 352 -53.42 0.71 2.05
CA GLY A 352 -53.34 -0.14 0.84
C GLY A 352 -53.60 0.55 -0.47
N LEU A 353 -52.95 0.05 -1.48
CA LEU A 353 -53.08 0.54 -2.83
C LEU A 353 -54.24 -0.14 -3.53
N SER A 354 -54.97 0.61 -4.31
CA SER A 354 -55.93 0.04 -5.24
C SER A 354 -55.18 -0.55 -6.38
N ARG A 355 -55.85 -1.39 -7.14
CA ARG A 355 -55.27 -2.02 -8.32
C ARG A 355 -54.78 -0.99 -9.32
N GLU A 356 -55.58 0.05 -9.44
CA GLU A 356 -55.35 1.16 -10.29
C GLU A 356 -54.06 1.86 -9.87
N GLU A 357 -53.98 2.23 -8.59
CA GLU A 357 -52.79 2.94 -8.02
C GLU A 357 -51.50 2.11 -8.19
N ALA A 358 -51.65 0.83 -7.96
CA ALA A 358 -50.54 -0.11 -8.05
C ALA A 358 -50.00 -0.15 -9.47
N ARG A 359 -50.91 -0.17 -10.44
CA ARG A 359 -50.51 -0.22 -11.85
C ARG A 359 -49.80 1.08 -12.23
N LYS A 360 -50.34 2.20 -11.78
CA LYS A 360 -49.74 3.48 -12.07
C LYS A 360 -48.33 3.52 -11.56
N LEU A 361 -48.18 3.11 -10.30
CA LEU A 361 -46.91 3.17 -9.59
C LEU A 361 -45.87 2.34 -10.31
N ALA A 362 -46.23 1.10 -10.58
CA ALA A 362 -45.36 0.19 -11.37
C ALA A 362 -45.02 0.69 -12.79
N GLU A 363 -46.00 1.32 -13.41
CA GLU A 363 -45.78 2.00 -14.70
C GLU A 363 -44.83 3.16 -14.57
N GLU A 364 -45.13 4.07 -13.66
CA GLU A 364 -44.38 5.30 -13.54
C GLU A 364 -42.93 5.09 -13.21
N THR A 365 -42.62 3.98 -12.56
CA THR A 365 -41.25 3.72 -12.08
C THR A 365 -40.49 2.80 -13.00
N GLY A 366 -41.17 2.36 -14.06
CA GLY A 366 -40.52 1.60 -15.11
C GLY A 366 -40.44 0.15 -14.77
N VAL A 367 -41.16 -0.28 -13.74
CA VAL A 367 -41.11 -1.68 -13.31
C VAL A 367 -41.87 -2.53 -14.31
N ILE A 368 -42.98 -1.97 -14.75
CA ILE A 368 -43.75 -2.52 -15.88
C ILE A 368 -43.97 -1.45 -16.94
N MET B 34 -10.83 -5.99 8.46
CA MET B 34 -11.91 -5.68 9.44
C MET B 34 -12.12 -6.78 10.46
N ILE B 35 -11.53 -6.63 11.64
N ILE B 35 -11.49 -6.66 11.63
CA ILE B 35 -11.75 -7.52 12.81
CA ILE B 35 -11.81 -7.47 12.82
C ILE B 35 -12.28 -6.75 14.05
C ILE B 35 -12.38 -6.63 13.96
N ILE B 36 -13.51 -7.10 14.45
N ILE B 36 -13.63 -6.93 14.33
CA ILE B 36 -14.33 -6.32 15.34
CA ILE B 36 -14.30 -6.18 15.39
C ILE B 36 -14.93 -7.12 16.48
C ILE B 36 -14.94 -7.07 16.48
N VAL B 37 -14.71 -6.64 17.70
CA VAL B 37 -15.17 -7.28 18.89
C VAL B 37 -16.16 -6.38 19.57
N THR B 38 -17.38 -6.90 19.74
CA THR B 38 -18.46 -6.17 20.39
C THR B 38 -18.97 -6.93 21.60
N PRO B 39 -19.77 -6.29 22.45
CA PRO B 39 -20.44 -7.01 23.50
C PRO B 39 -21.37 -8.02 22.93
N ARG B 40 -21.59 -9.08 23.67
CA ARG B 40 -22.57 -10.11 23.32
C ARG B 40 -23.89 -9.77 23.91
N TYR B 41 -23.88 -9.36 25.17
CA TYR B 41 -25.11 -9.04 25.88
C TYR B 41 -25.10 -7.66 26.46
N THR B 42 -26.18 -6.93 26.24
CA THR B 42 -26.34 -5.63 26.82
C THR B 42 -27.74 -5.51 27.48
N ILE B 43 -27.75 -5.22 28.78
CA ILE B 43 -28.97 -5.10 29.59
C ILE B 43 -28.95 -3.74 30.25
N ILE B 44 -30.01 -2.97 30.01
CA ILE B 44 -30.16 -1.68 30.59
C ILE B 44 -31.57 -1.60 31.15
N GLU B 45 -31.72 -1.76 32.45
CA GLU B 45 -33.04 -1.81 33.09
C GLU B 45 -32.92 -1.79 34.58
N ASP B 46 -34.02 -1.45 35.24
CA ASP B 46 -34.05 -1.42 36.70
C ASP B 46 -33.85 -2.86 37.23
N GLY B 47 -32.96 -3.01 38.21
CA GLY B 47 -32.68 -4.34 38.79
C GLY B 47 -31.73 -5.21 37.98
N ALA B 48 -31.15 -4.67 36.92
CA ALA B 48 -30.29 -5.47 36.04
C ALA B 48 -29.13 -6.17 36.77
N ILE B 49 -28.68 -5.62 37.90
CA ILE B 49 -27.59 -6.22 38.65
C ILE B 49 -27.90 -7.65 39.07
N ASN B 50 -29.18 -7.97 39.22
CA ASN B 50 -29.62 -9.33 39.56
C ASN B 50 -29.54 -10.33 38.45
N LYS B 51 -29.20 -9.86 37.24
CA LYS B 51 -29.03 -10.78 36.10
C LYS B 51 -27.62 -11.29 35.91
N ILE B 52 -26.69 -10.92 36.77
CA ILE B 52 -25.31 -11.38 36.59
C ILE B 52 -25.22 -12.92 36.40
N GLU B 53 -25.90 -13.68 37.28
CA GLU B 53 -25.84 -15.15 37.28
C GLU B 53 -26.38 -15.71 35.99
N GLU B 54 -27.51 -15.18 35.58
CA GLU B 54 -28.11 -15.56 34.32
C GLU B 54 -27.15 -15.35 33.15
N ILE B 55 -26.50 -14.20 33.12
CA ILE B 55 -25.60 -13.85 32.03
CA ILE B 55 -25.60 -13.84 32.03
C ILE B 55 -24.34 -14.74 32.06
N LEU B 56 -23.79 -14.94 33.24
CA LEU B 56 -22.64 -15.86 33.38
C LEU B 56 -22.97 -17.24 32.90
N LYS B 57 -24.16 -17.70 33.24
CA LYS B 57 -24.60 -18.99 32.81
C LYS B 57 -24.75 -19.06 31.29
N LYS B 58 -25.33 -18.04 30.68
CA LYS B 58 -25.42 -17.99 29.22
C LYS B 58 -24.07 -17.99 28.54
N LEU B 59 -23.08 -17.37 29.14
CA LEU B 59 -21.76 -17.33 28.55
C LEU B 59 -20.89 -18.48 28.98
N ASN B 60 -21.47 -19.41 29.71
CA ASN B 60 -20.69 -20.58 30.21
C ASN B 60 -19.45 -20.13 30.98
N LEU B 61 -19.66 -19.22 31.91
CA LEU B 61 -18.62 -18.73 32.78
C LEU B 61 -19.00 -19.03 34.22
N LYS B 62 -17.98 -19.41 35.01
CA LYS B 62 -18.19 -20.02 36.32
C LYS B 62 -17.44 -19.44 37.49
N ASN B 63 -16.40 -18.67 37.23
CA ASN B 63 -15.49 -18.26 38.28
C ASN B 63 -14.97 -16.88 38.11
N PRO B 64 -15.81 -15.89 38.38
CA PRO B 64 -15.31 -14.54 38.15
C PRO B 64 -14.57 -13.96 39.30
N LEU B 65 -13.65 -13.07 38.97
CA LEU B 65 -13.08 -12.14 39.93
C LEU B 65 -13.79 -10.78 39.79
N VAL B 66 -14.27 -10.25 40.90
CA VAL B 66 -14.93 -8.96 40.94
C VAL B 66 -13.95 -7.89 41.34
N ILE B 67 -13.92 -6.82 40.57
CA ILE B 67 -13.18 -5.63 40.90
C ILE B 67 -14.15 -4.52 41.21
N THR B 68 -13.96 -3.89 42.36
CA THR B 68 -14.83 -2.77 42.74
C THR B 68 -14.08 -1.66 43.50
N GLY B 69 -14.83 -0.64 43.92
CA GLY B 69 -14.31 0.45 44.77
C GLY B 69 -14.95 0.45 46.17
N LYS B 70 -14.35 1.22 47.09
CA LYS B 70 -14.80 1.27 48.52
C LYS B 70 -16.23 1.81 48.64
N ASN B 71 -16.52 2.82 47.85
CA ASN B 71 -17.88 3.39 47.79
C ASN B 71 -18.91 2.58 47.01
N THR B 72 -18.48 1.63 46.19
CA THR B 72 -19.42 0.84 45.40
C THR B 72 -19.53 -0.60 45.82
N LYS B 73 -18.67 -1.01 46.75
CA LYS B 73 -18.70 -2.38 47.27
C LYS B 73 -20.09 -2.79 47.74
N LYS B 74 -20.83 -1.86 48.31
CA LYS B 74 -22.18 -2.13 48.77
C LYS B 74 -23.16 -2.72 47.74
N TYR B 75 -22.84 -2.58 46.45
CA TYR B 75 -23.69 -3.16 45.41
C TYR B 75 -23.29 -4.55 44.96
N CYS B 76 -22.17 -5.04 45.48
CA CYS B 76 -21.68 -6.34 45.16
C CYS B 76 -22.38 -7.32 46.05
N ARG B 77 -23.58 -7.69 45.68
CA ARG B 77 -24.37 -8.60 46.47
C ARG B 77 -24.28 -10.03 45.92
N PHE B 78 -23.17 -10.68 46.18
N PHE B 78 -23.12 -10.62 46.17
CA PHE B 78 -22.97 -12.05 45.75
CA PHE B 78 -22.75 -11.92 45.62
C PHE B 78 -21.78 -12.60 46.48
C PHE B 78 -21.75 -12.59 46.51
N PHE B 79 -21.34 -13.80 46.15
CA PHE B 79 -20.29 -14.43 46.91
C PHE B 79 -18.99 -14.63 46.16
N TYR B 80 -18.85 -13.97 45.03
CA TYR B 80 -17.63 -14.05 44.25
C TYR B 80 -16.48 -13.43 45.00
N ASP B 81 -15.26 -13.79 44.65
CA ASP B 81 -14.11 -13.05 45.16
C ASP B 81 -14.17 -11.60 44.72
N ILE B 82 -13.84 -10.71 45.64
CA ILE B 82 -13.81 -9.29 45.38
C ILE B 82 -12.46 -8.71 45.68
N VAL B 83 -12.05 -7.74 44.89
CA VAL B 83 -10.81 -7.00 45.06
C VAL B 83 -11.03 -5.53 44.72
N TYR B 84 -10.38 -4.65 45.48
CA TYR B 84 -10.48 -3.20 45.24
C TYR B 84 -9.47 -2.77 44.21
N TYR B 85 -9.84 -1.83 43.36
CA TYR B 85 -8.96 -1.46 42.25
C TYR B 85 -7.64 -0.83 42.68
N ASP B 86 -7.61 -0.13 43.80
CA ASP B 86 -6.34 0.31 44.42
C ASP B 86 -5.29 -0.77 44.49
N GLU B 87 -5.64 -1.78 45.22
CA GLU B 87 -4.69 -2.76 45.62
C GLU B 87 -4.35 -3.73 44.43
N ILE B 88 -4.74 -3.37 43.21
CA ILE B 88 -4.20 -3.82 41.90
C ILE B 88 -3.30 -2.82 41.19
N LEU B 89 -3.68 -1.55 41.26
CA LEU B 89 -3.09 -0.50 40.43
C LEU B 89 -1.62 -0.13 40.70
N ASN B 90 -1.07 -0.54 41.83
CA ASN B 90 0.38 -0.32 42.07
C ASN B 90 1.17 -1.63 41.97
N ASN B 91 0.89 -2.56 42.86
CA ASN B 91 1.49 -3.89 42.81
C ASN B 91 1.52 -4.29 41.38
N LEU B 92 0.42 -3.95 40.71
CA LEU B 92 0.20 -4.26 39.30
C LEU B 92 0.65 -5.68 38.95
N GLU B 93 1.60 -5.81 38.03
CA GLU B 93 1.90 -7.11 37.45
C GLU B 93 2.07 -8.21 38.50
N ILE B 94 2.54 -7.83 39.68
CA ILE B 94 2.73 -8.83 40.74
C ILE B 94 1.33 -9.33 41.18
N LYS B 97 -0.21 -14.29 38.33
CA LYS B 97 -0.61 -15.70 38.58
C LYS B 97 -1.34 -15.88 39.92
N LYS B 98 -1.38 -14.81 40.67
CA LYS B 98 -2.32 -14.71 41.76
C LYS B 98 -3.80 -14.88 41.28
N TYR B 99 -4.02 -14.87 39.96
CA TYR B 99 -5.34 -14.76 39.34
C TYR B 99 -5.64 -15.81 38.30
N THR B 100 -4.85 -16.85 38.26
CA THR B 100 -4.92 -17.78 37.14
C THR B 100 -6.15 -18.64 37.15
N ALA B 101 -6.79 -18.77 38.30
CA ALA B 101 -7.98 -19.61 38.42
C ALA B 101 -9.27 -19.00 37.81
N TYR B 102 -9.36 -17.68 37.73
CA TYR B 102 -10.60 -17.01 37.31
C TYR B 102 -10.85 -17.17 35.82
N ASP B 103 -12.10 -17.38 35.41
CA ASP B 103 -12.43 -17.46 34.00
C ASP B 103 -12.99 -16.13 33.39
N CYS B 104 -13.23 -15.14 34.23
CA CYS B 104 -13.64 -13.83 33.79
C CYS B 104 -13.46 -12.82 34.90
N VAL B 105 -13.59 -11.54 34.54
CA VAL B 105 -13.53 -10.44 35.46
C VAL B 105 -14.82 -9.65 35.35
N ILE B 106 -15.34 -9.24 36.50
CA ILE B 106 -16.54 -8.42 36.55
C ILE B 106 -16.20 -7.12 37.21
N GLY B 107 -16.30 -6.03 36.47
CA GLY B 107 -16.06 -4.69 37.00
C GLY B 107 -17.36 -4.07 37.47
N ILE B 108 -17.44 -3.73 38.75
CA ILE B 108 -18.63 -3.14 39.31
C ILE B 108 -18.32 -1.82 39.93
N GLY B 109 -18.91 -0.77 39.39
CA GLY B 109 -18.72 0.55 39.97
C GLY B 109 -18.55 1.66 38.96
N GLY B 110 -17.70 2.62 39.32
CA GLY B 110 -17.41 3.78 38.50
C GLY B 110 -16.39 3.49 37.44
N GLY B 111 -16.01 4.54 36.70
CA GLY B 111 -15.09 4.43 35.58
C GLY B 111 -13.77 3.73 35.90
N ARG B 112 -13.25 3.96 37.09
CA ARG B 112 -11.97 3.37 37.52
C ARG B 112 -12.08 1.88 37.78
N SER B 113 -13.18 1.47 38.41
CA SER B 113 -13.43 0.05 38.67
C SER B 113 -13.47 -0.71 37.33
N ILE B 114 -14.22 -0.14 36.40
CA ILE B 114 -14.44 -0.77 35.13
C ILE B 114 -13.16 -0.81 34.29
N ASP B 115 -12.44 0.29 34.31
CA ASP B 115 -11.22 0.42 33.56
C ASP B 115 -10.16 -0.54 34.06
N THR B 116 -10.06 -0.66 35.36
CA THR B 116 -9.11 -1.59 35.96
C THR B 116 -9.48 -3.03 35.68
N GLY B 117 -10.76 -3.38 35.90
CA GLY B 117 -11.24 -4.75 35.58
C GLY B 117 -11.01 -5.11 34.11
N LYS B 118 -11.27 -4.14 33.26
CA LYS B 118 -11.06 -4.32 31.83
C LYS B 118 -9.59 -4.63 31.52
N TYR B 119 -8.70 -3.85 32.13
CA TYR B 119 -7.24 -4.02 31.93
C TYR B 119 -6.76 -5.37 32.45
N LEU B 120 -7.25 -5.70 33.62
CA LEU B 120 -6.89 -6.96 34.26
C LEU B 120 -7.34 -8.14 33.41
N ALA B 121 -8.57 -8.10 32.92
CA ALA B 121 -9.10 -9.16 32.04
C ALA B 121 -8.29 -9.36 30.78
N TYR B 122 -7.86 -8.25 30.20
CA TYR B 122 -6.96 -8.27 29.05
C TYR B 122 -5.62 -8.95 29.36
N LYS B 123 -5.03 -8.60 30.49
CA LYS B 123 -3.78 -9.22 30.89
C LYS B 123 -3.95 -10.72 31.13
N LEU B 124 -5.07 -11.12 31.70
CA LEU B 124 -5.33 -12.54 31.98
C LEU B 124 -5.83 -13.32 30.77
N GLY B 125 -6.13 -12.63 29.68
CA GLY B 125 -6.73 -13.26 28.51
C GLY B 125 -8.13 -13.82 28.74
N ILE B 126 -8.92 -13.18 29.58
CA ILE B 126 -10.29 -13.68 29.84
C ILE B 126 -11.35 -12.60 29.60
N PRO B 127 -12.60 -12.98 29.42
CA PRO B 127 -13.68 -12.01 29.21
C PRO B 127 -13.98 -11.06 30.38
N PHE B 128 -14.40 -9.85 30.05
CA PHE B 128 -14.72 -8.82 31.02
C PHE B 128 -16.20 -8.44 30.96
N ILE B 129 -16.82 -8.41 32.13
CA ILE B 129 -18.18 -8.02 32.26
C ILE B 129 -18.28 -6.69 32.97
N SER B 130 -19.01 -5.76 32.36
CA SER B 130 -19.07 -4.41 32.85
C SER B 130 -20.36 -4.12 33.54
N VAL B 131 -20.26 -3.68 34.79
CA VAL B 131 -21.42 -3.51 35.64
C VAL B 131 -21.41 -2.11 36.25
N PRO B 132 -21.77 -1.11 35.47
CA PRO B 132 -21.63 0.25 35.96
C PRO B 132 -22.65 0.62 37.01
N THR B 133 -22.18 1.30 38.04
CA THR B 133 -23.04 1.85 39.06
C THR B 133 -23.31 3.37 38.89
N THR B 134 -22.76 3.95 37.84
CA THR B 134 -23.10 5.31 37.44
C THR B 134 -22.99 5.45 35.92
N ALA B 135 -23.17 6.65 35.43
CA ALA B 135 -23.14 6.91 34.03
C ALA B 135 -22.31 8.13 33.76
N SER B 136 -21.02 8.05 34.07
CA SER B 136 -20.14 9.22 34.02
C SER B 136 -19.28 9.28 32.76
N ASN B 137 -19.09 8.14 32.10
CA ASN B 137 -18.23 8.08 30.94
C ASN B 137 -18.52 6.84 30.11
N ASP B 138 -18.14 6.92 28.86
CA ASP B 138 -18.31 5.84 27.90
C ASP B 138 -17.36 4.66 28.00
N GLY B 139 -16.59 4.58 29.06
CA GLY B 139 -15.76 3.43 29.32
C GLY B 139 -16.57 2.21 29.67
N ILE B 140 -17.84 2.43 29.92
N ILE B 140 -17.86 2.44 29.91
CA ILE B 140 -18.79 1.36 30.28
CA ILE B 140 -18.82 1.40 30.27
C ILE B 140 -18.80 0.23 29.29
C ILE B 140 -18.79 0.24 29.30
N ALA B 141 -18.89 0.55 28.01
CA ALA B 141 -18.97 -0.47 26.96
C ALA B 141 -17.90 -0.38 25.92
N SER B 142 -16.94 0.49 26.11
CA SER B 142 -15.90 0.66 25.10
C SER B 142 -14.77 -0.34 25.22
N PRO B 143 -14.03 -0.54 24.12
CA PRO B 143 -12.83 -1.34 24.13
C PRO B 143 -11.59 -0.59 24.60
N ILE B 144 -11.76 0.53 25.22
CA ILE B 144 -10.63 1.37 25.59
C ILE B 144 -10.22 1.19 27.02
N VAL B 145 -8.93 1.06 27.24
CA VAL B 145 -8.38 1.06 28.56
C VAL B 145 -7.62 2.36 28.72
N SER B 146 -7.94 3.06 29.79
CA SER B 146 -7.41 4.43 30.06
C SER B 146 -6.79 4.57 31.43
N ILE B 147 -6.24 3.49 31.98
CA ILE B 147 -5.57 3.56 33.27
C ILE B 147 -4.58 4.72 33.24
N ARG B 148 -3.70 4.67 32.24
CA ARG B 148 -2.69 5.70 32.02
C ARG B 148 -2.77 6.11 30.57
N GLN B 149 -2.55 7.40 30.31
CA GLN B 149 -2.38 7.82 28.93
C GLN B 149 -0.97 7.39 28.52
N PRO B 150 -0.78 7.03 27.24
CA PRO B 150 -1.85 7.00 26.27
C PRO B 150 -2.79 5.78 26.43
N SER B 151 -4.06 5.99 26.16
CA SER B 151 -5.05 4.92 26.11
C SER B 151 -4.71 3.90 25.06
N PHE B 152 -5.23 2.70 25.23
CA PHE B 152 -5.13 1.71 24.18
C PHE B 152 -6.34 0.80 24.07
N MET B 153 -6.43 0.08 22.97
CA MET B 153 -7.59 -0.75 22.68
C MET B 153 -7.43 -2.16 23.14
N VAL B 154 -8.53 -2.72 23.65
CA VAL B 154 -8.65 -4.12 24.02
C VAL B 154 -9.98 -4.60 23.48
N ASP B 155 -10.45 -5.73 23.95
CA ASP B 155 -11.78 -6.20 23.58
C ASP B 155 -12.84 -5.39 24.26
N ALA B 156 -13.94 -5.15 23.58
CA ALA B 156 -15.14 -4.68 24.24
C ALA B 156 -15.59 -5.67 25.30
N PRO B 157 -16.21 -5.16 26.37
CA PRO B 157 -16.75 -6.09 27.33
C PRO B 157 -17.67 -7.08 26.71
N ILE B 158 -17.62 -8.31 27.17
CA ILE B 158 -18.51 -9.34 26.65
C ILE B 158 -19.96 -9.13 27.08
N ALA B 159 -20.15 -8.44 28.19
CA ALA B 159 -21.47 -8.08 28.60
C ALA B 159 -21.48 -6.76 29.34
N ILE B 160 -22.58 -6.04 29.16
CA ILE B 160 -22.83 -4.78 29.86
C ILE B 160 -24.13 -4.93 30.62
N ILE B 161 -24.05 -4.77 31.92
CA ILE B 161 -25.19 -4.96 32.79
C ILE B 161 -25.40 -3.70 33.56
N ALA B 162 -26.34 -2.91 33.08
CA ALA B 162 -26.52 -1.56 33.56
C ALA B 162 -27.82 -1.40 34.31
N ASP B 163 -27.71 -1.34 35.63
CA ASP B 163 -28.88 -1.31 36.48
C ASP B 163 -29.26 0.17 36.63
N THR B 164 -30.32 0.56 35.93
CA THR B 164 -30.73 1.96 35.97
C THR B 164 -31.31 2.43 37.30
N GLU B 165 -31.71 1.51 38.15
CA GLU B 165 -32.12 1.84 39.52
C GLU B 165 -30.92 2.28 40.39
N ILE B 166 -29.84 1.55 40.31
CA ILE B 166 -28.61 1.96 40.97
C ILE B 166 -28.06 3.28 40.42
N ILE B 167 -27.97 3.35 39.10
CA ILE B 167 -27.42 4.50 38.40
C ILE B 167 -28.21 5.78 38.68
N LYS B 168 -29.50 5.64 38.77
CA LYS B 168 -30.39 6.73 39.07
C LYS B 168 -30.04 7.40 40.39
N LYS B 169 -29.57 6.61 41.34
CA LYS B 169 -29.25 7.12 42.66
C LYS B 169 -27.83 7.55 42.83
N SER B 170 -27.01 7.36 41.80
CA SER B 170 -25.62 7.77 41.94
C SER B 170 -25.46 9.30 42.10
N PRO B 171 -24.30 9.75 42.65
CA PRO B 171 -24.19 11.17 42.82
C PRO B 171 -24.47 11.95 41.56
N ARG B 172 -25.22 13.01 41.72
CA ARG B 172 -25.76 13.73 40.59
C ARG B 172 -24.64 14.25 39.69
N ARG B 173 -23.59 14.68 40.31
CA ARG B 173 -22.49 15.25 39.60
C ARG B 173 -21.94 14.31 38.50
N LEU B 174 -21.90 13.02 38.83
CA LEU B 174 -21.44 11.96 37.90
C LEU B 174 -22.37 11.82 36.69
N LEU B 175 -23.67 11.88 36.93
CA LEU B 175 -24.63 11.86 35.85
C LEU B 175 -24.53 13.09 34.93
N SER B 176 -24.19 14.22 35.51
CA SER B 176 -24.06 15.46 34.77
C SER B 176 -22.77 15.37 33.94
N ALA B 177 -21.75 14.79 34.53
CA ALA B 177 -20.51 14.56 33.82
C ALA B 177 -20.67 13.70 32.56
N GLY B 178 -21.55 12.72 32.61
CA GLY B 178 -21.81 11.85 31.45
C GLY B 178 -22.24 12.62 30.23
N MET B 179 -22.95 13.72 30.45
CA MET B 179 -23.38 14.56 29.33
C MET B 179 -22.15 15.15 28.62
N GLY B 180 -21.13 15.48 29.39
CA GLY B 180 -19.92 16.06 28.85
C GLY B 180 -19.23 15.08 27.95
N ASP B 181 -19.21 13.82 28.38
CA ASP B 181 -18.57 12.77 27.60
C ASP B 181 -19.37 12.51 26.32
N ILE B 182 -20.71 12.51 26.39
CA ILE B 182 -21.53 12.34 25.22
C ILE B 182 -21.43 13.48 24.17
N VAL B 183 -21.51 14.72 24.59
CA VAL B 183 -21.47 15.81 23.60
C VAL B 183 -20.13 15.84 22.88
N SER B 184 -19.10 15.31 23.54
CA SER B 184 -17.78 15.17 22.96
C SER B 184 -17.79 14.46 21.60
N ASN B 185 -18.74 13.58 21.39
CA ASN B 185 -18.83 12.82 20.14
C ASN B 185 -18.98 13.76 18.95
N ILE B 186 -19.61 14.92 19.19
CA ILE B 186 -19.82 15.86 18.11
C ILE B 186 -18.53 16.41 17.57
N THR B 187 -17.69 16.93 18.46
CA THR B 187 -16.38 17.44 18.05
C THR B 187 -15.39 16.35 17.65
N ALA B 188 -15.52 15.20 18.28
CA ALA B 188 -14.71 14.06 17.89
C ALA B 188 -14.96 13.72 16.43
N VAL B 189 -16.23 13.67 16.06
CA VAL B 189 -16.61 13.33 14.69
C VAL B 189 -16.23 14.41 13.71
N LEU B 190 -16.43 15.66 14.09
CA LEU B 190 -15.92 16.78 13.24
C LEU B 190 -14.41 16.69 13.05
N ASP B 191 -13.70 16.36 14.12
CA ASP B 191 -12.23 16.21 14.03
C ASP B 191 -11.84 15.02 13.13
N TRP B 192 -12.60 13.95 13.22
CA TRP B 192 -12.39 12.76 12.43
C TRP B 192 -12.53 13.04 10.95
N LYS B 193 -13.60 13.72 10.59
CA LYS B 193 -13.83 14.16 9.21
C LYS B 193 -12.69 15.07 8.72
N LEU B 194 -12.27 15.97 9.57
CA LEU B 194 -11.18 16.88 9.28
C LEU B 194 -9.88 16.12 8.99
N ALA B 195 -9.56 15.13 9.82
CA ALA B 195 -8.36 14.32 9.61
C ALA B 195 -8.47 13.48 8.33
N TYR B 196 -9.67 13.04 8.01
CA TYR B 196 -9.89 12.36 6.75
C TYR B 196 -9.54 13.29 5.58
N LYS B 197 -10.19 14.45 5.55
CA LYS B 197 -10.02 15.44 4.49
C LYS B 197 -8.55 15.89 4.35
N GLU B 198 -7.91 16.25 5.45
CA GLU B 198 -6.57 16.88 5.43
C GLU B 198 -5.39 15.92 5.54
N LYS B 199 -5.64 14.71 6.03
CA LYS B 199 -4.54 13.75 6.20
C LYS B 199 -4.83 12.36 5.67
N GLY B 200 -5.96 12.17 5.01
CA GLY B 200 -6.37 10.84 4.53
C GLY B 200 -6.41 9.76 5.61
N GLU B 201 -6.76 10.13 6.83
CA GLU B 201 -6.96 9.15 7.88
C GLU B 201 -8.20 8.27 7.59
N LYS B 202 -8.12 7.03 7.97
CA LYS B 202 -9.20 6.13 7.67
C LYS B 202 -10.46 6.62 8.38
N TYR B 203 -11.57 6.58 7.65
CA TYR B 203 -12.79 7.18 8.07
C TYR B 203 -13.97 6.31 7.70
N SER B 204 -14.97 6.27 8.58
CA SER B 204 -16.21 5.54 8.31
C SER B 204 -17.41 6.43 8.56
N GLU B 205 -18.11 6.77 7.49
CA GLU B 205 -19.22 7.69 7.55
C GLU B 205 -20.35 7.14 8.41
N SER B 206 -20.60 5.85 8.32
CA SER B 206 -21.73 5.34 9.02
C SER B 206 -21.45 5.25 10.55
N SER B 207 -20.23 4.98 10.92
CA SER B 207 -19.84 4.98 12.34
C SER B 207 -19.87 6.36 12.91
N ALA B 208 -19.31 7.30 12.16
CA ALA B 208 -19.29 8.69 12.52
C ALA B 208 -20.68 9.28 12.73
N ILE B 209 -21.57 9.01 11.80
CA ILE B 209 -22.91 9.60 11.92
C ILE B 209 -23.73 8.94 13.03
N PHE B 210 -23.46 7.67 13.26
CA PHE B 210 -24.07 6.96 14.41
C PHE B 210 -23.66 7.64 15.72
N SER B 211 -22.37 7.84 15.88
CA SER B 211 -21.85 8.48 17.07
C SER B 211 -22.43 9.88 17.28
N LYS B 212 -22.35 10.69 16.23
CA LYS B 212 -22.84 12.06 16.21
C LYS B 212 -24.33 12.15 16.55
N THR B 213 -25.09 11.25 15.95
CA THR B 213 -26.52 11.22 16.17
C THR B 213 -26.87 10.76 17.60
N ILE B 214 -26.08 9.87 18.18
CA ILE B 214 -26.32 9.49 19.56
C ILE B 214 -26.32 10.77 20.45
N ALA B 215 -25.32 11.58 20.25
CA ALA B 215 -25.16 12.81 20.98
C ALA B 215 -26.31 13.78 20.70
N LYS B 216 -26.70 13.91 19.46
CA LYS B 216 -27.77 14.82 19.10
C LYS B 216 -29.14 14.42 19.66
N GLU B 217 -29.42 13.12 19.70
CA GLU B 217 -30.63 12.56 20.29
C GLU B 217 -30.70 12.97 21.74
N LEU B 218 -29.57 12.84 22.43
CA LEU B 218 -29.57 13.07 23.83
C LEU B 218 -29.70 14.56 24.09
N ILE B 219 -29.02 15.37 23.30
CA ILE B 219 -29.07 16.83 23.47
C ILE B 219 -30.53 17.27 23.30
N SER B 220 -31.14 16.79 22.25
CA SER B 220 -32.52 17.09 21.95
C SER B 220 -33.49 16.61 23.08
N TYR B 221 -33.25 15.43 23.61
CA TYR B 221 -33.97 15.01 24.77
C TYR B 221 -33.74 15.96 26.00
N VAL B 222 -32.51 16.33 26.24
CA VAL B 222 -32.19 17.15 27.36
C VAL B 222 -32.89 18.53 27.22
N LEU B 223 -32.90 19.09 26.03
CA LEU B 223 -33.48 20.41 25.80
C LEU B 223 -35.02 20.39 25.71
N ASN B 224 -35.64 19.24 25.55
CA ASN B 224 -37.10 19.17 25.32
C ASN B 224 -37.96 18.50 26.40
N SER B 225 -37.35 17.91 27.41
CA SER B 225 -38.07 17.05 28.28
C SER B 225 -37.99 17.55 29.72
N ASP B 226 -38.75 16.89 30.60
CA ASP B 226 -38.63 17.11 32.04
C ASP B 226 -37.47 16.37 32.67
N LEU B 227 -36.70 15.65 31.86
CA LEU B 227 -35.49 14.96 32.29
C LEU B 227 -35.73 13.75 33.19
N SER B 228 -36.95 13.29 33.28
CA SER B 228 -37.27 12.19 34.19
C SER B 228 -36.66 10.86 33.73
N GLU B 229 -36.31 10.73 32.45
CA GLU B 229 -35.60 9.53 31.97
C GLU B 229 -34.14 9.84 31.56
N TYR B 230 -33.58 10.94 32.03
CA TYR B 230 -32.23 11.36 31.64
C TYR B 230 -31.18 10.25 31.90
N HIS B 231 -31.25 9.66 33.08
CA HIS B 231 -30.27 8.67 33.48
C HIS B 231 -30.31 7.47 32.53
N ASN B 232 -31.52 7.08 32.18
N ASN B 232 -31.52 7.08 32.17
CA ASN B 232 -31.75 5.98 31.30
CA ASN B 232 -31.77 5.97 31.29
C ASN B 232 -31.25 6.29 29.86
C ASN B 232 -31.25 6.28 29.87
N LYS B 233 -31.64 7.43 29.33
CA LYS B 233 -31.19 7.84 28.00
C LYS B 233 -29.68 8.13 27.92
N LEU B 234 -29.12 8.64 29.00
CA LEU B 234 -27.69 8.81 29.15
C LEU B 234 -26.91 7.47 29.08
N VAL B 235 -27.37 6.47 29.78
CA VAL B 235 -26.72 5.16 29.81
C VAL B 235 -26.78 4.58 28.41
N LYS B 236 -27.95 4.62 27.79
CA LYS B 236 -28.10 4.16 26.41
C LYS B 236 -27.14 4.87 25.48
N ALA B 237 -26.97 6.17 25.64
CA ALA B 237 -26.07 6.92 24.80
C ALA B 237 -24.61 6.48 25.04
N LEU B 238 -24.23 6.31 26.31
CA LEU B 238 -22.84 5.94 26.65
C LEU B 238 -22.49 4.58 26.09
N VAL B 239 -23.45 3.68 26.18
CA VAL B 239 -23.29 2.34 25.63
C VAL B 239 -23.19 2.37 24.08
N GLY B 240 -24.12 3.10 23.45
CA GLY B 240 -24.05 3.32 22.02
C GLY B 240 -22.67 3.84 21.59
N SER B 241 -22.14 4.75 22.37
N SER B 241 -22.13 4.76 22.36
CA SER B 241 -20.87 5.37 22.06
CA SER B 241 -20.82 5.34 22.00
C SER B 241 -19.75 4.31 22.12
C SER B 241 -19.75 4.28 22.09
N GLY B 242 -19.85 3.42 23.08
CA GLY B 242 -18.90 2.29 23.19
C GLY B 242 -18.95 1.36 21.97
N ILE B 243 -20.15 1.09 21.51
CA ILE B 243 -20.35 0.25 20.35
C ILE B 243 -19.78 0.91 19.10
N ALA B 244 -19.97 2.22 18.97
CA ALA B 244 -19.39 2.97 17.85
C ALA B 244 -17.88 2.90 17.82
N ILE B 245 -17.27 2.97 18.98
CA ILE B 245 -15.83 2.82 19.06
C ILE B 245 -15.43 1.40 18.56
N ALA B 246 -16.17 0.39 19.01
CA ALA B 246 -15.83 -1.02 18.69
C ALA B 246 -15.87 -1.26 17.22
N ILE B 247 -16.92 -0.73 16.64
CA ILE B 247 -17.20 -0.84 15.24
C ILE B 247 -16.22 -0.08 14.36
N ALA B 248 -15.75 1.07 14.81
CA ALA B 248 -14.77 1.84 14.06
C ALA B 248 -13.37 1.35 14.33
N ASN B 249 -13.24 0.50 15.33
CA ASN B 249 -11.95 0.03 15.73
C ASN B 249 -11.02 1.18 16.06
N SER B 250 -11.60 2.20 16.68
CA SER B 250 -10.88 3.42 17.02
C SER B 250 -11.71 4.25 17.95
N SER B 251 -11.09 5.00 18.84
CA SER B 251 -11.78 5.93 19.68
C SER B 251 -12.18 7.25 18.95
N ARG B 252 -11.85 7.32 17.66
CA ARG B 252 -12.15 8.49 16.84
C ARG B 252 -13.57 9.03 16.94
N PRO B 253 -14.58 8.17 16.91
CA PRO B 253 -15.94 8.72 16.95
C PRO B 253 -16.35 9.31 18.27
N ALA B 254 -15.55 9.04 19.31
CA ALA B 254 -15.88 9.47 20.66
C ALA B 254 -14.81 10.34 21.32
N SER B 255 -13.66 10.47 20.68
CA SER B 255 -12.55 11.20 21.27
C SER B 255 -11.81 12.01 20.21
N GLY B 256 -11.80 13.31 20.40
CA GLY B 256 -11.06 14.21 19.54
C GLY B 256 -10.37 15.27 20.39
N SER B 257 -10.31 16.49 19.87
CA SER B 257 -9.56 17.55 20.50
C SER B 257 -10.10 17.85 21.88
N GLU B 258 -11.41 17.72 22.06
CA GLU B 258 -12.00 17.99 23.37
C GLU B 258 -11.42 17.04 24.44
N HIS B 259 -11.23 15.79 24.07
CA HIS B 259 -10.57 14.82 24.94
C HIS B 259 -9.07 15.16 25.15
N LEU B 260 -8.42 15.62 24.09
CA LEU B 260 -7.02 16.03 24.23
C LEU B 260 -6.89 17.11 25.30
N PHE B 261 -7.80 18.06 25.23
CA PHE B 261 -7.87 19.15 26.18
C PHE B 261 -8.04 18.60 27.57
N SER B 262 -8.98 17.69 27.73
CA SER B 262 -9.19 17.10 29.04
C SER B 262 -7.94 16.35 29.54
N HIS B 263 -7.30 15.59 28.67
CA HIS B 263 -6.08 14.89 29.04
C HIS B 263 -4.99 15.89 29.45
N ALA B 264 -4.92 17.02 28.77
CA ALA B 264 -3.93 18.03 29.12
C ALA B 264 -4.21 18.58 30.49
N LEU B 265 -5.49 18.85 30.76
CA LEU B 265 -5.85 19.24 32.12
C LEU B 265 -5.33 18.22 33.14
N ASP B 266 -5.48 16.96 32.82
CA ASP B 266 -5.08 15.92 33.75
C ASP B 266 -3.60 15.96 33.99
N LYS B 267 -2.82 16.10 32.93
CA LYS B 267 -1.35 16.25 33.06
C LYS B 267 -0.99 17.41 33.99
N LEU B 268 -1.66 18.53 33.83
CA LEU B 268 -1.35 19.70 34.64
C LEU B 268 -1.77 19.56 36.11
N LYS B 269 -2.85 18.85 36.37
CA LYS B 269 -3.27 18.58 37.75
C LYS B 269 -2.16 17.82 38.45
N GLU B 270 -1.65 16.79 37.78
CA GLU B 270 -0.59 15.96 38.30
C GLU B 270 0.69 16.80 38.47
N GLU B 271 1.07 17.51 37.41
CA GLU B 271 2.29 18.32 37.42
C GLU B 271 2.32 19.35 38.54
N TYR B 272 1.30 20.19 38.61
CA TYR B 272 1.26 21.28 39.59
C TYR B 272 0.66 20.82 40.89
N ASN B 273 0.36 19.54 40.96
CA ASN B 273 -0.17 18.97 42.18
C ASN B 273 -1.40 19.73 42.65
N LEU B 274 -2.30 20.01 41.72
CA LEU B 274 -3.52 20.72 42.06
C LEU B 274 -4.44 19.76 42.74
N ASN B 275 -5.17 20.23 43.73
CA ASN B 275 -6.14 19.36 44.40
C ASN B 275 -7.51 19.77 43.91
N ILE B 276 -7.87 19.25 42.74
CA ILE B 276 -9.05 19.66 42.04
C ILE B 276 -9.81 18.42 41.61
N ASN B 277 -10.99 18.30 42.17
CA ASN B 277 -11.83 17.14 42.02
C ASN B 277 -12.69 17.18 40.75
N SER B 278 -12.17 17.66 39.64
CA SER B 278 -12.95 17.73 38.42
C SER B 278 -13.00 16.36 37.76
N LEU B 279 -14.13 16.04 37.15
CA LEU B 279 -14.31 14.76 36.48
C LEU B 279 -13.98 14.84 35.00
N HIS B 280 -13.60 13.69 34.47
CA HIS B 280 -13.30 13.50 33.06
C HIS B 280 -14.38 14.07 32.11
N GLY B 281 -15.64 13.73 32.38
CA GLY B 281 -16.74 14.18 31.55
C GLY B 281 -16.94 15.69 31.57
N GLU B 282 -16.76 16.25 32.77
CA GLU B 282 -16.88 17.69 32.96
C GLU B 282 -15.86 18.42 32.11
N GLN B 283 -14.63 17.94 32.17
CA GLN B 283 -13.55 18.52 31.39
C GLN B 283 -13.80 18.40 29.89
N CYS B 284 -14.27 17.23 29.46
CA CYS B 284 -14.59 17.02 28.07
C CYS B 284 -15.75 17.90 27.55
N GLY B 285 -16.75 18.11 28.40
CA GLY B 285 -17.88 18.98 28.06
C GLY B 285 -17.43 20.37 27.73
N ILE B 286 -16.57 20.91 28.59
CA ILE B 286 -16.04 22.25 28.42
C ILE B 286 -15.16 22.32 27.19
N GLY B 287 -14.36 21.27 27.01
CA GLY B 287 -13.54 21.15 25.83
C GLY B 287 -14.38 21.20 24.60
N THR B 288 -15.53 20.57 24.66
CA THR B 288 -16.37 20.43 23.50
C THR B 288 -16.88 21.80 23.08
N ILE B 289 -17.31 22.56 24.08
CA ILE B 289 -17.80 23.91 23.86
C ILE B 289 -16.74 24.64 23.02
N MET B 290 -15.50 24.62 23.49
CA MET B 290 -14.43 25.38 22.83
C MET B 290 -14.09 24.86 21.46
N MET B 291 -13.97 23.56 21.37
CA MET B 291 -13.52 22.96 20.09
C MET B 291 -14.61 23.12 19.03
N SER B 292 -15.85 23.06 19.45
CA SER B 292 -16.94 23.27 18.51
C SER B 292 -16.80 24.67 17.89
N TYR B 293 -16.48 25.62 18.73
CA TYR B 293 -16.35 27.00 18.31
C TYR B 293 -15.25 27.11 17.26
N LEU B 294 -14.14 26.42 17.48
CA LEU B 294 -13.09 26.39 16.46
C LEU B 294 -13.56 25.87 15.12
N HIS B 295 -14.37 24.83 15.11
CA HIS B 295 -14.91 24.31 13.87
C HIS B 295 -15.87 25.31 13.25
N GLU B 296 -16.60 26.04 14.09
CA GLU B 296 -17.53 27.05 13.60
C GLU B 296 -16.85 28.15 12.76
N LYS B 297 -15.68 28.59 13.21
CA LYS B 297 -14.87 29.59 12.50
C LYS B 297 -14.60 29.22 11.08
N GLU B 298 -14.34 27.95 10.84
CA GLU B 298 -14.08 27.46 9.47
C GLU B 298 -15.30 26.99 8.68
N ASN B 299 -16.44 26.80 9.34
CA ASN B 299 -17.62 26.32 8.68
C ASN B 299 -18.85 26.97 9.25
N LYS B 300 -19.32 27.99 8.54
CA LYS B 300 -20.38 28.82 9.07
C LYS B 300 -21.72 28.07 9.18
N LYS B 301 -21.88 26.97 8.47
CA LYS B 301 -23.08 26.10 8.57
C LYS B 301 -23.26 25.53 9.99
N LEU B 302 -22.16 25.43 10.73
CA LEU B 302 -22.20 24.96 12.09
C LEU B 302 -22.40 26.07 13.12
N SER B 303 -22.50 27.30 12.67
CA SER B 303 -22.51 28.43 13.60
C SER B 303 -23.62 28.27 14.63
N GLY B 304 -23.24 28.38 15.88
CA GLY B 304 -24.20 28.28 16.98
C GLY B 304 -24.22 26.93 17.67
N LEU B 305 -23.53 25.99 17.07
CA LEU B 305 -23.42 24.62 17.61
C LEU B 305 -22.92 24.65 19.05
N HIS B 306 -21.87 25.40 19.28
CA HIS B 306 -21.23 25.48 20.60
C HIS B 306 -22.21 25.99 21.66
N GLU B 307 -23.11 26.87 21.26
N GLU B 307 -23.12 26.87 21.26
CA GLU B 307 -24.09 27.46 22.20
CA GLU B 307 -24.08 27.47 22.20
C GLU B 307 -25.17 26.48 22.60
C GLU B 307 -25.17 26.48 22.60
N LYS B 308 -25.61 25.71 21.64
CA LYS B 308 -26.56 24.64 21.89
C LYS B 308 -25.99 23.57 22.83
N ILE B 309 -24.73 23.26 22.61
CA ILE B 309 -24.05 22.27 23.43
C ILE B 309 -23.98 22.81 24.84
N LYS B 310 -23.55 24.06 24.92
CA LYS B 310 -23.43 24.74 26.18
C LYS B 310 -24.76 24.70 26.91
N MET B 311 -25.82 25.06 26.22
CA MET B 311 -27.15 25.03 26.84
C MET B 311 -27.49 23.66 27.38
N SER B 312 -27.14 22.62 26.63
CA SER B 312 -27.51 21.27 27.02
C SER B 312 -26.77 20.89 28.25
N LEU B 313 -25.52 21.31 28.32
CA LEU B 313 -24.74 21.05 29.54
C LEU B 313 -25.32 21.77 30.78
N LYS B 314 -25.65 23.03 30.60
CA LYS B 314 -26.25 23.82 31.69
C LYS B 314 -27.57 23.20 32.15
N LYS B 315 -28.37 22.72 31.21
CA LYS B 315 -29.64 22.09 31.55
C LYS B 315 -29.53 20.86 32.48
N VAL B 316 -28.42 20.15 32.44
CA VAL B 316 -28.23 19.00 33.33
C VAL B 316 -27.26 19.34 34.43
N ASP B 317 -26.92 20.61 34.54
CA ASP B 317 -26.06 21.10 35.62
C ASP B 317 -24.60 20.68 35.52
N ALA B 318 -24.13 20.42 34.29
CA ALA B 318 -22.72 20.19 34.07
C ALA B 318 -22.04 21.54 34.05
N PRO B 319 -20.79 21.60 34.47
CA PRO B 319 -20.13 22.87 34.41
C PRO B 319 -19.83 23.30 32.98
N THR B 320 -19.88 24.60 32.75
CA THR B 320 -19.53 25.19 31.46
C THR B 320 -18.43 26.26 31.53
N THR B 321 -17.98 26.58 32.73
CA THR B 321 -16.88 27.57 32.90
C THR B 321 -15.75 27.03 33.76
N ALA B 322 -14.59 27.62 33.58
CA ALA B 322 -13.40 27.28 34.35
C ALA B 322 -13.66 27.41 35.84
N LYS B 323 -14.25 28.53 36.22
CA LYS B 323 -14.61 28.77 37.62
C LYS B 323 -15.45 27.59 38.15
N GLU B 324 -16.52 27.22 37.45
CA GLU B 324 -17.40 26.13 37.91
C GLU B 324 -16.63 24.82 38.03
N LEU B 325 -15.72 24.59 37.09
CA LEU B 325 -14.92 23.36 37.02
C LEU B 325 -13.87 23.30 38.10
N GLY B 326 -13.47 24.47 38.59
CA GLY B 326 -12.48 24.59 39.68
C GLY B 326 -11.07 24.95 39.24
N PHE B 327 -10.91 25.51 38.04
CA PHE B 327 -9.56 25.87 37.51
C PHE B 327 -9.35 27.37 37.33
N ASP B 328 -8.10 27.79 37.60
CA ASP B 328 -7.61 29.14 37.22
C ASP B 328 -7.59 29.25 35.71
N GLU B 329 -7.84 30.45 35.22
CA GLU B 329 -7.81 30.68 33.76
C GLU B 329 -6.47 30.31 33.10
N ASP B 330 -5.37 30.42 33.82
CA ASP B 330 -4.07 30.11 33.22
C ASP B 330 -3.88 28.62 32.92
N ILE B 331 -4.48 27.78 33.75
CA ILE B 331 -4.44 26.33 33.53
C ILE B 331 -5.25 25.93 32.28
N ILE B 332 -6.41 26.55 32.11
CA ILE B 332 -7.21 26.35 30.91
C ILE B 332 -6.40 26.66 29.68
N ILE B 333 -5.78 27.82 29.72
CA ILE B 333 -5.03 28.33 28.56
C ILE B 333 -3.85 27.43 28.26
N GLU B 334 -3.13 27.05 29.31
CA GLU B 334 -1.98 26.19 29.09
C GLU B 334 -2.44 24.85 28.50
N ALA B 335 -3.51 24.30 29.08
CA ALA B 335 -4.08 23.04 28.58
C ALA B 335 -4.47 23.16 27.13
N LEU B 336 -5.05 24.28 26.76
CA LEU B 336 -5.38 24.50 25.36
C LEU B 336 -4.15 24.45 24.45
N THR B 337 -3.08 25.08 24.90
CA THR B 337 -1.89 25.21 24.03
C THR B 337 -1.14 23.90 23.93
N MET B 338 -1.31 23.03 24.92
CA MET B 338 -0.60 21.73 24.89
C MET B 338 -1.39 20.55 24.34
N ALA B 339 -2.67 20.77 24.09
CA ALA B 339 -3.61 19.66 23.85
C ALA B 339 -3.29 18.87 22.58
N HIS B 340 -2.94 19.58 21.53
CA HIS B 340 -2.57 18.92 20.28
C HIS B 340 -1.35 17.98 20.39
N LYS B 341 -0.51 18.19 21.41
CA LYS B 341 0.68 17.33 21.59
C LYS B 341 0.39 16.10 22.43
N ILE B 342 -0.79 16.03 23.05
CA ILE B 342 -1.13 14.89 23.92
C ILE B 342 -1.15 13.57 23.18
N ARG B 343 -1.53 13.60 21.92
CA ARG B 343 -1.49 12.42 21.11
C ARG B 343 -1.30 12.81 19.68
N ASN B 344 -0.74 11.90 18.93
CA ASN B 344 -0.57 12.08 17.52
C ASN B 344 -1.84 11.83 16.73
N ARG B 345 -2.78 12.78 16.85
CA ARG B 345 -4.12 12.63 16.28
C ARG B 345 -4.59 13.98 15.79
N TRP B 346 -4.78 14.09 14.50
CA TRP B 346 -5.01 15.37 13.93
C TRP B 346 -6.40 15.83 14.26
N THR B 347 -6.48 17.09 14.68
CA THR B 347 -7.74 17.73 15.03
C THR B 347 -7.76 19.18 14.58
N ILE B 348 -8.89 19.85 14.83
CA ILE B 348 -9.05 21.26 14.52
C ILE B 348 -7.93 22.11 15.17
N LEU B 349 -7.32 21.61 16.22
CA LEU B 349 -6.17 22.30 16.81
C LEU B 349 -4.94 22.35 15.90
N ARG B 350 -4.91 21.46 14.92
CA ARG B 350 -3.83 21.33 13.96
C ARG B 350 -2.48 21.31 14.64
N ASP B 351 -1.60 22.25 14.33
CA ASP B 351 -0.26 22.23 14.95
C ASP B 351 -0.20 23.03 16.22
N GLY B 352 -1.34 23.53 16.68
CA GLY B 352 -1.43 24.08 18.02
C GLY B 352 -1.80 25.56 18.13
N LEU B 353 -2.42 25.87 19.25
CA LEU B 353 -2.86 27.22 19.57
C LEU B 353 -1.77 27.97 20.27
N SER B 354 -1.61 29.21 19.92
CA SER B 354 -0.78 30.11 20.70
C SER B 354 -1.49 30.44 21.99
N ARG B 355 -0.76 30.95 22.93
CA ARG B 355 -1.32 31.42 24.18
C ARG B 355 -2.40 32.47 23.97
N GLU B 356 -2.14 33.40 23.06
CA GLU B 356 -3.09 34.46 22.76
C GLU B 356 -4.35 33.89 22.13
N GLU B 357 -4.20 33.01 21.15
CA GLU B 357 -5.36 32.32 20.54
C GLU B 357 -6.23 31.56 21.57
N ALA B 358 -5.54 30.84 22.44
CA ALA B 358 -6.17 30.05 23.50
C ALA B 358 -7.02 30.92 24.40
N ARG B 359 -6.48 32.09 24.74
CA ARG B 359 -7.15 33.02 25.64
C ARG B 359 -8.38 33.60 24.94
N LYS B 360 -8.23 33.98 23.69
CA LYS B 360 -9.35 34.50 22.89
C LYS B 360 -10.49 33.47 22.78
N LEU B 361 -10.13 32.22 22.51
CA LEU B 361 -11.06 31.11 22.41
C LEU B 361 -11.84 30.92 23.70
N ALA B 362 -11.12 30.77 24.79
CA ALA B 362 -11.74 30.60 26.12
C ALA B 362 -12.61 31.81 26.52
N GLU B 363 -12.17 32.98 26.09
CA GLU B 363 -12.94 34.22 26.34
C GLU B 363 -14.22 34.28 25.51
N GLU B 364 -14.06 34.05 24.22
CA GLU B 364 -15.17 34.16 23.31
C GLU B 364 -16.25 33.12 23.54
N THR B 365 -15.93 32.01 24.23
CA THR B 365 -16.92 30.94 24.51
C THR B 365 -17.47 31.00 25.92
N GLY B 366 -16.97 31.94 26.69
CA GLY B 366 -17.42 32.17 28.05
C GLY B 366 -16.85 31.21 29.06
N VAL B 367 -15.81 30.49 28.68
CA VAL B 367 -15.19 29.52 29.60
C VAL B 367 -14.41 30.26 30.69
N ILE B 368 -13.78 31.34 30.24
CA ILE B 368 -13.17 32.31 31.14
C ILE B 368 -13.70 33.70 30.83
N ILE C 35 34.56 -0.52 -27.82
CA ILE C 35 33.56 -1.58 -27.49
C ILE C 35 33.30 -1.70 -25.97
N ILE C 36 32.03 -1.79 -25.60
CA ILE C 36 31.62 -2.02 -24.22
CA ILE C 36 31.62 -1.99 -24.22
C ILE C 36 31.13 -3.45 -24.12
N VAL C 37 31.71 -4.21 -23.20
CA VAL C 37 31.32 -5.59 -22.95
C VAL C 37 30.70 -5.71 -21.57
N THR C 38 29.46 -6.15 -21.54
CA THR C 38 28.70 -6.30 -20.32
C THR C 38 28.16 -7.71 -20.12
N PRO C 39 27.68 -8.03 -18.89
CA PRO C 39 27.04 -9.31 -18.74
C PRO C 39 25.78 -9.42 -19.54
N ARG C 40 25.47 -10.62 -19.98
CA ARG C 40 24.25 -10.90 -20.72
C ARG C 40 23.14 -11.23 -19.75
N TYR C 41 23.46 -12.06 -18.78
CA TYR C 41 22.45 -12.46 -17.78
C TYR C 41 22.92 -12.21 -16.35
N THR C 42 22.02 -11.68 -15.54
CA THR C 42 22.31 -11.43 -14.11
C THR C 42 21.16 -11.95 -13.28
N ILE C 43 21.47 -12.86 -12.37
CA ILE C 43 20.48 -13.48 -11.48
C ILE C 43 20.96 -13.31 -10.05
N ILE C 44 20.13 -12.73 -9.25
CA ILE C 44 20.44 -12.53 -7.85
C ILE C 44 19.19 -12.95 -7.10
N GLU C 45 19.23 -14.14 -6.50
CA GLU C 45 18.07 -14.67 -5.79
C GLU C 45 18.44 -15.92 -5.01
N ASP C 46 17.60 -16.27 -4.05
CA ASP C 46 17.81 -17.50 -3.28
C ASP C 46 17.69 -18.72 -4.21
N GLY C 47 18.66 -19.61 -4.12
CA GLY C 47 18.68 -20.79 -4.99
C GLY C 47 19.18 -20.60 -6.40
N ALA C 48 19.74 -19.43 -6.69
CA ALA C 48 20.20 -19.13 -8.07
C ALA C 48 21.21 -20.11 -8.58
N ILE C 49 21.96 -20.77 -7.70
CA ILE C 49 22.95 -21.73 -8.15
C ILE C 49 22.35 -22.82 -9.02
N ASN C 50 21.08 -23.13 -8.78
CA ASN C 50 20.34 -24.17 -9.56
C ASN C 50 19.97 -23.77 -10.98
N LYS C 51 20.24 -22.51 -11.31
CA LYS C 51 19.98 -21.97 -12.62
C LYS C 51 21.20 -22.00 -13.58
N ILE C 52 22.32 -22.54 -13.16
CA ILE C 52 23.48 -22.68 -14.04
C ILE C 52 23.15 -23.31 -15.39
N GLU C 53 22.47 -24.44 -15.35
CA GLU C 53 22.19 -25.18 -16.55
C GLU C 53 21.27 -24.38 -17.48
N GLU C 54 20.24 -23.77 -16.90
CA GLU C 54 19.33 -22.94 -17.68
C GLU C 54 20.11 -21.83 -18.41
N ILE C 55 21.06 -21.24 -17.71
CA ILE C 55 21.82 -20.16 -18.26
C ILE C 55 22.79 -20.63 -19.34
N LEU C 56 23.49 -21.72 -19.04
CA LEU C 56 24.32 -22.37 -20.06
C LEU C 56 23.53 -22.71 -21.32
N LYS C 57 22.33 -23.19 -21.15
CA LYS C 57 21.53 -23.54 -22.31
C LYS C 57 21.16 -22.31 -23.11
N LYS C 58 20.76 -21.26 -22.43
CA LYS C 58 20.44 -20.02 -23.12
C LYS C 58 21.63 -19.47 -23.88
N LEU C 59 22.84 -19.67 -23.37
CA LEU C 59 24.02 -19.18 -24.05
C LEU C 59 24.61 -20.20 -25.00
N ASN C 60 23.91 -21.30 -25.19
CA ASN C 60 24.39 -22.35 -26.08
C ASN C 60 25.81 -22.80 -25.71
N LEU C 61 26.00 -23.09 -24.43
CA LEU C 61 27.25 -23.60 -23.90
C LEU C 61 27.04 -24.98 -23.28
N LYS C 62 28.02 -25.87 -23.41
CA LYS C 62 27.81 -27.29 -23.02
C LYS C 62 28.87 -27.98 -22.23
N ASN C 63 30.06 -27.43 -22.19
CA ASN C 63 31.16 -28.08 -21.50
C ASN C 63 32.05 -27.12 -20.70
N PRO C 64 31.57 -26.68 -19.55
CA PRO C 64 32.33 -25.75 -18.71
C PRO C 64 33.37 -26.43 -17.86
N LEU C 65 34.46 -25.73 -17.67
CA LEU C 65 35.44 -26.04 -16.65
C LEU C 65 35.11 -25.18 -15.43
N VAL C 66 34.92 -25.83 -14.29
CA VAL C 66 34.59 -25.15 -13.05
C VAL C 66 35.87 -24.92 -12.28
N ILE C 67 36.07 -23.69 -11.87
CA ILE C 67 37.16 -23.31 -10.96
C ILE C 67 36.58 -22.97 -9.58
N THR C 68 37.09 -23.61 -8.53
CA THR C 68 36.59 -23.39 -7.19
C THR C 68 37.70 -23.49 -6.15
N GLY C 69 37.31 -23.31 -4.90
CA GLY C 69 38.22 -23.43 -3.74
C GLY C 69 37.85 -24.64 -2.88
N LYS C 70 38.76 -25.03 -1.99
CA LYS C 70 38.54 -26.21 -1.12
C LYS C 70 37.35 -26.01 -0.19
N ASN C 71 37.21 -24.79 0.32
CA ASN C 71 36.07 -24.45 1.19
C ASN C 71 34.76 -24.23 0.47
N THR C 72 34.81 -24.04 -0.84
CA THR C 72 33.59 -23.77 -1.60
C THR C 72 33.15 -24.91 -2.49
N LYS C 73 33.98 -25.92 -2.60
CA LYS C 73 33.67 -27.07 -3.43
C LYS C 73 32.32 -27.69 -3.10
N LYS C 74 31.93 -27.68 -1.83
CA LYS C 74 30.64 -28.23 -1.39
C LYS C 74 29.43 -27.65 -2.10
N TYR C 75 29.59 -26.48 -2.75
CA TYR C 75 28.46 -25.88 -3.47
C TYR C 75 28.38 -26.32 -4.92
N CYS C 76 29.38 -27.08 -5.37
CA CYS C 76 29.46 -27.58 -6.75
C CYS C 76 28.73 -28.90 -6.93
N ARG C 77 27.44 -28.86 -7.07
CA ARG C 77 26.63 -30.04 -7.23
C ARG C 77 26.19 -30.24 -8.68
N PHE C 78 27.07 -30.83 -9.45
CA PHE C 78 26.80 -31.08 -10.87
C PHE C 78 27.91 -31.94 -11.43
N PHE C 79 27.87 -32.25 -12.72
CA PHE C 79 28.80 -33.22 -13.36
C PHE C 79 30.06 -32.62 -13.98
N TYR C 80 30.17 -31.30 -14.00
CA TYR C 80 31.19 -30.64 -14.75
C TYR C 80 32.55 -30.92 -14.13
N ASP C 81 33.60 -30.85 -14.93
CA ASP C 81 34.95 -30.94 -14.38
C ASP C 81 35.23 -29.78 -13.45
N ILE C 82 35.94 -30.08 -12.36
CA ILE C 82 36.29 -29.10 -11.34
C ILE C 82 37.77 -29.08 -11.06
N VAL C 83 38.28 -27.89 -10.85
CA VAL C 83 39.66 -27.63 -10.56
C VAL C 83 39.76 -26.54 -9.50
N TYR C 84 40.70 -26.69 -8.58
CA TYR C 84 40.95 -25.67 -7.57
C TYR C 84 41.87 -24.60 -8.12
N TYR C 85 41.66 -23.37 -7.70
CA TYR C 85 42.45 -22.28 -8.28
C TYR C 85 43.95 -22.37 -8.00
N ASP C 86 44.32 -22.94 -6.88
CA ASP C 86 45.74 -23.18 -6.62
C ASP C 86 46.42 -23.81 -7.80
N GLU C 87 45.85 -24.94 -8.20
CA GLU C 87 46.47 -25.84 -9.18
C GLU C 87 46.53 -25.29 -10.59
N ILE C 88 46.57 -23.98 -10.69
CA ILE C 88 46.62 -23.31 -11.97
C ILE C 88 47.33 -21.96 -11.78
N LEU C 89 47.31 -21.44 -10.55
CA LEU C 89 48.01 -20.21 -10.18
C LEU C 89 49.54 -20.40 -10.17
N ASN C 90 49.95 -21.65 -10.33
CA ASN C 90 51.33 -21.95 -10.59
C ASN C 90 51.71 -22.36 -11.97
N ASN C 91 51.20 -23.50 -12.37
CA ASN C 91 51.85 -24.33 -13.35
C ASN C 91 51.16 -24.46 -14.67
N LEU C 92 51.70 -23.84 -15.70
CA LEU C 92 51.23 -24.06 -17.05
C LEU C 92 51.73 -25.41 -17.55
N LYS C 97 47.10 -25.57 -22.15
CA LYS C 97 46.60 -26.16 -23.40
C LYS C 97 45.99 -27.57 -23.27
N LYS C 98 45.86 -28.06 -22.04
CA LYS C 98 45.01 -29.19 -21.69
C LYS C 98 43.55 -28.75 -21.50
N TYR C 99 43.17 -27.62 -22.08
CA TYR C 99 41.90 -26.99 -21.77
C TYR C 99 41.00 -26.80 -22.96
N THR C 100 41.45 -27.32 -24.09
CA THR C 100 40.81 -27.14 -25.36
C THR C 100 39.40 -27.68 -25.38
N ALA C 101 39.09 -28.64 -24.54
CA ALA C 101 37.77 -29.27 -24.54
C ALA C 101 36.63 -28.40 -23.98
N TYR C 102 36.96 -27.42 -23.17
CA TYR C 102 35.97 -26.56 -22.56
C TYR C 102 35.49 -25.37 -23.40
N ASP C 103 34.19 -25.13 -23.38
CA ASP C 103 33.64 -23.98 -24.10
C ASP C 103 33.32 -22.76 -23.22
N CYS C 104 33.52 -22.93 -21.91
CA CYS C 104 33.41 -21.79 -20.97
C CYS C 104 34.01 -22.16 -19.66
N VAL C 105 34.17 -21.15 -18.81
CA VAL C 105 34.69 -21.33 -17.47
C VAL C 105 33.65 -20.82 -16.52
N ILE C 106 33.47 -21.54 -15.43
CA ILE C 106 32.57 -21.11 -14.39
C ILE C 106 33.35 -20.96 -13.10
N GLY C 107 33.43 -19.75 -12.57
CA GLY C 107 34.08 -19.50 -11.30
C GLY C 107 33.06 -19.59 -10.18
N ILE C 108 33.27 -20.51 -9.24
CA ILE C 108 32.36 -20.67 -8.11
C ILE C 108 33.11 -20.50 -6.80
N GLY C 109 32.74 -19.49 -6.04
CA GLY C 109 33.39 -19.26 -4.78
C GLY C 109 33.68 -17.83 -4.45
N GLY C 110 34.76 -17.66 -3.71
CA GLY C 110 35.25 -16.36 -3.31
C GLY C 110 35.92 -15.59 -4.41
N GLY C 111 36.42 -14.42 -4.04
CA GLY C 111 37.05 -13.52 -4.98
C GLY C 111 38.19 -14.12 -5.76
N ARG C 112 38.96 -15.00 -5.13
CA ARG C 112 40.06 -15.64 -5.81
C ARG C 112 39.62 -16.67 -6.86
N SER C 113 38.58 -17.43 -6.56
CA SER C 113 38.07 -18.41 -7.49
C SER C 113 37.63 -17.69 -8.74
N ILE C 114 36.95 -16.59 -8.53
CA ILE C 114 36.35 -15.83 -9.56
C ILE C 114 37.41 -15.16 -10.42
N ASP C 115 38.34 -14.53 -9.74
CA ASP C 115 39.43 -13.85 -10.38
C ASP C 115 40.25 -14.81 -11.24
N THR C 116 40.47 -16.02 -10.73
CA THR C 116 41.24 -17.02 -11.46
C THR C 116 40.49 -17.57 -12.66
N GLY C 117 39.24 -17.95 -12.44
CA GLY C 117 38.38 -18.36 -13.55
C GLY C 117 38.30 -17.29 -14.67
N LYS C 118 38.16 -16.05 -14.26
CA LYS C 118 38.03 -14.92 -15.18
C LYS C 118 39.29 -14.80 -16.02
N TYR C 119 40.44 -14.91 -15.36
CA TYR C 119 41.72 -14.84 -16.05
C TYR C 119 41.91 -16.03 -17.03
N LEU C 120 41.57 -17.20 -16.55
CA LEU C 120 41.71 -18.40 -17.34
C LEU C 120 40.83 -18.34 -18.59
N ALA C 121 39.59 -17.93 -18.41
CA ALA C 121 38.67 -17.78 -19.52
C ALA C 121 39.18 -16.81 -20.59
N TYR C 122 39.74 -15.73 -20.14
CA TYR C 122 40.37 -14.76 -21.01
C TYR C 122 41.51 -15.40 -21.79
N LYS C 123 42.34 -16.18 -21.12
CA LYS C 123 43.45 -16.84 -21.79
C LYS C 123 43.00 -17.87 -22.81
N LEU C 124 41.92 -18.56 -22.52
CA LEU C 124 41.34 -19.53 -23.43
C LEU C 124 40.46 -18.91 -24.53
N GLY C 125 40.16 -17.64 -24.42
CA GLY C 125 39.25 -17.02 -25.34
C GLY C 125 37.83 -17.52 -25.27
N ILE C 126 37.36 -17.89 -24.09
CA ILE C 126 36.01 -18.40 -23.96
C ILE C 126 35.25 -17.61 -22.87
N PRO C 127 33.93 -17.70 -22.88
CA PRO C 127 33.15 -16.93 -21.90
C PRO C 127 33.33 -17.37 -20.45
N PHE C 128 33.25 -16.42 -19.55
CA PHE C 128 33.32 -16.65 -18.12
C PHE C 128 31.96 -16.42 -17.45
N ILE C 129 31.56 -17.37 -16.64
CA ILE C 129 30.34 -17.25 -15.84
C ILE C 129 30.73 -17.13 -14.38
N SER C 130 30.23 -16.09 -13.71
CA SER C 130 30.62 -15.81 -12.32
C SER C 130 29.56 -16.28 -11.33
N VAL C 131 29.96 -17.10 -10.37
CA VAL C 131 29.05 -17.71 -9.42
C VAL C 131 29.59 -17.46 -8.01
N PRO C 132 29.45 -16.24 -7.50
CA PRO C 132 29.98 -15.94 -6.20
C PRO C 132 29.28 -16.65 -5.03
N THR C 133 30.06 -17.16 -4.10
CA THR C 133 29.53 -17.74 -2.88
C THR C 133 29.68 -16.79 -1.65
N THR C 134 30.24 -15.59 -1.89
CA THR C 134 30.22 -14.50 -0.90
C THR C 134 30.07 -13.13 -1.59
N ALA C 135 30.16 -12.07 -0.80
CA ALA C 135 30.00 -10.74 -1.28
C ALA C 135 31.09 -9.82 -0.73
N SER C 136 32.31 -10.07 -1.13
CA SER C 136 33.46 -9.44 -0.50
C SER C 136 34.09 -8.31 -1.28
N ASN C 137 33.76 -8.24 -2.55
CA ASN C 137 34.18 -7.12 -3.39
C ASN C 137 33.56 -7.19 -4.75
N ASP C 138 33.82 -6.16 -5.53
CA ASP C 138 33.13 -6.01 -6.81
C ASP C 138 33.73 -6.71 -8.01
N GLY C 139 34.67 -7.63 -7.78
CA GLY C 139 35.19 -8.51 -8.80
C GLY C 139 34.15 -9.47 -9.34
N ILE C 140 33.05 -9.58 -8.63
CA ILE C 140 31.98 -10.48 -9.01
C ILE C 140 31.48 -10.31 -10.42
N ALA C 141 31.27 -9.06 -10.79
CA ALA C 141 30.73 -8.74 -12.13
C ALA C 141 31.59 -7.79 -12.90
N SER C 142 32.77 -7.49 -12.40
CA SER C 142 33.60 -6.51 -13.08
C SER C 142 34.45 -7.15 -14.17
N PRO C 143 34.95 -6.33 -15.10
CA PRO C 143 35.88 -6.76 -16.09
C PRO C 143 37.33 -6.74 -15.62
N ILE C 144 37.55 -6.60 -14.34
CA ILE C 144 38.88 -6.49 -13.80
C ILE C 144 39.45 -7.83 -13.33
N VAL C 145 40.69 -8.07 -13.70
CA VAL C 145 41.43 -9.19 -13.21
C VAL C 145 42.52 -8.65 -12.30
N SER C 146 42.58 -9.20 -11.10
CA SER C 146 43.43 -8.72 -10.04
C SER C 146 44.31 -9.80 -9.43
N ILE C 147 44.65 -10.81 -10.20
CA ILE C 147 45.54 -11.84 -9.68
C ILE C 147 46.80 -11.19 -9.15
N ARG C 148 47.39 -10.37 -10.01
CA ARG C 148 48.62 -9.63 -9.73
C ARG C 148 48.39 -8.17 -9.92
N GLN C 149 49.01 -7.37 -9.06
CA GLN C 149 49.09 -5.94 -9.32
C GLN C 149 50.15 -5.76 -10.40
N PRO C 150 49.92 -4.83 -11.35
CA PRO C 150 48.69 -4.06 -11.35
C PRO C 150 47.58 -4.84 -12.07
N SER C 151 46.36 -4.53 -11.70
CA SER C 151 45.24 -5.20 -12.28
C SER C 151 45.04 -4.75 -13.72
N PHE C 152 44.33 -5.55 -14.50
CA PHE C 152 44.00 -5.20 -15.89
C PHE C 152 42.60 -5.63 -16.31
N MET C 153 42.17 -5.10 -17.44
CA MET C 153 40.81 -5.26 -17.89
C MET C 153 40.65 -6.37 -18.90
N VAL C 154 39.55 -7.11 -18.77
CA VAL C 154 39.17 -8.16 -19.68
C VAL C 154 37.68 -7.98 -19.95
N ASP C 155 37.02 -8.99 -20.45
CA ASP C 155 35.55 -8.94 -20.60
C ASP C 155 34.85 -9.10 -19.26
N ALA C 156 33.77 -8.38 -19.07
CA ALA C 156 32.88 -8.67 -18.00
C ALA C 156 32.36 -10.11 -18.15
N PRO C 157 32.07 -10.77 -17.04
CA PRO C 157 31.48 -12.09 -17.12
C PRO C 157 30.20 -12.11 -17.96
N ILE C 158 30.00 -13.17 -18.75
CA ILE C 158 28.85 -13.26 -19.62
C ILE C 158 27.59 -13.49 -18.80
N ALA C 159 27.77 -14.01 -17.60
CA ALA C 159 26.66 -14.19 -16.68
C ALA C 159 27.12 -14.09 -15.24
N ILE C 160 26.24 -13.57 -14.42
CA ILE C 160 26.43 -13.50 -12.97
C ILE C 160 25.29 -14.23 -12.32
N ILE C 161 25.62 -15.24 -11.57
CA ILE C 161 24.63 -16.07 -10.92
C ILE C 161 24.90 -16.05 -9.42
N ALA C 162 24.18 -15.18 -8.74
CA ALA C 162 24.46 -14.89 -7.35
C ALA C 162 23.35 -15.43 -6.45
N ASP C 163 23.68 -16.51 -5.78
CA ASP C 163 22.73 -17.22 -4.94
C ASP C 163 22.79 -16.59 -3.55
N THR C 164 21.78 -15.82 -3.23
CA THR C 164 21.78 -15.10 -1.97
C THR C 164 21.58 -15.98 -0.73
N GLU C 165 21.05 -17.18 -0.92
CA GLU C 165 20.97 -18.18 0.15
C GLU C 165 22.38 -18.66 0.56
N ILE C 166 23.21 -18.96 -0.42
CA ILE C 166 24.58 -19.34 -0.14
C ILE C 166 25.37 -18.18 0.46
N ILE C 167 25.26 -17.03 -0.17
CA ILE C 167 26.00 -15.84 0.24
C ILE C 167 25.69 -15.43 1.69
N LYS C 168 24.43 -15.60 2.05
CA LYS C 168 23.94 -15.28 3.37
C LYS C 168 24.70 -16.01 4.45
N LYS C 169 25.15 -17.23 4.15
CA LYS C 169 25.83 -18.05 5.15
C LYS C 169 27.34 -18.06 4.96
N SER C 170 27.88 -17.18 4.11
CA SER C 170 29.36 -17.02 4.05
C SER C 170 29.96 -16.37 5.32
N PRO C 171 31.27 -16.50 5.52
CA PRO C 171 31.83 -15.88 6.72
C PRO C 171 31.51 -14.38 6.81
N ARG C 172 31.10 -13.95 8.00
CA ARG C 172 30.60 -12.61 8.22
C ARG C 172 31.65 -11.56 7.88
N ARG C 173 32.90 -11.86 8.15
CA ARG C 173 33.95 -10.94 7.92
C ARG C 173 34.03 -10.49 6.45
N LEU C 174 33.80 -11.45 5.55
CA LEU C 174 33.76 -11.23 4.12
C LEU C 174 32.61 -10.32 3.71
N LEU C 175 31.43 -10.57 4.26
CA LEU C 175 30.28 -9.67 4.02
C LEU C 175 30.51 -8.26 4.54
N SER C 176 31.25 -8.13 5.64
CA SER C 176 31.55 -6.82 6.22
C SER C 176 32.55 -6.12 5.30
N ALA C 177 33.49 -6.87 4.79
CA ALA C 177 34.52 -6.33 3.85
C ALA C 177 33.91 -5.79 2.55
N GLY C 178 32.86 -6.40 2.07
CA GLY C 178 32.11 -5.91 0.92
C GLY C 178 31.68 -4.46 1.06
N MET C 179 31.29 -4.08 2.27
CA MET C 179 30.82 -2.72 2.54
C MET C 179 31.97 -1.74 2.26
N GLY C 180 33.16 -2.14 2.62
CA GLY C 180 34.34 -1.35 2.42
C GLY C 180 34.58 -1.10 0.95
N ASP C 181 34.45 -2.15 0.15
CA ASP C 181 34.62 -2.03 -1.30
C ASP C 181 33.50 -1.11 -1.89
N ILE C 182 32.24 -1.28 -1.45
CA ILE C 182 31.16 -0.41 -1.91
C ILE C 182 31.27 1.08 -1.57
N VAL C 183 31.50 1.39 -0.29
CA VAL C 183 31.63 2.82 0.07
C VAL C 183 32.75 3.52 -0.70
N SER C 184 33.76 2.75 -1.09
CA SER C 184 34.83 3.27 -1.93
C SER C 184 34.34 4.04 -3.15
N ASN C 185 33.19 3.63 -3.69
CA ASN C 185 32.67 4.25 -4.93
C ASN C 185 32.49 5.73 -4.74
N ILE C 186 32.17 6.11 -3.53
CA ILE C 186 31.93 7.53 -3.22
C ILE C 186 33.15 8.38 -3.42
N THR C 187 34.25 8.00 -2.79
CA THR C 187 35.49 8.70 -3.02
C THR C 187 36.04 8.50 -4.41
N ALA C 188 35.80 7.33 -5.00
CA ALA C 188 36.26 7.08 -6.37
C ALA C 188 35.63 8.06 -7.32
N VAL C 189 34.34 8.25 -7.16
CA VAL C 189 33.60 9.18 -8.00
C VAL C 189 34.00 10.63 -7.73
N LEU C 190 34.15 11.00 -6.46
CA LEU C 190 34.66 12.36 -6.12
C LEU C 190 36.02 12.60 -6.73
N ASP C 191 36.87 11.59 -6.67
CA ASP C 191 38.19 11.71 -7.31
C ASP C 191 38.08 11.85 -8.83
N TRP C 192 37.14 11.11 -9.41
CA TRP C 192 36.95 11.09 -10.88
C TRP C 192 36.55 12.45 -11.35
N LYS C 193 35.60 13.04 -10.67
CA LYS C 193 35.15 14.40 -10.95
C LYS C 193 36.32 15.37 -10.80
N LEU C 194 37.09 15.18 -9.75
CA LEU C 194 38.21 16.04 -9.50
C LEU C 194 39.21 16.00 -10.65
N ALA C 195 39.49 14.80 -11.14
CA ALA C 195 40.43 14.64 -12.23
C ALA C 195 39.89 15.23 -13.51
N TYR C 196 38.57 15.18 -13.66
CA TYR C 196 37.94 15.83 -14.79
C TYR C 196 38.19 17.34 -14.73
N LYS C 197 37.82 17.95 -13.61
CA LYS C 197 37.94 19.39 -13.37
C LYS C 197 39.39 19.87 -13.51
N GLU C 198 40.34 19.19 -12.85
CA GLU C 198 41.73 19.66 -12.76
C GLU C 198 42.68 19.14 -13.84
N LYS C 199 42.33 18.06 -14.51
CA LYS C 199 43.20 17.48 -15.53
C LYS C 199 42.51 17.12 -16.86
N GLY C 200 41.25 17.52 -17.02
CA GLY C 200 40.45 17.14 -18.20
C GLY C 200 40.44 15.65 -18.52
N GLU C 201 40.47 14.81 -17.49
CA GLU C 201 40.32 13.38 -17.70
C GLU C 201 38.90 13.08 -18.18
N LYS C 202 38.77 12.09 -19.03
CA LYS C 202 37.45 11.84 -19.53
C LYS C 202 36.53 11.28 -18.45
N TYR C 203 35.32 11.79 -18.48
CA TYR C 203 34.41 11.65 -17.40
C TYR C 203 33.03 11.38 -17.93
N SER C 204 32.30 10.54 -17.23
CA SER C 204 30.91 10.29 -17.59
C SER C 204 30.05 10.49 -16.38
N GLU C 205 29.25 11.53 -16.43
CA GLU C 205 28.39 11.90 -15.33
C GLU C 205 27.42 10.80 -15.02
N SER C 206 26.88 10.17 -16.03
CA SER C 206 25.80 9.25 -15.75
C SER C 206 26.36 7.94 -15.15
N SER C 207 27.54 7.53 -15.55
CA SER C 207 28.19 6.35 -14.94
C SER C 207 28.56 6.63 -13.51
N ALA C 208 29.11 7.82 -13.30
CA ALA C 208 29.57 8.24 -11.98
C ALA C 208 28.41 8.32 -11.00
N ILE C 209 27.32 8.93 -11.41
CA ILE C 209 26.22 9.07 -10.48
C ILE C 209 25.54 7.70 -10.20
N PHE C 210 25.57 6.84 -11.19
CA PHE C 210 25.03 5.49 -11.03
C PHE C 210 25.82 4.80 -9.93
N SER C 211 27.15 4.81 -10.07
CA SER C 211 28.05 4.20 -9.09
C SER C 211 27.86 4.79 -7.70
N LYS C 212 27.89 6.10 -7.62
CA LYS C 212 27.74 6.81 -6.35
C LYS C 212 26.44 6.51 -5.65
N THR C 213 25.38 6.46 -6.44
CA THR C 213 24.06 6.21 -5.92
C THR C 213 23.93 4.78 -5.40
N ILE C 214 24.56 3.84 -6.08
CA ILE C 214 24.59 2.48 -5.62
C ILE C 214 25.09 2.47 -4.16
N ALA C 215 26.19 3.16 -3.94
CA ALA C 215 26.80 3.20 -2.63
C ALA C 215 25.93 3.96 -1.63
N LYS C 216 25.37 5.08 -2.03
CA LYS C 216 24.57 5.88 -1.12
C LYS C 216 23.34 5.13 -0.65
N GLU C 217 22.73 4.37 -1.55
CA GLU C 217 21.56 3.60 -1.16
C GLU C 217 21.92 2.54 -0.17
N LEU C 218 23.09 1.95 -0.31
CA LEU C 218 23.44 0.86 0.59
C LEU C 218 23.80 1.45 1.95
N ILE C 219 24.50 2.58 1.95
CA ILE C 219 24.82 3.24 3.20
C ILE C 219 23.55 3.59 3.95
N SER C 220 22.63 4.19 3.22
CA SER C 220 21.36 4.62 3.77
C SER C 220 20.58 3.42 4.30
N TYR C 221 20.58 2.33 3.57
CA TYR C 221 19.99 1.08 4.07
C TYR C 221 20.66 0.57 5.36
N VAL C 222 21.96 0.59 5.37
CA VAL C 222 22.70 0.09 6.52
C VAL C 222 22.37 0.93 7.74
N LEU C 223 22.30 2.23 7.57
CA LEU C 223 22.09 3.15 8.68
C LEU C 223 20.66 3.22 9.17
N ASN C 224 19.72 2.70 8.40
CA ASN C 224 18.30 2.85 8.75
C ASN C 224 17.45 1.57 8.78
N SER C 225 18.07 0.42 8.83
CA SER C 225 17.31 -0.81 8.80
C SER C 225 17.77 -1.73 9.91
N ASP C 226 17.06 -2.84 10.06
CA ASP C 226 17.52 -3.95 10.93
C ASP C 226 18.59 -4.84 10.30
N LEU C 227 18.98 -4.50 9.08
CA LEU C 227 20.03 -5.23 8.35
C LEU C 227 19.65 -6.63 7.89
N SER C 228 18.38 -6.98 7.93
CA SER C 228 17.98 -8.35 7.63
C SER C 228 18.17 -8.72 6.15
N GLU C 229 18.21 -7.72 5.27
CA GLU C 229 18.48 -7.94 3.84
C GLU C 229 19.85 -7.39 3.39
N TYR C 230 20.74 -7.19 4.33
CA TYR C 230 22.06 -6.64 4.04
C TYR C 230 22.80 -7.41 2.95
N HIS C 231 22.82 -8.72 3.09
CA HIS C 231 23.57 -9.55 2.15
C HIS C 231 23.02 -9.39 0.74
N ASN C 232 21.70 -9.29 0.63
N ASN C 232 21.71 -9.30 0.64
CA ASN C 232 21.04 -9.11 -0.67
CA ASN C 232 21.06 -9.14 -0.64
C ASN C 232 21.40 -7.77 -1.30
C ASN C 232 21.38 -7.79 -1.28
N LYS C 233 21.23 -6.72 -0.51
CA LYS C 233 21.46 -5.38 -1.02
C LYS C 233 22.93 -5.15 -1.31
N LEU C 234 23.80 -5.79 -0.53
CA LEU C 234 25.22 -5.75 -0.77
C LEU C 234 25.58 -6.37 -2.14
N VAL C 235 24.98 -7.51 -2.43
CA VAL C 235 25.27 -8.20 -3.68
C VAL C 235 24.83 -7.37 -4.87
N LYS C 236 23.62 -6.85 -4.77
CA LYS C 236 23.10 -5.93 -5.80
C LYS C 236 24.04 -4.76 -6.00
N ALA C 237 24.56 -4.23 -4.92
CA ALA C 237 25.45 -3.12 -5.01
C ALA C 237 26.78 -3.48 -5.68
N LEU C 238 27.32 -4.63 -5.30
CA LEU C 238 28.59 -5.08 -5.88
C LEU C 238 28.46 -5.35 -7.38
N VAL C 239 27.35 -5.95 -7.77
CA VAL C 239 27.08 -6.23 -9.18
C VAL C 239 26.88 -4.94 -9.96
N GLY C 240 26.06 -4.05 -9.42
CA GLY C 240 25.92 -2.68 -9.99
C GLY C 240 27.27 -2.00 -10.24
N SER C 241 28.16 -2.16 -9.28
CA SER C 241 29.45 -1.52 -9.33
C SER C 241 30.24 -2.11 -10.49
N GLY C 242 30.13 -3.42 -10.66
CA GLY C 242 30.78 -4.07 -11.80
C GLY C 242 30.29 -3.57 -13.13
N ILE C 243 28.98 -3.44 -13.25
CA ILE C 243 28.35 -3.04 -14.47
C ILE C 243 28.86 -1.65 -14.80
N ALA C 244 28.98 -0.82 -13.76
CA ALA C 244 29.45 0.56 -13.91
C ALA C 244 30.87 0.63 -14.42
N ILE C 245 31.72 -0.27 -13.95
CA ILE C 245 33.09 -0.32 -14.42
C ILE C 245 33.10 -0.69 -15.94
N ALA C 246 32.26 -1.64 -16.32
CA ALA C 246 32.17 -2.09 -17.74
C ALA C 246 31.73 -0.97 -18.65
N ILE C 247 30.70 -0.29 -18.20
CA ILE C 247 30.11 0.83 -18.92
C ILE C 247 31.04 2.06 -19.06
N ALA C 248 31.85 2.32 -18.04
CA ALA C 248 32.80 3.42 -18.09
C ALA C 248 34.07 2.99 -18.74
N ASN C 249 34.20 1.68 -18.94
CA ASN C 249 35.42 1.14 -19.52
C ASN C 249 36.66 1.50 -18.70
N SER C 250 36.46 1.57 -17.39
CA SER C 250 37.46 2.07 -16.47
C SER C 250 37.02 1.74 -15.06
N SER C 251 37.98 1.47 -14.21
CA SER C 251 37.70 1.24 -12.79
C SER C 251 37.42 2.55 -12.03
N ARG C 252 37.49 3.68 -12.74
CA ARG C 252 37.27 5.02 -12.14
C ARG C 252 36.04 5.16 -11.23
N PRO C 253 34.89 4.65 -11.65
CA PRO C 253 33.73 4.80 -10.78
C PRO C 253 33.76 3.98 -9.49
N ALA C 254 34.70 3.05 -9.41
CA ALA C 254 34.78 2.13 -8.27
C ALA C 254 36.13 2.16 -7.57
N SER C 255 37.10 2.86 -8.11
CA SER C 255 38.45 2.84 -7.58
C SER C 255 39.10 4.22 -7.70
N GLY C 256 39.45 4.78 -6.55
CA GLY C 256 40.16 6.06 -6.50
C GLY C 256 41.25 5.99 -5.44
N SER C 257 41.42 7.11 -4.74
CA SER C 257 42.51 7.25 -3.77
C SER C 257 42.44 6.23 -2.66
N GLU C 258 41.23 5.87 -2.30
CA GLU C 258 41.02 4.86 -1.26
C GLU C 258 41.57 3.50 -1.68
N HIS C 259 41.39 3.15 -2.94
CA HIS C 259 42.03 1.98 -3.49
C HIS C 259 43.55 2.13 -3.58
N LEU C 260 44.03 3.30 -3.96
CA LEU C 260 45.48 3.52 -4.02
C LEU C 260 46.10 3.24 -2.65
N PHE C 261 45.42 3.72 -1.63
CA PHE C 261 45.82 3.49 -0.24
C PHE C 261 45.85 2.00 0.11
N SER C 262 44.78 1.30 -0.22
CA SER C 262 44.74 -0.15 -0.03
C SER C 262 45.88 -0.86 -0.80
N HIS C 263 46.13 -0.45 -2.03
CA HIS C 263 47.25 -1.06 -2.80
C HIS C 263 48.62 -0.76 -2.15
N ALA C 264 48.79 0.45 -1.65
CA ALA C 264 49.99 0.80 -0.93
C ALA C 264 50.16 -0.09 0.30
N LEU C 265 49.07 -0.30 1.05
CA LEU C 265 49.15 -1.24 2.18
C LEU C 265 49.64 -2.60 1.71
N ASP C 266 49.10 -3.07 0.61
CA ASP C 266 49.52 -4.36 0.07
C ASP C 266 51.03 -4.38 -0.23
N LYS C 267 51.53 -3.35 -0.89
CA LYS C 267 52.95 -3.25 -1.21
C LYS C 267 53.81 -3.30 0.05
N LEU C 268 53.40 -2.58 1.07
CA LEU C 268 54.10 -2.59 2.36
C LEU C 268 54.03 -3.92 3.12
N LYS C 269 52.92 -4.63 3.00
CA LYS C 269 52.83 -5.96 3.63
C LYS C 269 53.94 -6.80 3.07
N GLU C 270 54.04 -6.79 1.75
CA GLU C 270 55.03 -7.60 1.05
C GLU C 270 56.46 -7.16 1.38
N GLU C 271 56.68 -5.85 1.32
CA GLU C 271 58.01 -5.30 1.52
C GLU C 271 58.56 -5.49 2.94
N TYR C 272 57.73 -5.32 3.95
CA TYR C 272 58.15 -5.53 5.34
C TYR C 272 57.91 -6.97 5.78
N ASN C 273 57.35 -7.77 4.90
CA ASN C 273 57.07 -9.14 5.23
C ASN C 273 56.17 -9.26 6.45
N LEU C 274 55.13 -8.45 6.49
CA LEU C 274 54.16 -8.50 7.58
C LEU C 274 53.23 -9.68 7.41
N ASN C 275 52.85 -10.31 8.51
CA ASN C 275 51.89 -11.40 8.48
C ASN C 275 50.55 -10.93 9.03
N ILE C 276 49.75 -10.36 8.14
CA ILE C 276 48.53 -9.65 8.51
C ILE C 276 47.42 -10.04 7.57
N ASN C 277 46.39 -10.62 8.12
CA ASN C 277 45.28 -11.18 7.35
C ASN C 277 44.17 -10.17 6.94
N SER C 278 44.53 -8.93 6.64
CA SER C 278 43.52 -7.91 6.29
C SER C 278 42.99 -8.09 4.87
N LEU C 279 41.69 -7.90 4.70
CA LEU C 279 41.02 -8.04 3.40
C LEU C 279 41.01 -6.72 2.62
N HIS C 280 40.97 -6.86 1.31
CA HIS C 280 40.94 -5.77 0.36
C HIS C 280 39.87 -4.76 0.69
N GLY C 281 38.65 -5.24 0.91
CA GLY C 281 37.51 -4.41 1.24
C GLY C 281 37.74 -3.61 2.53
N GLU C 282 38.33 -4.26 3.53
CA GLU C 282 38.54 -3.64 4.85
C GLU C 282 39.51 -2.48 4.73
N GLN C 283 40.56 -2.71 3.98
CA GLN C 283 41.53 -1.67 3.69
C GLN C 283 40.91 -0.51 2.93
N CYS C 284 40.10 -0.84 1.91
CA CYS C 284 39.43 0.20 1.11
C CYS C 284 38.42 1.05 1.96
N GLY C 285 37.71 0.39 2.86
CA GLY C 285 36.77 1.06 3.73
C GLY C 285 37.46 2.14 4.57
N ILE C 286 38.56 1.75 5.18
CA ILE C 286 39.35 2.67 5.99
C ILE C 286 39.90 3.77 5.12
N GLY C 287 40.34 3.39 3.95
CA GLY C 287 40.86 4.39 2.99
C GLY C 287 39.79 5.41 2.68
N THR C 288 38.57 4.92 2.58
CA THR C 288 37.48 5.77 2.17
C THR C 288 37.21 6.81 3.24
N ILE C 289 37.24 6.35 4.48
CA ILE C 289 37.06 7.22 5.64
C ILE C 289 37.98 8.40 5.52
N MET C 290 39.24 8.10 5.32
CA MET C 290 40.24 9.16 5.24
C MET C 290 40.10 10.05 4.02
N MET C 291 39.94 9.44 2.86
CA MET C 291 39.88 10.20 1.62
C MET C 291 38.61 11.06 1.56
N SER C 292 37.53 10.54 2.10
CA SER C 292 36.27 11.34 2.09
C SER C 292 36.45 12.61 2.98
N TYR C 293 37.18 12.45 4.06
CA TYR C 293 37.57 13.59 4.89
C TYR C 293 38.33 14.63 4.10
N LEU C 294 39.32 14.19 3.32
CA LEU C 294 40.06 15.12 2.47
C LEU C 294 39.14 15.90 1.56
N HIS C 295 38.17 15.22 0.97
CA HIS C 295 37.20 15.91 0.09
C HIS C 295 36.31 16.87 0.88
N GLU C 296 35.96 16.48 2.09
CA GLU C 296 35.19 17.36 2.99
C GLU C 296 35.81 18.72 3.29
N LYS C 297 37.08 18.72 3.62
CA LYS C 297 37.85 19.95 3.80
C LYS C 297 37.69 20.94 2.65
N GLU C 298 37.70 20.45 1.42
CA GLU C 298 37.62 21.32 0.27
C GLU C 298 36.21 21.67 -0.13
N ASN C 299 35.24 20.98 0.43
CA ASN C 299 33.90 21.05 -0.10
C ASN C 299 32.90 20.93 1.02
N LYS C 300 32.49 22.08 1.55
CA LYS C 300 31.72 22.12 2.77
C LYS C 300 30.35 21.52 2.58
N LYS C 301 29.90 21.39 1.34
CA LYS C 301 28.62 20.77 1.05
C LYS C 301 28.62 19.29 1.41
N LEU C 302 29.79 18.70 1.54
CA LEU C 302 29.91 17.29 1.91
C LEU C 302 30.14 17.10 3.41
N SER C 303 30.03 18.17 4.19
CA SER C 303 30.28 18.08 5.62
C SER C 303 29.55 16.90 6.24
N GLY C 304 30.32 16.11 6.98
CA GLY C 304 29.76 14.93 7.63
C GLY C 304 29.93 13.61 6.89
N LEU C 305 30.32 13.68 5.63
CA LEU C 305 30.36 12.49 4.76
C LEU C 305 31.19 11.37 5.39
N HIS C 306 32.37 11.72 5.86
CA HIS C 306 33.29 10.72 6.34
C HIS C 306 32.73 10.05 7.56
N GLU C 307 31.96 10.79 8.33
CA GLU C 307 31.39 10.29 9.55
C GLU C 307 30.31 9.28 9.23
N LYS C 308 29.48 9.60 8.24
CA LYS C 308 28.42 8.71 7.79
C LYS C 308 29.02 7.38 7.26
N ILE C 309 30.10 7.49 6.53
CA ILE C 309 30.75 6.32 5.95
C ILE C 309 31.30 5.46 7.06
N LYS C 310 31.98 6.12 7.99
CA LYS C 310 32.49 5.47 9.19
C LYS C 310 31.40 4.74 9.97
N MET C 311 30.31 5.44 10.21
CA MET C 311 29.19 4.88 10.95
C MET C 311 28.65 3.65 10.24
N SER C 312 28.62 3.72 8.90
CA SER C 312 28.05 2.67 8.11
C SER C 312 28.93 1.46 8.22
N LEU C 313 30.23 1.67 8.20
CA LEU C 313 31.15 0.55 8.32
C LEU C 313 31.00 -0.11 9.70
N LYS C 314 30.93 0.71 10.75
CA LYS C 314 30.80 0.21 12.14
C LYS C 314 29.54 -0.57 12.27
N LYS C 315 28.49 -0.07 11.66
CA LYS C 315 27.21 -0.74 11.74
C LYS C 315 27.23 -2.20 11.20
N VAL C 316 28.08 -2.51 10.24
CA VAL C 316 28.14 -3.89 9.70
C VAL C 316 29.38 -4.59 10.21
N ASP C 317 30.05 -3.96 11.16
CA ASP C 317 31.20 -4.56 11.80
C ASP C 317 32.46 -4.61 10.97
N ALA C 318 32.58 -3.72 10.01
CA ALA C 318 33.82 -3.58 9.26
C ALA C 318 34.81 -2.78 10.10
N PRO C 319 36.11 -3.06 10.00
CA PRO C 319 37.01 -2.26 10.79
C PRO C 319 37.07 -0.82 10.32
N THR C 320 37.32 0.07 11.27
CA THR C 320 37.48 1.50 11.01
C THR C 320 38.75 2.11 11.58
N THR C 321 39.56 1.31 12.24
CA THR C 321 40.85 1.80 12.75
C THR C 321 41.99 0.86 12.35
N ALA C 322 43.18 1.44 12.36
CA ALA C 322 44.40 0.71 12.11
C ALA C 322 44.51 -0.50 13.03
N LYS C 323 44.30 -0.25 14.31
CA LYS C 323 44.38 -1.30 15.33
C LYS C 323 43.48 -2.46 14.91
N GLU C 324 42.22 -2.16 14.58
CA GLU C 324 41.26 -3.21 14.21
C GLU C 324 41.69 -3.99 12.98
N LEU C 325 42.26 -3.25 12.04
CA LEU C 325 42.68 -3.80 10.75
C LEU C 325 43.96 -4.63 10.91
N GLY C 326 44.74 -4.34 11.94
CA GLY C 326 45.92 -5.12 12.31
C GLY C 326 47.25 -4.46 11.98
N PHE C 327 47.23 -3.15 11.76
CA PHE C 327 48.44 -2.38 11.37
C PHE C 327 48.93 -1.39 12.41
N ASP C 328 50.25 -1.26 12.47
CA ASP C 328 50.95 -0.18 13.15
C ASP C 328 50.66 1.16 12.51
N GLU C 329 50.65 2.21 13.30
CA GLU C 329 50.35 3.52 12.76
C GLU C 329 51.34 3.99 11.71
N ASP C 330 52.58 3.58 11.83
CA ASP C 330 53.55 4.08 10.87
C ASP C 330 53.32 3.51 9.48
N ILE C 331 52.77 2.30 9.42
CA ILE C 331 52.45 1.69 8.14
C ILE C 331 51.31 2.44 7.44
N ILE C 332 50.29 2.78 8.21
CA ILE C 332 49.18 3.57 7.69
C ILE C 332 49.72 4.85 7.09
N ILE C 333 50.57 5.53 7.84
CA ILE C 333 51.11 6.82 7.45
C ILE C 333 51.96 6.70 6.19
N GLU C 334 52.82 5.70 6.17
CA GLU C 334 53.66 5.47 5.01
C GLU C 334 52.78 5.17 3.77
N ALA C 335 51.79 4.31 3.94
CA ALA C 335 50.86 3.97 2.87
C ALA C 335 50.16 5.23 2.33
N LEU C 336 49.78 6.13 3.23
CA LEU C 336 49.18 7.40 2.84
C LEU C 336 50.11 8.25 1.98
N THR C 337 51.38 8.31 2.36
CA THR C 337 52.31 9.18 1.64
C THR C 337 52.73 8.60 0.29
N MET C 338 52.62 7.28 0.15
CA MET C 338 53.00 6.65 -1.12
C MET C 338 51.84 6.39 -2.08
N ALA C 339 50.61 6.59 -1.63
CA ALA C 339 49.44 6.11 -2.35
C ALA C 339 49.30 6.75 -3.74
N HIS C 340 49.55 8.03 -3.81
CA HIS C 340 49.44 8.76 -5.07
C HIS C 340 50.42 8.26 -6.15
N LYS C 341 51.46 7.57 -5.74
CA LYS C 341 52.45 7.03 -6.70
C LYS C 341 52.09 5.68 -7.22
N ILE C 342 51.15 5.03 -6.58
CA ILE C 342 50.80 3.64 -6.92
C ILE C 342 50.32 3.55 -8.37
N ARG C 343 49.79 4.65 -8.89
CA ARG C 343 49.28 4.62 -10.23
C ARG C 343 49.21 6.02 -10.73
N ASN C 344 49.34 6.18 -12.03
CA ASN C 344 49.11 7.47 -12.64
C ASN C 344 47.62 7.78 -12.74
N ARG C 345 47.02 8.12 -11.61
CA ARG C 345 45.63 8.41 -11.56
C ARG C 345 45.40 9.57 -10.59
N TRP C 346 44.96 10.71 -11.10
CA TRP C 346 44.84 11.90 -10.27
C TRP C 346 43.68 11.78 -9.31
N THR C 347 43.94 12.14 -8.06
CA THR C 347 42.95 12.07 -6.98
C THR C 347 43.09 13.29 -6.05
N ILE C 348 42.24 13.34 -5.04
CA ILE C 348 42.33 14.30 -3.95
C ILE C 348 43.72 14.35 -3.29
N LEU C 349 44.46 13.25 -3.36
CA LEU C 349 45.86 13.23 -2.93
C LEU C 349 46.78 14.15 -3.76
N ARG C 350 46.36 14.47 -4.96
CA ARG C 350 47.12 15.28 -5.91
C ARG C 350 48.58 14.81 -5.99
N ASP C 351 49.53 15.67 -5.63
CA ASP C 351 50.95 15.34 -5.74
C ASP C 351 51.52 14.75 -4.50
N GLY C 352 50.66 14.49 -3.52
CA GLY C 352 51.02 13.63 -2.42
C GLY C 352 50.99 14.31 -1.07
N LEU C 353 50.74 13.48 -0.07
CA LEU C 353 50.69 13.92 1.30
C LEU C 353 52.06 13.87 1.90
N SER C 354 52.39 14.90 2.66
CA SER C 354 53.57 14.87 3.48
C SER C 354 53.30 13.91 4.64
N ARG C 355 54.38 13.47 5.27
CA ARG C 355 54.29 12.60 6.43
C ARG C 355 53.44 13.26 7.53
N GLU C 356 53.63 14.55 7.71
CA GLU C 356 52.92 15.29 8.75
C GLU C 356 51.43 15.35 8.40
N GLU C 357 51.13 15.70 7.15
CA GLU C 357 49.73 15.73 6.66
C GLU C 357 49.03 14.38 6.82
N ALA C 358 49.74 13.31 6.50
CA ALA C 358 49.22 11.95 6.61
C ALA C 358 48.83 11.58 8.03
N ARG C 359 49.69 11.99 8.96
CA ARG C 359 49.50 11.70 10.39
C ARG C 359 48.32 12.48 10.89
N LYS C 360 48.22 13.73 10.48
CA LYS C 360 47.09 14.58 10.88
C LYS C 360 45.76 14.00 10.40
N LEU C 361 45.76 13.58 9.14
CA LEU C 361 44.59 12.99 8.52
C LEU C 361 44.13 11.74 9.26
N ALA C 362 45.06 10.80 9.45
CA ALA C 362 44.78 9.56 10.15
C ALA C 362 44.35 9.81 11.63
N GLU C 363 44.92 10.85 12.21
CA GLU C 363 44.53 11.28 13.55
C GLU C 363 43.12 11.88 13.55
N GLU C 364 42.91 12.83 12.68
CA GLU C 364 41.63 13.54 12.60
C GLU C 364 40.46 12.65 12.35
N THR C 365 40.71 11.51 11.71
CA THR C 365 39.60 10.58 11.30
C THR C 365 39.43 9.41 12.22
N GLY C 366 40.29 9.36 13.21
CA GLY C 366 40.24 8.30 14.23
C GLY C 366 40.82 6.99 13.79
N VAL C 367 41.55 7.01 12.69
CA VAL C 367 42.12 5.75 12.13
C VAL C 367 43.27 5.32 13.02
N ILE C 368 44.01 6.32 13.46
CA ILE C 368 45.02 6.16 14.51
C ILE C 368 44.77 7.15 15.65
N MET D 34 15.13 -11.42 -8.96
CA MET D 34 15.99 -10.42 -9.62
C MET D 34 16.75 -11.00 -10.82
N ILE D 35 16.14 -10.94 -12.02
CA ILE D 35 16.69 -11.54 -13.29
C ILE D 35 16.78 -10.51 -14.45
N ILE D 36 18.01 -10.17 -14.86
CA ILE D 36 18.25 -9.03 -15.74
C ILE D 36 18.99 -9.42 -17.01
N VAL D 37 18.43 -9.05 -18.17
CA VAL D 37 19.01 -9.38 -19.46
C VAL D 37 19.45 -8.09 -20.11
N THR D 38 20.73 -8.00 -20.37
CA THR D 38 21.36 -6.86 -20.96
C THR D 38 22.09 -7.25 -22.24
N PRO D 39 22.46 -6.25 -23.08
CA PRO D 39 23.34 -6.54 -24.19
C PRO D 39 24.67 -7.07 -23.73
N ARG D 40 25.29 -7.91 -24.55
CA ARG D 40 26.61 -8.42 -24.29
C ARG D 40 27.66 -7.48 -24.88
N TYR D 41 27.41 -7.04 -26.09
CA TYR D 41 28.34 -6.18 -26.79
C TYR D 41 27.68 -4.90 -27.27
N THR D 42 28.36 -3.80 -27.04
CA THR D 42 27.88 -2.51 -27.49
C THR D 42 29.03 -1.76 -28.18
N ILE D 43 28.81 -1.37 -29.42
CA ILE D 43 29.81 -0.70 -30.26
C ILE D 43 29.19 0.56 -30.81
N ILE D 44 29.80 1.67 -30.50
CA ILE D 44 29.35 2.95 -30.93
C ILE D 44 30.56 3.73 -31.47
N GLU D 45 30.71 3.76 -32.79
CA GLU D 45 31.88 4.35 -33.44
C GLU D 45 31.71 4.39 -34.94
N ASP D 46 32.53 5.20 -35.59
CA ASP D 46 32.48 5.32 -37.07
C ASP D 46 32.93 4.01 -37.72
N GLY D 47 32.17 3.55 -38.69
CA GLY D 47 32.45 2.27 -39.34
C GLY D 47 32.02 1.02 -38.62
N ALA D 48 31.28 1.17 -37.51
CA ALA D 48 30.90 0.01 -36.70
C ALA D 48 30.16 -1.08 -37.49
N ILE D 49 29.49 -0.70 -38.56
CA ILE D 49 28.72 -1.67 -39.35
C ILE D 49 29.58 -2.81 -39.87
N ASN D 50 30.85 -2.51 -40.08
CA ASN D 50 31.86 -3.50 -40.50
C ASN D 50 32.29 -4.54 -39.48
N LYS D 51 31.82 -4.36 -38.25
CA LYS D 51 32.09 -5.27 -37.17
C LYS D 51 31.03 -6.37 -36.97
N ILE D 52 30.00 -6.39 -37.81
CA ILE D 52 28.98 -7.41 -37.67
C ILE D 52 29.59 -8.85 -37.60
N GLU D 53 30.49 -9.17 -38.53
CA GLU D 53 31.05 -10.53 -38.63
C GLU D 53 31.83 -10.88 -37.38
N GLU D 54 32.64 -9.94 -36.95
CA GLU D 54 33.43 -10.06 -35.75
C GLU D 54 32.51 -10.41 -34.56
N ILE D 55 31.41 -9.70 -34.46
CA ILE D 55 30.51 -9.86 -33.34
C ILE D 55 29.80 -11.21 -33.41
N LEU D 56 29.31 -11.54 -34.59
CA LEU D 56 28.65 -12.84 -34.80
C LEU D 56 29.57 -13.98 -34.48
N LYS D 57 30.82 -13.83 -34.87
CA LYS D 57 31.80 -14.82 -34.55
C LYS D 57 32.01 -14.95 -33.02
N LYS D 58 32.15 -13.85 -32.33
CA LYS D 58 32.30 -13.87 -30.90
C LYS D 58 31.11 -14.51 -30.20
N LEU D 59 29.93 -14.33 -30.73
CA LEU D 59 28.72 -14.90 -30.13
C LEU D 59 28.43 -16.28 -30.67
N ASN D 60 29.33 -16.82 -31.49
CA ASN D 60 29.12 -18.15 -32.08
C ASN D 60 27.76 -18.25 -32.79
N LEU D 61 27.50 -17.27 -33.64
CA LEU D 61 26.31 -17.22 -34.41
C LEU D 61 26.71 -17.24 -35.87
N LYS D 62 25.94 -17.94 -36.69
CA LYS D 62 26.38 -18.33 -38.04
C LYS D 62 25.43 -18.04 -39.18
N ASN D 63 24.17 -17.86 -38.85
CA ASN D 63 23.13 -17.82 -39.86
C ASN D 63 22.04 -16.78 -39.55
N PRO D 64 22.36 -15.49 -39.71
CA PRO D 64 21.36 -14.51 -39.38
C PRO D 64 20.38 -14.24 -40.49
N LEU D 65 19.17 -13.90 -40.11
CA LEU D 65 18.20 -13.26 -40.98
C LEU D 65 18.22 -11.72 -40.73
N VAL D 66 18.39 -10.96 -41.80
CA VAL D 66 18.45 -9.53 -41.71
C VAL D 66 17.08 -8.97 -42.00
N ILE D 67 16.62 -8.07 -41.14
CA ILE D 67 15.41 -7.30 -41.34
C ILE D 67 15.75 -5.86 -41.57
N THR D 68 15.24 -5.28 -42.65
CA THR D 68 15.56 -3.87 -42.97
C THR D 68 14.40 -3.15 -43.63
N GLY D 69 14.62 -1.89 -43.98
CA GLY D 69 13.67 -1.10 -44.75
C GLY D 69 14.17 -0.78 -46.17
N LYS D 70 13.26 -0.31 -47.04
CA LYS D 70 13.59 0.04 -48.46
C LYS D 70 14.61 1.18 -48.53
N ASN D 71 14.48 2.14 -47.62
CA ASN D 71 15.40 3.26 -47.53
C ASN D 71 16.72 2.96 -46.83
N THR D 72 16.79 1.87 -46.10
CA THR D 72 18.01 1.50 -45.36
C THR D 72 18.75 0.30 -45.92
N LYS D 73 18.14 -0.38 -46.88
CA LYS D 73 18.75 -1.54 -47.54
C LYS D 73 20.18 -1.24 -48.04
N LYS D 74 20.42 -0.04 -48.53
CA LYS D 74 21.74 0.33 -49.02
C LYS D 74 22.89 0.15 -48.04
N TYR D 75 22.59 0.05 -46.75
CA TYR D 75 23.61 -0.15 -45.75
C TYR D 75 23.87 -1.62 -45.40
N CYS D 76 23.09 -2.51 -45.99
CA CYS D 76 23.27 -3.94 -45.82
C CYS D 76 24.30 -4.47 -46.79
N ARG D 77 25.56 -4.25 -46.48
CA ARG D 77 26.64 -4.67 -47.34
C ARG D 77 27.19 -6.02 -46.88
N PHE D 78 26.47 -7.07 -47.20
CA PHE D 78 26.88 -8.42 -46.86
C PHE D 78 25.94 -9.37 -47.55
N PHE D 79 26.14 -10.63 -47.34
CA PHE D 79 25.45 -11.60 -48.14
C PHE D 79 24.46 -12.44 -47.37
N TYR D 80 24.06 -11.97 -46.20
CA TYR D 80 23.02 -12.65 -45.42
C TYR D 80 21.68 -12.52 -46.11
N ASP D 81 20.76 -13.41 -45.80
CA ASP D 81 19.37 -13.19 -46.28
C ASP D 81 18.80 -11.91 -45.72
N ILE D 82 18.06 -11.19 -46.55
CA ILE D 82 17.43 -9.93 -46.18
C ILE D 82 15.95 -9.97 -46.46
N VAL D 83 15.20 -9.36 -45.56
CA VAL D 83 13.75 -9.24 -45.67
C VAL D 83 13.35 -7.85 -45.20
N TYR D 84 12.37 -7.26 -45.86
CA TYR D 84 11.85 -5.96 -45.47
C TYR D 84 10.77 -6.10 -44.41
N TYR D 85 10.72 -5.18 -43.47
CA TYR D 85 9.78 -5.34 -42.34
C TYR D 85 8.30 -5.34 -42.75
N ASP D 86 7.91 -4.67 -43.81
CA ASP D 86 6.54 -4.79 -44.28
C ASP D 86 6.17 -6.25 -44.52
N GLU D 87 6.87 -6.87 -45.46
CA GLU D 87 6.51 -8.21 -45.91
C GLU D 87 6.17 -9.12 -44.70
N ILE D 88 6.86 -8.89 -43.59
CA ILE D 88 6.60 -9.61 -42.34
C ILE D 88 5.32 -9.15 -41.67
N LEU D 89 5.21 -7.84 -41.51
CA LEU D 89 4.15 -7.21 -40.72
C LEU D 89 2.73 -7.44 -41.27
N ASN D 90 2.63 -7.74 -42.56
CA ASN D 90 1.32 -7.98 -43.19
C ASN D 90 0.77 -9.36 -42.95
N ASN D 91 1.70 -10.27 -42.78
CA ASN D 91 1.43 -11.61 -43.16
C ASN D 91 2.32 -12.57 -42.41
N LEU D 92 2.36 -12.38 -41.10
CA LEU D 92 3.08 -13.32 -40.24
C LEU D 92 2.12 -14.32 -39.61
N LYS D 97 6.45 -19.52 -39.99
CA LYS D 97 7.87 -19.71 -39.77
C LYS D 97 8.53 -20.50 -40.89
N LYS D 98 8.83 -19.76 -41.96
CA LYS D 98 9.79 -20.18 -42.98
C LYS D 98 11.20 -19.80 -42.47
N TYR D 99 11.36 -19.73 -41.16
CA TYR D 99 12.51 -19.09 -40.53
C TYR D 99 13.27 -20.01 -39.63
N THR D 100 12.80 -21.24 -39.53
CA THR D 100 13.32 -22.20 -38.56
C THR D 100 14.83 -22.31 -38.56
N ALA D 101 15.44 -22.01 -39.69
CA ALA D 101 16.87 -22.23 -39.91
C ALA D 101 17.82 -21.19 -39.30
N TYR D 102 17.36 -19.96 -39.15
CA TYR D 102 18.23 -18.86 -38.72
C TYR D 102 18.59 -19.01 -37.22
N ASP D 103 19.81 -18.70 -36.86
CA ASP D 103 20.20 -18.72 -35.46
C ASP D 103 20.17 -17.33 -34.78
N CYS D 104 19.87 -16.29 -35.56
CA CYS D 104 19.69 -14.96 -35.00
C CYS D 104 19.05 -14.05 -36.02
N VAL D 105 18.63 -12.88 -35.54
CA VAL D 105 18.05 -11.84 -36.37
C VAL D 105 18.88 -10.58 -36.19
N ILE D 106 19.12 -9.89 -37.30
CA ILE D 106 19.82 -8.63 -37.28
C ILE D 106 18.89 -7.61 -37.82
N GLY D 107 18.55 -6.63 -37.00
CA GLY D 107 17.73 -5.50 -37.45
C GLY D 107 18.62 -4.37 -37.87
N ILE D 108 18.49 -3.94 -39.12
CA ILE D 108 19.28 -2.81 -39.63
C ILE D 108 18.37 -1.70 -40.13
N GLY D 109 18.46 -0.55 -39.51
CA GLY D 109 17.68 0.59 -39.98
C GLY D 109 17.10 1.46 -38.89
N GLY D 110 15.92 1.99 -39.18
CA GLY D 110 15.19 2.83 -38.25
C GLY D 110 14.40 2.03 -37.21
N GLY D 111 13.63 2.75 -36.40
CA GLY D 111 12.91 2.18 -35.28
C GLY D 111 12.04 0.98 -35.64
N ARG D 112 11.40 1.04 -36.79
CA ARG D 112 10.52 -0.03 -37.26
C ARG D 112 11.27 -1.30 -37.62
N SER D 113 12.40 -1.15 -38.30
CA SER D 113 13.21 -2.31 -38.67
C SER D 113 13.64 -3.05 -37.42
N ILE D 114 14.07 -2.29 -36.45
CA ILE D 114 14.64 -2.80 -35.21
C ILE D 114 13.56 -3.45 -34.36
N ASP D 115 12.45 -2.78 -34.28
CA ASP D 115 11.32 -3.26 -33.54
C ASP D 115 10.77 -4.57 -34.13
N THR D 116 10.69 -4.62 -35.45
CA THR D 116 10.21 -5.81 -36.14
C THR D 116 11.19 -6.98 -35.95
N GLY D 117 12.47 -6.73 -36.20
CA GLY D 117 13.51 -7.75 -35.98
C GLY D 117 13.50 -8.27 -34.53
N LYS D 118 13.37 -7.35 -33.59
CA LYS D 118 13.35 -7.69 -32.19
C LYS D 118 12.18 -8.63 -31.90
N TYR D 119 11.02 -8.28 -32.43
CA TYR D 119 9.81 -9.11 -32.24
C TYR D 119 9.98 -10.50 -32.86
N LEU D 120 10.46 -10.49 -34.09
CA LEU D 120 10.64 -11.72 -34.83
C LEU D 120 11.59 -12.65 -34.10
N ALA D 121 12.68 -12.11 -33.58
CA ALA D 121 13.66 -12.88 -32.82
C ALA D 121 13.04 -13.50 -31.58
N TYR D 122 12.20 -12.75 -30.93
CA TYR D 122 11.50 -13.22 -29.76
C TYR D 122 10.57 -14.38 -30.11
N LYS D 123 9.85 -14.23 -31.21
CA LYS D 123 8.96 -15.31 -31.65
C LYS D 123 9.73 -16.58 -32.04
N LEU D 124 10.91 -16.41 -32.63
CA LEU D 124 11.74 -17.56 -33.01
C LEU D 124 12.60 -18.12 -31.87
N GLY D 125 12.61 -17.43 -30.74
CA GLY D 125 13.46 -17.84 -29.60
C GLY D 125 14.95 -17.71 -29.86
N ILE D 126 15.36 -16.75 -30.67
CA ILE D 126 16.79 -16.59 -30.99
C ILE D 126 17.28 -15.16 -30.70
N PRO D 127 18.58 -14.95 -30.60
CA PRO D 127 19.10 -13.62 -30.26
C PRO D 127 18.90 -12.56 -31.32
N PHE D 128 18.76 -11.33 -30.87
CA PHE D 128 18.57 -10.16 -31.77
C PHE D 128 19.72 -9.19 -31.69
N ILE D 129 20.23 -8.84 -32.85
CA ILE D 129 21.29 -7.85 -32.95
C ILE D 129 20.76 -6.56 -33.56
N SER D 130 21.04 -5.47 -32.88
CA SER D 130 20.50 -4.19 -33.26
C SER D 130 21.51 -3.35 -33.96
N VAL D 131 21.17 -2.91 -35.17
CA VAL D 131 22.07 -2.16 -36.01
C VAL D 131 21.39 -0.85 -36.51
N PRO D 132 21.28 0.15 -35.63
CA PRO D 132 20.57 1.35 -35.99
C PRO D 132 21.28 2.24 -37.02
N THR D 133 20.52 2.72 -38.00
CA THR D 133 21.06 3.63 -39.00
C THR D 133 20.64 5.05 -38.72
N THR D 134 19.89 5.25 -37.64
CA THR D 134 19.65 6.60 -37.14
C THR D 134 19.58 6.57 -35.60
N ALA D 135 19.26 7.70 -35.01
CA ALA D 135 19.18 7.83 -33.59
C ALA D 135 17.87 8.53 -33.22
N SER D 136 16.78 7.86 -33.50
CA SER D 136 15.46 8.46 -33.40
C SER D 136 14.67 8.10 -32.17
N ASN D 137 15.07 7.03 -31.51
CA ASN D 137 14.49 6.64 -30.27
C ASN D 137 15.24 5.55 -29.54
N ASP D 138 14.79 5.25 -28.34
CA ASP D 138 15.49 4.34 -27.46
C ASP D 138 15.17 2.86 -27.58
N GLY D 139 14.49 2.48 -28.65
CA GLY D 139 14.26 1.07 -28.97
C GLY D 139 15.55 0.36 -29.38
N ILE D 140 16.56 1.14 -29.70
CA ILE D 140 17.83 0.65 -30.19
C ILE D 140 18.36 -0.44 -29.32
N ALA D 141 18.37 -0.18 -28.02
CA ALA D 141 18.93 -1.13 -27.05
C ALA D 141 17.98 -1.55 -26.00
N SER D 142 16.71 -1.21 -26.13
CA SER D 142 15.77 -1.56 -25.08
C SER D 142 15.19 -2.96 -25.26
N PRO D 143 14.66 -3.54 -24.17
CA PRO D 143 13.95 -4.80 -24.23
C PRO D 143 12.50 -4.65 -24.61
N ILE D 144 12.12 -3.52 -25.14
CA ILE D 144 10.75 -3.28 -25.43
C ILE D 144 10.39 -3.51 -26.88
N VAL D 145 9.27 -4.17 -27.08
CA VAL D 145 8.71 -4.32 -28.42
C VAL D 145 7.46 -3.49 -28.48
N SER D 146 7.39 -2.66 -29.51
CA SER D 146 6.30 -1.68 -29.68
C SER D 146 5.61 -1.76 -31.04
N ILE D 147 5.56 -2.93 -31.64
CA ILE D 147 4.92 -3.05 -32.97
C ILE D 147 3.49 -2.54 -32.84
N ARG D 148 2.81 -3.00 -31.79
CA ARG D 148 1.47 -2.55 -31.45
C ARG D 148 1.37 -2.30 -29.97
N GLN D 149 0.64 -1.27 -29.61
CA GLN D 149 0.30 -1.03 -28.22
C GLN D 149 -0.71 -2.08 -27.73
N PRO D 150 -0.61 -2.50 -26.46
CA PRO D 150 0.40 -2.01 -25.55
C PRO D 150 1.74 -2.72 -25.78
N SER D 151 2.82 -1.98 -25.60
CA SER D 151 4.12 -2.54 -25.79
C SER D 151 4.41 -3.58 -24.70
N PHE D 152 5.35 -4.48 -24.98
CA PHE D 152 5.73 -5.50 -24.01
C PHE D 152 7.23 -5.77 -24.02
N MET D 153 7.67 -6.44 -22.96
CA MET D 153 9.08 -6.71 -22.74
C MET D 153 9.56 -8.03 -23.28
N VAL D 154 10.74 -7.99 -23.86
CA VAL D 154 11.45 -9.18 -24.36
C VAL D 154 12.87 -9.08 -23.84
N ASP D 155 13.79 -9.86 -24.36
CA ASP D 155 15.19 -9.66 -24.03
C ASP D 155 15.71 -8.39 -24.69
N ALA D 156 16.60 -7.69 -24.01
CA ALA D 156 17.45 -6.72 -24.64
C ALA D 156 18.23 -7.36 -25.77
N PRO D 157 18.56 -6.57 -26.79
CA PRO D 157 19.37 -7.11 -27.85
C PRO D 157 20.65 -7.65 -27.32
N ILE D 158 21.12 -8.74 -27.90
CA ILE D 158 22.40 -9.30 -27.46
C ILE D 158 23.59 -8.42 -27.88
N ALA D 159 23.43 -7.66 -28.96
CA ALA D 159 24.47 -6.73 -29.39
C ALA D 159 23.88 -5.50 -30.00
N ILE D 160 24.59 -4.39 -29.80
CA ILE D 160 24.22 -3.13 -30.37
C ILE D 160 25.40 -2.64 -31.15
N ILE D 161 25.18 -2.43 -32.45
CA ILE D 161 26.22 -2.01 -33.35
C ILE D 161 25.79 -0.71 -34.00
N ALA D 162 26.31 0.39 -33.47
CA ALA D 162 25.87 1.70 -33.84
C ALA D 162 26.96 2.46 -34.58
N ASP D 163 26.80 2.51 -35.89
CA ASP D 163 27.79 3.13 -36.76
C ASP D 163 27.53 4.66 -36.81
N THR D 164 28.31 5.43 -36.08
CA THR D 164 28.04 6.86 -35.98
C THR D 164 28.30 7.62 -37.25
N GLU D 165 29.00 7.01 -38.20
CA GLU D 165 29.20 7.58 -39.53
C GLU D 165 27.91 7.53 -40.33
N ILE D 166 27.25 6.38 -40.31
CA ILE D 166 25.97 6.26 -40.96
C ILE D 166 24.95 7.17 -40.27
N ILE D 167 24.92 7.12 -38.96
CA ILE D 167 23.92 7.83 -38.18
C ILE D 167 24.02 9.33 -38.36
N LYS D 168 25.24 9.79 -38.47
CA LYS D 168 25.50 11.19 -38.64
C LYS D 168 24.82 11.74 -39.89
N LYS D 169 24.70 10.89 -40.90
CA LYS D 169 24.20 11.28 -42.17
C LYS D 169 22.74 11.00 -42.32
N SER D 170 22.09 10.44 -41.32
CA SER D 170 20.66 10.17 -41.42
C SER D 170 19.88 11.50 -41.53
N PRO D 171 18.68 11.47 -42.08
CA PRO D 171 17.87 12.68 -42.06
C PRO D 171 17.85 13.39 -40.72
N ARG D 172 18.06 14.70 -40.76
CA ARG D 172 18.25 15.51 -39.55
C ARG D 172 17.02 15.47 -38.63
N ARG D 173 15.85 15.41 -39.22
CA ARG D 173 14.62 15.33 -38.49
C ARG D 173 14.59 14.18 -37.47
N LEU D 174 15.13 13.05 -37.88
CA LEU D 174 15.24 11.85 -37.05
C LEU D 174 16.19 12.04 -35.86
N LEU D 175 17.33 12.66 -36.12
CA LEU D 175 18.23 13.01 -35.03
C LEU D 175 17.65 14.03 -34.03
N SER D 176 16.81 14.94 -34.54
CA SER D 176 16.13 15.92 -33.68
C SER D 176 15.07 15.24 -32.85
N ALA D 177 14.39 14.27 -33.46
CA ALA D 177 13.42 13.47 -32.76
C ALA D 177 13.98 12.69 -31.57
N GLY D 178 15.21 12.23 -31.72
CA GLY D 178 15.85 11.47 -30.64
C GLY D 178 15.91 12.25 -29.36
N MET D 179 16.10 13.55 -29.48
CA MET D 179 16.22 14.41 -28.29
C MET D 179 14.91 14.34 -27.51
N GLY D 180 13.81 14.24 -28.25
CA GLY D 180 12.50 14.19 -27.66
C GLY D 180 12.33 12.95 -26.83
N ASP D 181 12.83 11.84 -27.34
CA ASP D 181 12.74 10.57 -26.65
C ASP D 181 13.61 10.57 -25.40
N ILE D 182 14.79 11.20 -25.48
CA ILE D 182 15.68 11.34 -24.33
C ILE D 182 15.13 12.22 -23.21
N VAL D 183 14.67 13.42 -23.54
CA VAL D 183 14.21 14.32 -22.47
C VAL D 183 13.01 13.71 -21.74
N SER D 184 12.27 12.86 -22.42
CA SER D 184 11.19 12.11 -21.80
C SER D 184 11.59 11.40 -20.51
N ASN D 185 12.85 10.98 -20.41
CA ASN D 185 13.29 10.28 -19.23
C ASN D 185 13.02 11.11 -17.96
N ILE D 186 13.11 12.43 -18.10
CA ILE D 186 12.99 13.30 -16.95
C ILE D 186 11.62 13.18 -16.35
N THR D 187 10.60 13.31 -17.18
CA THR D 187 9.23 13.18 -16.70
C THR D 187 8.90 11.75 -16.33
N ALA D 188 9.50 10.81 -17.04
CA ALA D 188 9.25 9.38 -16.78
C ALA D 188 9.68 9.07 -15.38
N VAL D 189 10.85 9.57 -15.02
CA VAL D 189 11.38 9.37 -13.71
C VAL D 189 10.55 10.12 -12.65
N LEU D 190 10.17 11.36 -12.93
CA LEU D 190 9.30 12.09 -11.99
C LEU D 190 7.98 11.36 -11.75
N ASP D 191 7.41 10.82 -12.82
CA ASP D 191 6.20 10.02 -12.71
C ASP D 191 6.43 8.72 -11.93
N TRP D 192 7.60 8.10 -12.12
CA TRP D 192 7.95 6.87 -11.43
C TRP D 192 8.05 7.11 -9.91
N LYS D 193 8.73 8.16 -9.52
CA LYS D 193 8.85 8.57 -8.15
C LYS D 193 7.47 8.87 -7.53
N LEU D 194 6.61 9.52 -8.31
CA LEU D 194 5.28 9.82 -7.91
C LEU D 194 4.46 8.57 -7.66
N ALA D 195 4.54 7.60 -8.58
CA ALA D 195 3.81 6.35 -8.42
C ALA D 195 4.33 5.57 -7.20
N TYR D 196 5.62 5.69 -6.94
CA TYR D 196 6.20 5.08 -5.75
C TYR D 196 5.54 5.67 -4.50
N LYS D 197 5.61 7.00 -4.37
CA LYS D 197 5.03 7.70 -3.21
C LYS D 197 3.53 7.45 -3.04
N GLU D 198 2.75 7.57 -4.10
CA GLU D 198 1.27 7.56 -4.04
C GLU D 198 0.61 6.19 -4.22
N LYS D 199 1.34 5.25 -4.78
CA LYS D 199 0.77 3.93 -5.04
C LYS D 199 1.71 2.75 -4.66
N GLY D 200 2.82 3.05 -4.02
CA GLY D 200 3.82 2.06 -3.69
C GLY D 200 4.28 1.18 -4.82
N GLU D 201 4.57 1.78 -5.97
CA GLU D 201 5.07 1.02 -7.08
C GLU D 201 6.53 0.70 -6.89
N LYS D 202 6.97 -0.45 -7.36
CA LYS D 202 8.34 -0.81 -7.25
C LYS D 202 9.21 0.26 -7.87
N TYR D 203 10.19 0.72 -7.10
CA TYR D 203 11.02 1.83 -7.53
C TYR D 203 12.49 1.57 -7.23
N SER D 204 13.33 1.95 -8.20
CA SER D 204 14.77 1.80 -8.07
C SER D 204 15.49 3.09 -8.22
N GLU D 205 16.09 3.56 -7.16
CA GLU D 205 16.79 4.82 -7.20
C GLU D 205 18.00 4.87 -8.11
N SER D 206 18.77 3.80 -8.23
CA SER D 206 19.95 3.85 -9.08
C SER D 206 19.62 3.76 -10.56
N SER D 207 18.54 3.12 -10.87
CA SER D 207 18.09 3.13 -12.23
CA SER D 207 18.06 3.15 -12.23
C SER D 207 17.55 4.50 -12.62
N ALA D 208 16.78 5.09 -11.71
CA ALA D 208 16.03 6.28 -11.99
C ALA D 208 17.00 7.40 -12.14
N ILE D 209 17.99 7.43 -11.29
CA ILE D 209 18.92 8.52 -11.37
C ILE D 209 19.84 8.40 -12.57
N PHE D 210 20.14 7.18 -12.94
CA PHE D 210 20.93 6.91 -14.12
C PHE D 210 20.20 7.45 -15.34
N SER D 211 18.93 7.06 -15.46
CA SER D 211 18.12 7.49 -16.57
C SER D 211 18.00 9.02 -16.66
N LYS D 212 17.64 9.61 -15.55
CA LYS D 212 17.45 11.04 -15.40
C LYS D 212 18.70 11.81 -15.80
N THR D 213 19.81 11.28 -15.33
CA THR D 213 21.07 11.92 -15.52
C THR D 213 21.57 11.76 -16.95
N ILE D 214 21.29 10.67 -17.61
CA ILE D 214 21.60 10.55 -19.03
C ILE D 214 20.98 11.74 -19.75
N ALA D 215 19.72 12.00 -19.44
CA ALA D 215 18.98 13.08 -20.08
C ALA D 215 19.56 14.43 -19.74
N LYS D 216 19.88 14.64 -18.48
CA LYS D 216 20.40 15.90 -18.04
C LYS D 216 21.78 16.22 -18.64
N GLU D 217 22.62 15.22 -18.78
CA GLU D 217 23.92 15.40 -19.40
C GLU D 217 23.80 15.69 -20.90
N LEU D 218 22.80 15.17 -21.57
CA LEU D 218 22.66 15.45 -22.99
C LEU D 218 22.09 16.87 -23.15
N ILE D 219 21.14 17.22 -22.31
CA ILE D 219 20.57 18.57 -22.33
C ILE D 219 21.70 19.58 -22.13
N SER D 220 22.51 19.35 -21.12
CA SER D 220 23.61 20.22 -20.81
C SER D 220 24.62 20.29 -21.97
N TYR D 221 24.90 19.17 -22.60
CA TYR D 221 25.73 19.17 -23.79
C TYR D 221 25.09 19.99 -24.95
N VAL D 222 23.80 19.80 -25.16
CA VAL D 222 23.10 20.48 -26.22
C VAL D 222 23.16 22.01 -25.98
N LEU D 223 23.00 22.42 -24.73
CA LEU D 223 22.98 23.85 -24.43
C LEU D 223 24.35 24.52 -24.38
N ASN D 224 25.41 23.74 -24.26
CA ASN D 224 26.74 24.30 -24.02
C ASN D 224 27.68 24.21 -25.16
N SER D 225 27.36 23.45 -26.18
CA SER D 225 28.38 23.05 -27.12
C SER D 225 28.03 23.56 -28.50
N ASP D 226 28.99 23.39 -29.42
CA ASP D 226 28.76 23.66 -30.85
C ASP D 226 28.01 22.55 -31.54
N LEU D 227 27.65 21.50 -30.79
CA LEU D 227 26.86 20.37 -31.29
C LEU D 227 27.60 19.49 -32.30
N SER D 228 28.91 19.57 -32.35
CA SER D 228 29.67 18.79 -33.32
C SER D 228 29.65 17.29 -33.06
N GLU D 229 29.41 16.89 -31.82
CA GLU D 229 29.30 15.47 -31.45
C GLU D 229 27.89 15.06 -31.03
N TYR D 230 26.91 15.85 -31.44
CA TYR D 230 25.55 15.61 -30.97
C TYR D 230 25.07 14.20 -31.29
N HIS D 231 25.30 13.78 -32.51
CA HIS D 231 24.78 12.49 -32.95
C HIS D 231 25.38 11.37 -32.10
N ASN D 232 26.64 11.51 -31.79
CA ASN D 232 27.35 10.55 -31.01
C ASN D 232 26.83 10.50 -29.57
N LYS D 233 26.69 11.67 -28.96
CA LYS D 233 26.19 11.76 -27.60
C LYS D 233 24.73 11.35 -27.49
N LEU D 234 23.96 11.66 -28.51
CA LEU D 234 22.61 11.18 -28.61
C LEU D 234 22.51 9.64 -28.65
N VAL D 235 23.33 9.00 -29.46
CA VAL D 235 23.30 7.55 -29.55
C VAL D 235 23.66 6.93 -28.21
N LYS D 236 24.71 7.44 -27.60
CA LYS D 236 25.09 6.98 -26.30
C LYS D 236 23.95 7.13 -25.31
N ALA D 237 23.25 8.22 -25.37
CA ALA D 237 22.15 8.48 -24.44
C ALA D 237 21.01 7.48 -24.67
N LEU D 238 20.68 7.27 -25.93
CA LEU D 238 19.59 6.34 -26.31
C LEU D 238 19.93 4.93 -25.83
N VAL D 239 21.19 4.56 -25.96
CA VAL D 239 21.64 3.22 -25.57
C VAL D 239 21.60 3.12 -24.05
N GLY D 240 22.15 4.13 -23.40
CA GLY D 240 22.08 4.19 -21.93
C GLY D 240 20.66 4.00 -21.45
N SER D 241 19.74 4.64 -22.14
CA SER D 241 18.33 4.59 -21.77
CA SER D 241 18.34 4.57 -21.76
C SER D 241 17.80 3.14 -21.86
N GLY D 242 18.21 2.45 -22.92
CA GLY D 242 17.85 1.05 -23.09
C GLY D 242 18.36 0.18 -21.95
N ILE D 243 19.56 0.45 -21.54
CA ILE D 243 20.16 -0.29 -20.45
C ILE D 243 19.42 -0.03 -19.15
N ALA D 244 19.03 1.22 -18.94
CA ALA D 244 18.25 1.57 -17.74
C ALA D 244 16.94 0.81 -17.65
N ILE D 245 16.28 0.70 -18.78
CA ILE D 245 15.06 -0.08 -18.86
C ILE D 245 15.35 -1.53 -18.46
N ALA D 246 16.41 -2.10 -19.03
CA ALA D 246 16.75 -3.52 -18.80
C ALA D 246 17.00 -3.74 -17.33
N ILE D 247 17.80 -2.85 -16.74
CA ILE D 247 18.14 -2.97 -15.32
C ILE D 247 16.97 -2.71 -14.37
N ALA D 248 16.02 -1.87 -14.73
CA ALA D 248 14.82 -1.71 -13.93
C ALA D 248 13.80 -2.79 -14.21
N ASN D 249 13.99 -3.55 -15.28
CA ASN D 249 13.01 -4.52 -15.70
C ASN D 249 11.65 -3.91 -16.00
N SER D 250 11.66 -2.71 -16.56
CA SER D 250 10.45 -1.90 -16.77
C SER D 250 10.77 -0.72 -17.62
N SER D 251 9.82 -0.26 -18.41
CA SER D 251 9.99 0.98 -19.19
C SER D 251 9.83 2.28 -18.37
N ARG D 252 9.58 2.12 -17.08
CA ARG D 252 9.38 3.24 -16.15
C ARG D 252 10.42 4.34 -16.21
N PRO D 253 11.70 4.01 -16.26
CA PRO D 253 12.67 5.10 -16.30
C PRO D 253 12.69 5.91 -17.57
N ALA D 254 12.04 5.40 -18.60
CA ALA D 254 12.10 6.03 -19.92
C ALA D 254 10.72 6.36 -20.49
N SER D 255 9.67 5.95 -19.82
CA SER D 255 8.32 6.13 -20.36
C SER D 255 7.34 6.45 -19.25
N GLY D 256 6.77 7.64 -19.34
CA GLY D 256 5.75 8.08 -18.39
C GLY D 256 4.62 8.78 -19.12
N SER D 257 4.11 9.82 -18.49
CA SER D 257 2.91 10.50 -19.03
C SER D 257 3.17 11.09 -20.40
N GLU D 258 4.42 11.53 -20.62
CA GLU D 258 4.76 12.12 -21.92
C GLU D 258 4.59 11.09 -23.03
N HIS D 259 4.97 9.86 -22.76
CA HIS D 259 4.78 8.73 -23.67
C HIS D 259 3.29 8.37 -23.80
N LEU D 260 2.51 8.48 -22.74
CA LEU D 260 1.06 8.24 -22.81
C LEU D 260 0.40 9.22 -23.77
N PHE D 261 0.80 10.46 -23.65
CA PHE D 261 0.37 11.50 -24.53
C PHE D 261 0.70 11.16 -25.96
N SER D 262 1.95 10.80 -26.20
CA SER D 262 2.35 10.44 -27.56
C SER D 262 1.52 9.26 -28.11
N HIS D 263 1.29 8.27 -27.26
CA HIS D 263 0.49 7.08 -27.69
C HIS D 263 -0.94 7.51 -28.01
N ALA D 264 -1.48 8.43 -27.23
CA ALA D 264 -2.81 8.97 -27.49
C ALA D 264 -2.84 9.67 -28.84
N LEU D 265 -1.83 10.48 -29.11
CA LEU D 265 -1.73 11.10 -30.43
C LEU D 265 -1.77 10.07 -31.53
N ASP D 266 -1.05 8.99 -31.33
CA ASP D 266 -1.05 7.92 -32.31
C ASP D 266 -2.45 7.33 -32.51
N LYS D 267 -3.15 7.04 -31.41
CA LYS D 267 -4.53 6.51 -31.49
C LYS D 267 -5.42 7.44 -32.32
N LEU D 268 -5.29 8.73 -32.08
CA LEU D 268 -6.11 9.71 -32.79
C LEU D 268 -5.75 9.88 -34.25
N LYS D 269 -4.49 9.72 -34.61
CA LYS D 269 -4.12 9.71 -36.01
C LYS D 269 -4.81 8.58 -36.76
N GLU D 270 -4.76 7.40 -36.17
CA GLU D 270 -5.41 6.21 -36.75
C GLU D 270 -6.95 6.43 -36.79
N GLU D 271 -7.52 6.86 -35.68
CA GLU D 271 -8.98 7.04 -35.55
C GLU D 271 -9.53 8.04 -36.56
N TYR D 272 -8.99 9.24 -36.57
CA TYR D 272 -9.47 10.28 -37.48
C TYR D 272 -8.82 10.21 -38.86
N ASN D 273 -8.02 9.18 -39.09
CA ASN D 273 -7.34 8.98 -40.37
C ASN D 273 -6.61 10.27 -40.77
N LEU D 274 -5.92 10.87 -39.81
CA LEU D 274 -5.13 12.05 -40.11
C LEU D 274 -3.98 11.54 -40.93
N ASN D 275 -3.50 12.38 -41.81
CA ASN D 275 -2.27 12.08 -42.51
C ASN D 275 -1.23 13.08 -42.03
N ILE D 276 -0.65 12.76 -40.89
CA ILE D 276 0.36 13.60 -40.29
C ILE D 276 1.59 12.78 -40.09
N ASN D 277 2.68 13.29 -40.60
CA ASN D 277 3.91 12.57 -40.67
C ASN D 277 4.77 12.93 -39.47
N SER D 278 4.24 12.82 -38.24
CA SER D 278 5.01 13.14 -37.01
C SER D 278 5.71 11.91 -36.41
N LEU D 279 6.88 12.13 -35.84
CA LEU D 279 7.66 11.04 -35.25
C LEU D 279 7.40 10.88 -33.76
N HIS D 280 7.59 9.65 -33.31
CA HIS D 280 7.43 9.26 -31.89
C HIS D 280 8.16 10.21 -30.97
N GLY D 281 9.42 10.46 -31.28
CA GLY D 281 10.29 11.29 -30.43
C GLY D 281 9.79 12.70 -30.34
N GLU D 282 9.33 13.20 -31.47
CA GLU D 282 8.82 14.59 -31.55
C GLU D 282 7.63 14.74 -30.64
N GLN D 283 6.73 13.75 -30.71
CA GLN D 283 5.54 13.75 -29.88
C GLN D 283 5.90 13.69 -28.42
N CYS D 284 6.85 12.82 -28.09
CA CYS D 284 7.27 12.67 -26.73
C CYS D 284 7.93 13.94 -26.17
N GLY D 285 8.71 14.62 -27.00
CA GLY D 285 9.40 15.85 -26.58
C GLY D 285 8.36 16.87 -26.11
N ILE D 286 7.34 17.02 -26.93
CA ILE D 286 6.29 18.01 -26.66
C ILE D 286 5.50 17.57 -25.43
N GLY D 287 5.25 16.26 -25.34
CA GLY D 287 4.64 15.71 -24.14
C GLY D 287 5.42 16.04 -22.90
N THR D 288 6.74 16.01 -23.04
CA THR D 288 7.60 16.20 -21.89
C THR D 288 7.53 17.63 -21.38
N ILE D 289 7.57 18.56 -22.32
CA ILE D 289 7.40 19.97 -22.02
C ILE D 289 6.18 20.12 -21.10
N MET D 290 5.05 19.57 -21.56
CA MET D 290 3.80 19.78 -20.82
C MET D 290 3.79 19.05 -19.48
N MET D 291 4.23 17.80 -19.48
CA MET D 291 4.17 17.01 -18.26
C MET D 291 5.12 17.54 -17.22
N SER D 292 6.23 18.08 -17.67
CA SER D 292 7.15 18.69 -16.73
C SER D 292 6.47 19.85 -16.00
N TYR D 293 5.72 20.62 -16.76
CA TYR D 293 5.05 21.76 -16.20
C TYR D 293 4.08 21.32 -15.14
N LEU D 294 3.34 20.25 -15.40
CA LEU D 294 2.46 19.67 -14.36
C LEU D 294 3.19 19.30 -13.07
N HIS D 295 4.37 18.71 -13.19
CA HIS D 295 5.20 18.43 -12.01
C HIS D 295 5.61 19.72 -11.32
N GLU D 296 5.91 20.75 -12.10
CA GLU D 296 6.34 22.04 -11.54
C GLU D 296 5.32 22.67 -10.62
N LYS D 297 4.06 22.64 -11.03
CA LYS D 297 2.97 23.12 -10.23
C LYS D 297 2.97 22.56 -8.82
N GLU D 298 3.31 21.29 -8.69
CA GLU D 298 3.31 20.64 -7.35
C GLU D 298 4.64 20.69 -6.64
N ASN D 299 5.69 21.07 -7.34
CA ASN D 299 7.00 21.12 -6.73
C ASN D 299 7.80 22.28 -7.28
N LYS D 300 7.83 23.36 -6.50
CA LYS D 300 8.43 24.62 -6.93
C LYS D 300 9.93 24.49 -7.11
N LYS D 301 10.55 23.48 -6.51
CA LYS D 301 11.97 23.25 -6.70
C LYS D 301 12.30 22.96 -8.16
N LEU D 302 11.33 22.47 -8.90
CA LEU D 302 11.53 22.13 -10.30
C LEU D 302 11.23 23.29 -11.22
N SER D 303 10.86 24.44 -10.67
CA SER D 303 10.29 25.50 -11.49
C SER D 303 11.28 25.93 -12.55
N GLY D 304 10.80 25.95 -13.77
CA GLY D 304 11.67 26.31 -14.89
C GLY D 304 12.19 25.13 -15.72
N LEU D 305 11.99 23.94 -15.19
CA LEU D 305 12.44 22.72 -15.85
C LEU D 305 11.91 22.62 -17.27
N HIS D 306 10.62 22.86 -17.42
CA HIS D 306 9.95 22.71 -18.70
C HIS D 306 10.51 23.68 -19.74
N GLU D 307 10.98 24.84 -19.29
CA GLU D 307 11.56 25.82 -20.19
C GLU D 307 12.95 25.42 -20.65
N LYS D 308 13.72 24.84 -19.76
CA LYS D 308 15.05 24.32 -20.11
C LYS D 308 14.94 23.15 -21.13
N ILE D 309 13.95 22.30 -20.92
CA ILE D 309 13.70 21.22 -21.82
C ILE D 309 13.31 21.74 -23.17
N LYS D 310 12.39 22.69 -23.15
CA LYS D 310 11.95 23.34 -24.36
C LYS D 310 13.12 23.97 -25.10
N MET D 311 13.95 24.71 -24.38
CA MET D 311 15.13 25.31 -25.02
C MET D 311 16.01 24.27 -25.68
N SER D 312 16.17 23.13 -25.02
CA SER D 312 17.09 22.11 -25.51
C SER D 312 16.53 21.54 -26.78
N LEU D 313 15.22 21.35 -26.82
CA LEU D 313 14.58 20.82 -28.00
C LEU D 313 14.73 21.78 -29.17
N LYS D 314 14.50 23.04 -28.90
CA LYS D 314 14.64 24.07 -29.92
C LYS D 314 16.05 24.07 -30.46
N LYS D 315 17.01 23.98 -29.57
CA LYS D 315 18.40 24.08 -29.98
C LYS D 315 18.82 23.01 -31.02
N VAL D 316 18.14 21.86 -31.01
CA VAL D 316 18.45 20.83 -32.00
C VAL D 316 17.37 20.74 -33.04
N ASP D 317 16.47 21.70 -32.99
CA ASP D 317 15.41 21.82 -33.98
C ASP D 317 14.32 20.80 -33.90
N ALA D 318 14.08 20.28 -32.71
CA ALA D 318 12.93 19.44 -32.51
C ALA D 318 11.72 20.34 -32.38
N PRO D 319 10.56 19.87 -32.82
CA PRO D 319 9.41 20.74 -32.65
C PRO D 319 9.05 20.92 -31.18
N THR D 320 8.55 22.10 -30.86
CA THR D 320 8.03 22.41 -29.51
C THR D 320 6.57 22.92 -29.48
N THR D 321 5.93 23.02 -30.64
CA THR D 321 4.52 23.42 -30.71
C THR D 321 3.72 22.50 -31.59
N ALA D 322 2.43 22.51 -31.33
CA ALA D 322 1.48 21.73 -32.11
C ALA D 322 1.60 22.07 -33.58
N LYS D 323 1.63 23.36 -33.86
CA LYS D 323 1.75 23.86 -35.25
C LYS D 323 2.97 23.24 -35.92
N GLU D 324 4.13 23.36 -35.27
CA GLU D 324 5.37 22.76 -35.79
C GLU D 324 5.25 21.24 -36.02
N LEU D 325 4.60 20.56 -35.08
CA LEU D 325 4.43 19.09 -35.08
C LEU D 325 3.43 18.64 -36.14
N GLY D 326 2.54 19.54 -36.51
CA GLY D 326 1.59 19.29 -37.58
C GLY D 326 0.18 18.97 -37.11
N PHE D 327 -0.15 19.32 -35.87
CA PHE D 327 -1.49 19.01 -35.30
C PHE D 327 -2.33 20.23 -34.99
N ASP D 328 -3.64 20.04 -35.20
CA ASP D 328 -4.65 20.97 -34.74
C ASP D 328 -4.64 21.01 -33.22
N GLU D 329 -4.95 22.16 -32.65
CA GLU D 329 -5.00 22.24 -31.18
C GLU D 329 -6.01 21.31 -30.52
N ASP D 330 -7.10 20.98 -31.21
CA ASP D 330 -8.13 20.14 -30.60
C ASP D 330 -7.59 18.71 -30.39
N ILE D 331 -6.73 18.29 -31.30
CA ILE D 331 -6.13 16.93 -31.21
C ILE D 331 -5.16 16.84 -30.02
N ILE D 332 -4.39 17.90 -29.82
CA ILE D 332 -3.52 18.00 -28.66
C ILE D 332 -4.32 17.86 -27.38
N ILE D 333 -5.40 18.63 -27.32
CA ILE D 333 -6.25 18.68 -26.13
C ILE D 333 -6.94 17.35 -25.87
N GLU D 334 -7.50 16.76 -26.90
CA GLU D 334 -8.12 15.45 -26.74
C GLU D 334 -7.07 14.42 -26.27
N ALA D 335 -5.89 14.43 -26.89
CA ALA D 335 -4.83 13.49 -26.53
C ALA D 335 -4.47 13.66 -25.06
N LEU D 336 -4.39 14.90 -24.62
CA LEU D 336 -4.09 15.16 -23.21
C LEU D 336 -5.14 14.55 -22.29
N THR D 337 -6.41 14.66 -22.66
CA THR D 337 -7.49 14.22 -21.77
C THR D 337 -7.62 12.73 -21.75
N MET D 338 -7.18 12.09 -22.80
CA MET D 338 -7.27 10.63 -22.88
C MET D 338 -6.00 9.88 -22.47
N ALA D 339 -4.90 10.59 -22.23
CA ALA D 339 -3.60 9.96 -22.09
C ALA D 339 -3.51 9.01 -20.89
N HIS D 340 -4.08 9.43 -19.78
CA HIS D 340 -4.07 8.61 -18.57
C HIS D 340 -4.79 7.27 -18.72
N LYS D 341 -5.67 7.16 -19.69
CA LYS D 341 -6.37 5.91 -19.99
C LYS D 341 -5.58 4.96 -20.87
N ILE D 342 -4.56 5.45 -21.55
CA ILE D 342 -3.80 4.62 -22.53
C ILE D 342 -3.27 3.31 -21.93
N ARG D 343 -3.00 3.34 -20.64
CA ARG D 343 -2.43 2.22 -19.97
C ARG D 343 -2.55 2.42 -18.48
N ASN D 344 -2.52 1.33 -17.74
CA ASN D 344 -2.72 1.36 -16.31
C ASN D 344 -1.43 1.69 -15.56
N ARG D 345 -0.98 2.94 -15.70
CA ARG D 345 0.31 3.35 -15.18
C ARG D 345 0.16 4.73 -14.60
N TRP D 346 0.38 4.83 -13.31
CA TRP D 346 0.08 6.07 -12.62
C TRP D 346 1.15 7.13 -12.93
N THR D 347 0.67 8.33 -13.24
CA THR D 347 1.52 9.47 -13.55
C THR D 347 0.95 10.74 -12.93
N ILE D 348 1.62 11.85 -13.19
CA ILE D 348 1.15 13.17 -12.81
C ILE D 348 -0.26 13.49 -13.37
N LEU D 349 -0.65 12.80 -14.43
CA LEU D 349 -2.01 12.94 -14.94
C LEU D 349 -3.06 12.40 -13.99
N ARG D 350 -2.63 11.58 -13.06
CA ARG D 350 -3.52 10.93 -12.08
C ARG D 350 -4.78 10.41 -12.71
N ASP D 351 -5.95 10.91 -12.30
CA ASP D 351 -7.19 10.40 -12.87
C ASP D 351 -7.67 11.14 -14.09
N GLY D 352 -6.90 12.11 -14.54
CA GLY D 352 -7.16 12.71 -15.84
C GLY D 352 -7.42 14.20 -15.86
N LEU D 353 -7.09 14.78 -16.99
CA LEU D 353 -7.26 16.19 -17.20
C LEU D 353 -8.60 16.41 -17.81
N SER D 354 -9.26 17.46 -17.38
CA SER D 354 -10.42 17.96 -18.08
C SER D 354 -9.97 18.65 -19.34
N ARG D 355 -10.92 18.88 -20.23
CA ARG D 355 -10.63 19.60 -21.47
C ARG D 355 -10.07 20.96 -21.19
N GLU D 356 -10.64 21.62 -20.21
CA GLU D 356 -10.22 22.96 -19.87
C GLU D 356 -8.83 22.93 -19.31
N GLU D 357 -8.57 22.00 -18.40
CA GLU D 357 -7.22 21.87 -17.83
C GLU D 357 -6.16 21.63 -18.93
N ALA D 358 -6.51 20.73 -19.84
CA ALA D 358 -5.67 20.37 -20.98
C ALA D 358 -5.32 21.56 -21.84
N ARG D 359 -6.33 22.39 -22.10
CA ARG D 359 -6.15 23.58 -22.91
C ARG D 359 -5.27 24.57 -22.21
N LYS D 360 -5.49 24.77 -20.93
CA LYS D 360 -4.69 25.76 -20.23
C LYS D 360 -3.24 25.30 -20.12
N LEU D 361 -3.04 24.00 -19.93
CA LEU D 361 -1.71 23.42 -19.88
C LEU D 361 -0.95 23.66 -21.19
N ALA D 362 -1.60 23.27 -22.28
CA ALA D 362 -1.04 23.47 -23.61
C ALA D 362 -0.78 24.95 -23.90
N GLU D 363 -1.66 25.79 -23.39
CA GLU D 363 -1.51 27.23 -23.59
C GLU D 363 -0.36 27.75 -22.77
N GLU D 364 -0.35 27.43 -21.50
CA GLU D 364 0.66 27.95 -20.58
C GLU D 364 2.08 27.58 -21.01
N THR D 365 2.22 26.47 -21.72
CA THR D 365 3.54 25.95 -22.07
C THR D 365 3.93 26.30 -23.49
N GLY D 366 3.01 26.96 -24.18
CA GLY D 366 3.27 27.46 -25.51
C GLY D 366 3.14 26.40 -26.57
N VAL D 367 2.52 25.28 -26.24
CA VAL D 367 2.34 24.21 -27.21
C VAL D 367 1.30 24.64 -28.22
N ILE D 368 0.29 25.32 -27.68
CA ILE D 368 -0.72 25.99 -28.48
C ILE D 368 -0.82 27.46 -28.07
PA NDP E . -30.58 -18.98 -1.25
O1A NDP E . -31.55 -19.82 -1.96
O2A NDP E . -30.15 -19.40 0.08
O5B NDP E . -29.24 -19.05 -2.06
C5B NDP E . -29.20 -19.06 -3.46
C4B NDP E . -28.20 -20.08 -4.02
O4B NDP E . -26.84 -19.62 -4.04
C3B NDP E . -28.16 -21.38 -3.26
O3B NDP E . -28.23 -22.35 -4.28
C2B NDP E . -26.78 -21.50 -2.69
O2B NDP E . -26.31 -22.83 -2.76
C1B NDP E . -25.98 -20.70 -3.68
N9A NDP E . -24.72 -20.14 -3.22
C8A NDP E . -24.49 -19.34 -2.18
N7A NDP E . -23.19 -18.98 -2.11
C5A NDP E . -22.59 -19.57 -3.14
C6A NDP E . -21.24 -19.64 -3.68
N6A NDP E . -20.18 -19.03 -3.16
N1A NDP E . -21.10 -20.38 -4.80
C2A NDP E . -22.10 -21.04 -5.40
N3A NDP E . -23.33 -21.00 -4.94
C4A NDP E . -23.62 -20.31 -3.84
O3 NDP E . -31.03 -17.49 -1.44
PN NDP E . -30.39 -16.21 -0.74
O1N NDP E . -28.94 -16.41 -0.56
O2N NDP E . -30.90 -14.98 -1.40
O5D NDP E . -31.11 -16.27 0.65
C5D NDP E . -32.51 -16.08 0.69
C4D NDP E . -32.92 -16.86 1.89
O4D NDP E . -32.21 -16.26 2.96
C3D NDP E . -34.39 -16.82 2.24
O3D NDP E . -35.05 -17.96 1.71
C2D NDP E . -34.38 -16.83 3.76
O2D NDP E . -34.45 -18.16 4.30
C1D NDP E . -33.03 -16.22 4.09
N1N NDP E . -33.18 -14.83 4.42
C2N NDP E . -33.05 -14.56 5.70
C3N NDP E . -33.16 -13.28 6.22
C7N NDP E . -33.02 -13.17 7.69
O7N NDP E . -32.37 -12.29 8.19
N7N NDP E . -33.63 -14.08 8.43
C4N NDP E . -33.42 -12.10 5.31
C5N NDP E . -33.52 -12.54 3.92
C6N NDP E . -33.41 -13.88 3.53
P2B NDP E . -26.91 -24.02 -1.90
O1X NDP E . -27.94 -24.56 -2.76
O2X NDP E . -25.74 -24.91 -1.80
O3X NDP E . -27.49 -23.46 -0.64
K K F . -32.42 -4.64 4.28
ZN ZN G . -34.14 -8.50 3.54
P 13P H . -38.59 -9.12 7.75
O1P 13P H . -38.98 -8.80 9.19
O2P 13P H . -39.34 -8.32 6.71
O3P 13P H . -38.46 -10.59 7.44
O1 13P H . -37.09 -8.54 7.56
C1 13P H . -35.91 -9.35 7.54
C2 13P H . -34.95 -8.84 6.49
O2 13P H . -34.91 -9.26 5.31
C3 13P H . -34.02 -7.73 6.92
O3 13P H . -33.63 -6.98 5.76
C1 EDO I . -31.41 -10.03 19.26
O1 EDO I . -30.18 -9.81 18.57
C2 EDO I . -31.79 -8.76 20.09
O2 EDO I . -30.92 -7.58 19.98
C1 EDO J . -28.90 -17.43 16.07
O1 EDO J . -27.78 -16.62 16.40
C2 EDO J . -29.62 -17.88 17.32
O2 EDO J . -29.76 -19.28 17.24
C1 EDO K . -11.12 -24.96 10.23
O1 EDO K . -11.92 -25.49 11.28
C2 EDO K . -10.12 -23.96 10.80
O2 EDO K . -10.71 -22.71 11.15
C1 EDO L . -19.85 -6.83 -9.39
O1 EDO L . -19.33 -5.77 -10.20
C2 EDO L . -21.36 -6.92 -9.59
O2 EDO L . -21.80 -8.23 -9.22
C1 EDO M . -33.20 -25.06 24.17
O1 EDO M . -33.84 -25.90 25.10
C2 EDO M . -34.22 -23.98 23.86
O2 EDO M . -34.30 -23.15 25.00
C1 EDO N . -26.94 -18.74 -7.71
O1 EDO N . -26.05 -19.13 -8.76
C2 EDO N . -28.28 -18.24 -8.26
O2 EDO N . -29.30 -18.97 -7.57
C1 EDO O . -48.68 6.54 -8.51
O1 EDO O . -48.09 7.81 -8.83
C2 EDO O . -49.02 6.54 -7.06
O2 EDO O . -49.99 5.52 -6.85
C1 EDO P . -31.91 -3.44 27.04
O1 EDO P . -32.86 -4.27 27.70
C2 EDO P . -32.67 -2.27 26.39
O2 EDO P . -31.78 -1.47 25.57
PA NDP Q . -14.22 7.58 39.08
O1A NDP Q . -13.09 8.10 39.76
O2A NDP Q . -14.25 6.27 38.54
O5B NDP Q . -15.50 7.67 39.96
C5B NDP Q . -15.92 8.76 40.76
C4B NDP Q . -16.46 8.27 42.10
O4B NDP Q . -17.84 7.99 42.11
C3B NDP Q . -15.78 7.02 42.59
O3B NDP Q . -15.28 7.29 43.88
C2B NDP Q . -16.85 6.00 42.77
O2B NDP Q . -16.59 5.16 43.90
C1B NDP Q . -18.07 6.87 42.94
N9A NDP Q . -19.32 6.22 42.54
C8A NDP Q . -19.61 5.71 41.37
N7A NDP Q . -20.84 5.18 41.35
C5A NDP Q . -21.36 5.36 42.53
C6A NDP Q . -22.62 5.05 43.22
N6A NDP Q . -23.65 4.44 42.64
N1A NDP Q . -22.73 5.43 44.49
C2A NDP Q . -21.75 6.05 45.13
N3A NDP Q . -20.60 6.35 44.57
C4A NDP Q . -20.34 6.04 43.31
O3 NDP Q . -14.48 8.62 37.94
PN NDP Q . -15.37 8.49 36.65
O1N NDP Q . -15.43 9.78 36.01
O2N NDP Q . -16.57 7.71 36.93
O5D NDP Q . -14.47 7.65 35.74
C5D NDP Q . -13.33 8.27 35.24
C4D NDP Q . -12.25 7.24 35.16
O4D NDP Q . -12.71 6.34 34.19
C3D NDP Q . -10.94 7.80 34.61
O3D NDP Q . -9.99 7.93 35.66
C2D NDP Q . -10.44 6.73 33.73
O2D NDP Q . -9.79 5.79 34.56
C1D NDP Q . -11.67 6.03 33.31
N1N NDP Q . -12.14 6.50 32.04
C2N NDP Q . -12.17 5.60 31.10
C3N NDP Q . -12.62 5.84 29.82
C7N NDP Q . -12.53 4.68 28.86
O7N NDP Q . -12.75 4.77 27.68
N7N NDP Q . -12.12 3.53 29.33
C4N NDP Q . -13.11 7.23 29.48
C5N NDP Q . -13.05 8.13 30.63
C6N NDP Q . -12.57 7.76 31.86
P2B NDP Q . -15.41 4.15 44.13
O1X NDP Q . -14.85 3.71 42.90
O2X NDP Q . -14.44 4.99 44.79
O3X NDP Q . -16.02 3.20 45.01
K K R . -17.19 10.45 24.23
ZN ZN S . -14.24 10.05 27.38
C3 1GP T . -14.11 7.56 25.43
O3 1GP T . -12.28 8.28 26.74
C2 1GP T . -12.67 7.25 25.83
O2 1GP T . -14.36 8.84 24.83
O2 1GP T . -14.73 8.80 25.80
C1 1GP T . -11.71 7.16 24.68
O1P 1GP T . -10.90 8.34 24.77
O2P 1GP T . -8.93 7.86 25.96
O3P 1GP T . -9.00 7.60 23.41
O4P 1GP T . -9.01 9.91 24.49
P 1GP T . -9.27 8.44 24.63
C1 EDO U . -24.63 -10.65 50.17
O1 EDO U . -25.62 -10.84 49.15
C2 EDO U . -23.24 -10.73 49.56
O2 EDO U . -22.41 -9.63 49.97
C1 EDO V . -12.46 -3.58 18.54
O1 EDO V . -13.57 -3.75 17.61
C2 EDO V . -12.63 -4.07 20.01
O2 EDO V . -14.00 -4.08 20.44
C1 EDO W . -10.34 32.20 17.92
O1 EDO W . -11.18 32.92 18.83
C2 EDO W . -9.08 31.72 18.59
O2 EDO W . -8.27 31.14 17.56
C1 EDO X . -18.38 -16.98 26.84
O1 EDO X . -18.74 -17.31 25.51
C2 EDO X . -16.90 -16.66 26.99
O2 EDO X . -16.13 -17.81 26.66
PA NDP Y . 39.17 -14.85 -1.04
O1A NDP Y . 40.59 -14.52 -1.31
O2A NDP Y . 38.26 -15.41 -2.08
O5B NDP Y . 38.97 -15.90 0.12
C5B NDP Y . 37.68 -15.98 0.68
C4B NDP Y . 37.77 -17.08 1.69
O4B NDP Y . 36.49 -17.38 2.16
C3B NDP Y . 38.24 -18.35 1.05
O3B NDP Y . 38.78 -19.12 2.10
C2B NDP Y . 36.97 -18.97 0.52
O2B NDP Y . 37.00 -20.38 0.31
C1B NDP Y . 36.10 -18.66 1.71
N9A NDP Y . 34.71 -18.58 1.30
C8A NDP Y . 34.19 -17.74 0.42
N7A NDP Y . 32.88 -17.93 0.33
C5A NDP Y . 32.56 -18.91 1.17
C6A NDP Y . 31.36 -19.64 1.60
N6A NDP Y . 30.14 -19.42 1.12
N1A NDP Y . 31.50 -20.59 2.52
C2A NDP Y . 32.67 -20.87 3.08
N3A NDP Y . 33.79 -20.27 2.74
C4A NDP Y . 33.79 -19.32 1.82
O3 NDP Y . 38.62 -13.59 -0.26
PN NDP Y . 37.97 -12.42 -1.07
O1N NDP Y . 38.24 -11.11 -0.38
O2N NDP Y . 36.57 -12.85 -1.36
O5D NDP Y . 38.89 -12.41 -2.35
C5D NDP Y . 40.18 -11.83 -2.27
C4D NDP Y . 40.68 -11.81 -3.69
O4D NDP Y . 39.77 -11.09 -4.53
C3D NDP Y . 42.01 -11.12 -3.90
O3D NDP Y . 43.11 -11.93 -3.45
C2D NDP Y . 41.97 -10.91 -5.40
O2D NDP Y . 42.35 -12.08 -6.13
C1D NDP Y . 40.49 -10.69 -5.69
N1N NDP Y . 40.24 -9.29 -5.93
C2N NDP Y . 39.67 -8.97 -7.09
C3N NDP Y . 39.40 -7.66 -7.42
C7N NDP Y . 38.78 -7.36 -8.75
O7N NDP Y . 38.16 -6.33 -8.90
N7N NDP Y . 38.93 -8.23 -9.74
C4N NDP Y . 39.74 -6.54 -6.48
C5N NDP Y . 40.35 -7.03 -5.25
C6N NDP Y . 40.58 -8.38 -5.03
P2B NDP Y . 38.06 -21.10 -0.64
O1X NDP Y . 39.21 -21.46 0.24
O2X NDP Y . 37.27 -22.30 -1.03
O3X NDP Y . 38.49 -20.12 -1.69
K K Z . 34.57 -0.41 -5.38
ZN ZN AA . 38.05 -2.95 -4.95
P 13P BA . 41.81 -1.17 -9.29
O1P 13P BA . 41.60 -0.74 -10.75
O2P 13P BA . 42.24 -0.07 -8.33
O3P 13P BA . 42.45 -2.55 -9.08
O1 13P BA . 40.31 -1.43 -8.81
C1 13P BA . 39.69 -2.69 -8.98
C2 13P BA . 38.69 -2.80 -7.84
O2 13P BA . 39.01 -3.27 -6.75
C3 13P BA . 37.31 -2.25 -8.08
O3 13P BA . 36.65 -1.97 -6.83
C1 EDO CA . 27.13 -7.90 8.74
O1 EDO CA . 28.28 -8.73 8.60
C2 EDO CA . 25.90 -8.80 8.93
O2 EDO CA . 24.71 -8.02 9.17
C1 EDO DA . 39.43 7.56 -17.14
O1 EDO DA . 38.38 6.80 -17.76
C2 EDO DA . 40.65 6.73 -16.74
O2 EDO DA . 40.50 5.31 -16.91
C1 EDO EA . 32.26 1.70 -27.51
O1 EDO EA . 32.17 1.36 -28.87
C2 EDO EA . 31.98 3.17 -27.40
O2 EDO EA . 31.74 3.41 -26.00
PA NDP FA . 10.58 4.80 -38.46
O1A NDP FA . 9.18 4.49 -38.80
O2A NDP FA . 11.50 3.70 -38.15
O5B NDP FA . 11.07 5.60 -39.68
C5B NDP FA . 12.35 6.16 -39.78
C4B NDP FA . 12.43 6.53 -41.24
O4B NDP FA . 13.74 6.98 -41.52
C3B NDP FA . 12.23 5.32 -42.09
O3B NDP FA . 11.68 5.69 -43.34
C2B NDP FA . 13.60 4.79 -42.26
O2B NDP FA . 13.71 4.02 -43.43
C1B NDP FA . 14.34 6.08 -42.41
N9A NDP FA . 15.77 6.05 -42.05
C8A NDP FA . 16.33 5.60 -40.92
N7A NDP FA . 17.67 5.76 -40.97
C5A NDP FA . 17.96 6.30 -42.14
C6A NDP FA . 19.17 6.74 -42.84
N6A NDP FA . 20.37 6.64 -42.31
N1A NDP FA . 19.04 7.26 -44.06
C2A NDP FA . 17.85 7.40 -44.63
N3A NDP FA . 16.71 7.03 -44.05
C4A NDP FA . 16.70 6.49 -42.84
O3 NDP FA . 10.53 5.89 -37.35
PN NDP FA . 11.40 6.03 -36.05
O1N NDP FA . 10.93 7.26 -35.33
O2N NDP FA . 12.84 5.80 -36.34
O5D NDP FA . 10.87 4.83 -35.23
C5D NDP FA . 9.57 4.94 -34.70
C4D NDP FA . 9.15 3.51 -34.70
O4D NDP FA . 10.09 2.88 -33.86
C3D NDP FA . 7.78 3.22 -34.14
O3D NDP FA . 6.87 2.98 -35.20
C2D NDP FA . 7.97 1.98 -33.32
O2D NDP FA . 7.69 0.79 -34.06
C1D NDP FA . 9.44 1.98 -33.01
N1N NDP FA . 9.63 2.49 -31.69
C2N NDP FA . 9.93 1.59 -30.79
C3N NDP FA . 10.14 1.93 -29.48
C7N NDP FA . 10.48 0.84 -28.52
O7N NDP FA . 11.18 1.09 -27.56
N7N NDP FA . 9.99 -0.37 -28.78
C4N NDP FA . 10.04 3.33 -29.01
C5N NDP FA . 9.70 4.21 -30.11
C6N NDP FA . 9.50 3.77 -31.40
P2B NDP FA . 12.88 2.70 -43.73
O1X NDP FA . 11.61 3.18 -44.30
O2X NDP FA . 13.81 2.10 -44.72
O3X NDP FA . 12.68 1.90 -42.51
K K GA . 12.60 7.75 -23.32
ZN ZN HA . 10.08 6.37 -26.55
P 13P IA . 6.28 2.34 -23.80
O1P 13P IA . 6.35 1.46 -22.56
O2P 13P IA . 5.59 3.66 -23.64
O3P 13P IA . 6.02 1.61 -25.11
O1 13P IA . 7.82 2.72 -24.02
C1 13P IA . 8.52 2.51 -25.24
C2 13P IA . 9.55 3.60 -25.30
O2 13P IA . 9.51 4.48 -26.15
C3 13P IA . 10.61 3.64 -24.24
O3 13P IA . 10.83 5.00 -23.91
C1 EDO JA . 27.16 -6.65 -50.84
O1 EDO JA . 28.00 -5.49 -50.92
C2 EDO JA . 25.68 -6.31 -50.65
O2 EDO JA . 25.35 -4.93 -50.97
C1 EDO KA . 15.18 -7.68 -18.77
O1 EDO KA . 16.17 -7.01 -17.93
C2 EDO KA . 15.13 -7.19 -20.21
O2 EDO KA . 16.39 -7.23 -20.85
C1 EDO LA . 14.94 15.87 -10.64
O1 EDO LA . 15.16 16.80 -9.58
C2 EDO LA . 14.54 16.55 -11.95
O2 EDO LA . 15.62 16.49 -12.89
C1 EDO MA . 25.82 4.49 -21.39
O1 EDO MA . 25.70 5.88 -21.72
C2 EDO MA . 26.87 3.86 -22.29
O2 EDO MA . 26.44 3.96 -23.66
#